data_5W6H
#
_entry.id   5W6H
#
_cell.length_a   170.079
_cell.length_b   170.079
_cell.length_c   246.384
_cell.angle_alpha   90.00
_cell.angle_beta   90.00
_cell.angle_gamma   90.00
#
_symmetry.space_group_name_H-M   'P 41 2 2'
#
loop_
_entity.id
_entity.type
_entity.pdbx_description
1 polymer 'tailspike protein 4'
2 non-polymer 'ACETATE ION'
3 non-polymer 'POTASSIUM ION'
4 non-polymer 'SODIUM ION'
5 non-polymer 'ZINC ION'
6 non-polymer 'SULFATE ION'
7 non-polymer 'CHLORIDE ION'
8 water water
#
_entity_poly.entity_id   1
_entity_poly.type   'polypeptide(L)'
_entity_poly.pdbx_seq_one_letter_code
;GSGSTLREVARVTNVKDTEVIYFSVGAVLSGYKVIYDKVTQRSYFIPELPTGTTAVSLSSSAILVHSAGSVDLGALAVSR
EEYVTLSGTFDSGAVINTKNELLTHTDGKYRWDGTLPKTVAAGSTPATTGGVGSGAWLSVGDASLKSNLNKPNGLSYIGT
VSSVSELSSIAGLIGDSIILDSYVDGFNLGGGVMVAVNSDTVVDNIVTFQGNGVVWKRKLFNGVADVYEAGYTGTGDLAI
FINKINAVGFDCIVPVSGEITTPIIFDIAKGALIGKNKCTLIESASATGDYYLTIVNTDTDYTNRDVINATALMTGVSFV
GKGTRKLAIGGSTSGEVSELRISNCGFISTAGIEFLDNAYRILFDKCALSRSFTNSVIFNSPANSGEVIKFNHCWMVDNG
GPFTFKNGQFIFDSCSLPAGKKSGYFDPVVALSDNATTVFTNGNIEYQPGQSFVGFTVDGSSRLSISDSTILLPNDYSTV
PIVNNGDGVVSLNNCSLPLYGSTTIATGFATRQLIGGLSKKIMSRGCYPRAGFITSNWNLGCIVSPYINSVSNGSGQFEN
ISNWTLSQTGTDVVTVTTGNDVPNDLMFSTSFVLSVPTVGAAANFTQTIIDCEPGRYFQLGFWAKNTTTTLASIRFLDQQ
GNAVADSIGYNIPVGNTFNFYALVDCVPPGAYRAEINFNVSSIVGGIAIHNVIYGLI
;
_entity_poly.pdbx_strand_id   A,B,C
#
# COMPACT_ATOMS: atom_id res chain seq x y z
N GLY A 1 60.81 17.50 -65.20
CA GLY A 1 61.37 18.82 -65.43
C GLY A 1 61.11 19.80 -64.30
N SER A 2 60.96 21.08 -64.65
CA SER A 2 60.71 22.13 -63.67
C SER A 2 59.24 22.50 -63.61
N GLY A 3 58.67 22.92 -64.74
CA GLY A 3 57.25 23.25 -64.77
C GLY A 3 56.33 22.05 -64.74
N SER A 4 56.83 20.89 -65.17
CA SER A 4 55.99 19.69 -65.18
C SER A 4 55.77 19.14 -63.77
N THR A 5 56.76 19.32 -62.88
CA THR A 5 56.59 18.87 -61.50
C THR A 5 55.45 19.61 -60.82
N LEU A 6 55.34 20.92 -61.06
CA LEU A 6 54.24 21.69 -60.47
C LEU A 6 52.89 21.25 -61.01
N ARG A 7 52.85 20.79 -62.27
CA ARG A 7 51.60 20.29 -62.83
C ARG A 7 51.11 19.05 -62.09
N GLU A 8 52.04 18.19 -61.68
CA GLU A 8 51.67 16.98 -60.97
C GLU A 8 51.19 17.29 -59.56
N VAL A 9 51.78 18.31 -58.92
CA VAL A 9 51.28 18.78 -57.63
C VAL A 9 49.89 19.38 -57.79
N ALA A 10 49.65 20.09 -58.89
CA ALA A 10 48.35 20.71 -59.10
C ALA A 10 47.25 19.67 -59.20
N ARG A 11 47.54 18.52 -59.82
CA ARG A 11 46.53 17.48 -59.94
C ARG A 11 46.20 16.84 -58.59
N VAL A 12 47.22 16.66 -57.75
CA VAL A 12 46.98 16.06 -56.43
C VAL A 12 46.23 17.03 -55.53
N THR A 13 46.57 18.32 -55.57
CA THR A 13 45.92 19.32 -54.74
C THR A 13 44.65 19.90 -55.36
N ASN A 14 44.37 19.59 -56.62
CA ASN A 14 43.16 20.04 -57.31
C ASN A 14 43.10 21.56 -57.40
N VAL A 15 44.24 22.18 -57.71
CA VAL A 15 44.31 23.60 -58.05
C VAL A 15 44.81 23.70 -59.49
N LYS A 16 44.83 24.93 -59.99
CA LYS A 16 45.30 25.15 -61.35
C LYS A 16 46.83 25.20 -61.38
N ASP A 17 47.38 24.92 -62.56
CA ASP A 17 48.84 24.88 -62.72
C ASP A 17 49.49 26.17 -62.27
N THR A 18 48.88 27.30 -62.61
CA THR A 18 49.45 28.60 -62.28
C THR A 18 49.34 28.96 -60.80
N GLU A 19 48.78 28.08 -59.98
CA GLU A 19 48.61 28.35 -58.55
C GLU A 19 49.56 27.53 -57.68
N VAL A 20 50.46 26.76 -58.26
CA VAL A 20 51.50 26.04 -57.54
C VAL A 20 52.82 26.75 -57.79
N ILE A 21 53.61 26.93 -56.73
CA ILE A 21 54.88 27.63 -56.83
C ILE A 21 55.92 26.88 -56.00
N TYR A 22 57.11 26.74 -56.56
CA TYR A 22 58.25 26.24 -55.79
C TYR A 22 58.56 27.18 -54.64
N PHE A 23 59.06 26.63 -53.54
CA PHE A 23 59.62 27.47 -52.50
C PHE A 23 61.01 27.94 -52.90
N SER A 24 61.25 29.23 -52.69
CA SER A 24 62.58 29.81 -52.87
C SER A 24 62.60 31.12 -52.10
N VAL A 25 63.78 31.47 -51.58
CA VAL A 25 63.92 32.70 -50.82
C VAL A 25 63.58 33.88 -51.71
N GLY A 26 62.71 34.77 -51.22
CA GLY A 26 62.30 35.94 -51.96
C GLY A 26 61.16 35.73 -52.93
N ALA A 27 60.71 34.49 -53.13
CA ALA A 27 59.62 34.24 -54.06
C ALA A 27 58.32 34.86 -53.55
N VAL A 28 57.58 35.48 -54.46
CA VAL A 28 56.31 36.11 -54.11
C VAL A 28 55.27 35.01 -53.88
N LEU A 29 54.68 35.00 -52.69
CA LEU A 29 53.72 33.96 -52.32
C LEU A 29 52.27 34.37 -52.54
N SER A 30 51.98 35.66 -52.64
CA SER A 30 50.62 36.11 -52.88
C SER A 30 50.14 35.66 -54.26
N GLY A 31 48.86 35.35 -54.36
CA GLY A 31 48.29 34.88 -55.60
C GLY A 31 48.50 33.41 -55.90
N TYR A 32 49.10 32.67 -54.98
CA TYR A 32 49.31 31.23 -55.15
C TYR A 32 48.64 30.48 -54.01
N LYS A 33 48.27 29.23 -54.28
CA LYS A 33 47.56 28.41 -53.32
C LYS A 33 48.39 27.28 -52.72
N VAL A 34 49.33 26.71 -53.47
CA VAL A 34 50.10 25.55 -53.04
C VAL A 34 51.57 25.84 -53.24
N ILE A 35 52.38 25.58 -52.21
CA ILE A 35 53.83 25.71 -52.28
C ILE A 35 54.43 24.31 -52.24
N TYR A 36 55.54 24.13 -52.96
CA TYR A 36 56.22 22.85 -53.05
C TYR A 36 57.65 22.99 -52.56
N ASP A 37 58.01 22.15 -51.59
CA ASP A 37 59.35 22.12 -51.00
C ASP A 37 60.20 21.15 -51.80
N LYS A 38 61.18 21.68 -52.54
CA LYS A 38 62.02 20.82 -53.38
C LYS A 38 62.88 19.88 -52.56
N VAL A 39 63.23 20.27 -51.33
CA VAL A 39 64.11 19.43 -50.50
C VAL A 39 63.34 18.25 -49.94
N THR A 40 62.28 18.53 -49.18
CA THR A 40 61.49 17.46 -48.57
C THR A 40 60.54 16.79 -49.56
N GLN A 41 60.30 17.41 -50.72
CA GLN A 41 59.37 16.91 -51.72
C GLN A 41 57.97 16.75 -51.14
N ARG A 42 57.50 17.79 -50.46
CA ARG A 42 56.16 17.86 -49.90
C ARG A 42 55.51 19.16 -50.36
N SER A 43 54.19 19.09 -50.54
CA SER A 43 53.40 20.26 -50.92
C SER A 43 52.45 20.64 -49.79
N TYR A 44 52.15 21.92 -49.70
CA TYR A 44 51.27 22.45 -48.67
C TYR A 44 50.44 23.58 -49.23
N PHE A 45 49.16 23.62 -48.85
CA PHE A 45 48.35 24.80 -49.11
C PHE A 45 48.85 25.94 -48.23
N ILE A 46 48.87 27.14 -48.80
CA ILE A 46 49.32 28.32 -48.07
C ILE A 46 48.13 29.27 -47.88
N PRO A 47 48.13 30.08 -46.83
CA PRO A 47 47.05 31.07 -46.68
C PRO A 47 47.18 32.18 -47.72
N GLU A 48 46.09 32.92 -47.87
CA GLU A 48 46.07 34.08 -48.76
C GLU A 48 46.83 35.21 -48.09
N LEU A 49 48.03 35.50 -48.58
CA LEU A 49 48.90 36.51 -48.00
C LEU A 49 48.71 37.85 -48.70
N PRO A 50 49.05 38.96 -48.03
CA PRO A 50 48.94 40.27 -48.69
C PRO A 50 49.83 40.34 -49.93
N THR A 51 49.41 41.18 -50.88
CA THR A 51 50.12 41.29 -52.14
C THR A 51 51.57 41.71 -51.91
N GLY A 52 52.50 41.01 -52.55
CA GLY A 52 53.90 41.31 -52.44
C GLY A 52 54.64 40.57 -51.34
N THR A 53 53.94 39.74 -50.56
CA THR A 53 54.61 38.97 -49.51
C THR A 53 55.59 37.99 -50.13
N THR A 54 56.82 38.00 -49.64
CA THR A 54 57.88 37.15 -50.16
C THR A 54 58.26 36.09 -49.15
N ALA A 55 58.80 34.98 -49.65
CA ALA A 55 59.19 33.86 -48.81
C ALA A 55 60.56 34.10 -48.20
N VAL A 56 60.73 33.66 -46.95
CA VAL A 56 61.99 33.77 -46.23
C VAL A 56 62.61 32.39 -46.00
N SER A 57 61.92 31.52 -45.28
CA SER A 57 62.46 30.21 -44.96
C SER A 57 61.33 29.21 -44.80
N LEU A 58 61.64 27.94 -45.05
CA LEU A 58 60.68 26.84 -44.90
C LEU A 58 61.43 25.66 -44.29
N SER A 59 61.15 25.37 -43.02
CA SER A 59 61.87 24.34 -42.29
C SER A 59 61.32 22.96 -42.62
N SER A 60 62.09 21.93 -42.22
CA SER A 60 61.65 20.56 -42.40
C SER A 60 60.47 20.20 -41.50
N SER A 61 60.19 21.03 -40.49
CA SER A 61 58.98 20.89 -39.70
C SER A 61 57.80 21.62 -40.33
N ALA A 62 57.92 22.01 -41.59
CA ALA A 62 56.84 22.63 -42.37
C ALA A 62 56.45 24.00 -41.84
N ILE A 63 57.37 24.71 -41.21
CA ILE A 63 57.12 26.07 -40.75
C ILE A 63 57.62 27.05 -41.81
N LEU A 64 56.71 27.89 -42.31
CA LEU A 64 57.03 28.84 -43.37
C LEU A 64 57.15 30.24 -42.79
N VAL A 65 58.32 30.85 -42.93
CA VAL A 65 58.55 32.24 -42.55
C VAL A 65 58.50 33.09 -43.82
N HIS A 66 57.74 34.17 -43.77
CA HIS A 66 57.60 35.08 -44.90
C HIS A 66 57.72 36.52 -44.40
N SER A 67 57.65 37.47 -45.35
CA SER A 67 57.87 38.87 -45.03
C SER A 67 56.76 39.48 -44.18
N ALA A 68 55.64 38.79 -44.00
CA ALA A 68 54.53 39.28 -43.19
C ALA A 68 54.32 38.47 -41.92
N GLY A 69 55.25 37.59 -41.59
CA GLY A 69 55.11 36.75 -40.41
C GLY A 69 55.50 35.31 -40.68
N SER A 70 54.82 34.37 -40.01
CA SER A 70 55.12 32.96 -40.19
C SER A 70 53.83 32.15 -40.03
N VAL A 71 53.88 30.91 -40.50
CA VAL A 71 52.73 30.02 -40.46
C VAL A 71 53.23 28.58 -40.47
N ASP A 72 52.65 27.75 -39.61
CA ASP A 72 52.93 26.32 -39.60
C ASP A 72 52.06 25.66 -40.67
N LEU A 73 52.66 25.37 -41.82
CA LEU A 73 51.89 24.77 -42.91
C LEU A 73 51.42 23.37 -42.56
N GLY A 74 52.17 22.65 -41.72
CA GLY A 74 51.72 21.34 -41.30
C GLY A 74 50.47 21.39 -40.45
N ALA A 75 50.39 22.38 -39.55
CA ALA A 75 49.18 22.55 -38.75
C ALA A 75 48.01 22.99 -39.63
N LEU A 76 48.28 23.86 -40.61
CA LEU A 76 47.24 24.24 -41.56
C LEU A 76 46.75 23.02 -42.34
N ALA A 77 47.66 22.12 -42.70
CA ALA A 77 47.26 20.90 -43.41
C ALA A 77 46.39 20.02 -42.52
N VAL A 78 46.70 19.95 -41.22
CA VAL A 78 45.87 19.17 -40.30
C VAL A 78 44.45 19.71 -40.27
N SER A 79 44.30 21.04 -40.21
CA SER A 79 42.97 21.64 -40.21
C SER A 79 42.24 21.36 -41.52
N ARG A 80 42.98 21.13 -42.59
CA ARG A 80 42.41 20.78 -43.89
C ARG A 80 42.39 19.28 -44.12
N GLU A 81 42.69 18.48 -43.09
CA GLU A 81 42.70 17.01 -43.19
C GLU A 81 43.53 16.54 -44.39
N GLU A 82 44.65 17.20 -44.62
CA GLU A 82 45.58 16.85 -45.68
C GLU A 82 46.82 16.23 -45.02
N TYR A 83 46.87 14.91 -45.02
CA TYR A 83 47.86 14.16 -44.26
C TYR A 83 48.81 13.40 -45.18
N VAL A 84 49.97 13.06 -44.63
CA VAL A 84 50.95 12.19 -45.27
C VAL A 84 51.13 10.97 -44.38
N THR A 85 50.84 9.79 -44.92
CA THR A 85 51.01 8.54 -44.19
C THR A 85 52.42 8.02 -44.46
N LEU A 86 53.25 8.05 -43.42
CA LEU A 86 54.62 7.58 -43.56
C LEU A 86 54.66 6.08 -43.80
N SER A 87 55.75 5.63 -44.40
CA SER A 87 55.97 4.20 -44.58
C SER A 87 56.19 3.53 -43.23
N GLY A 88 55.97 2.22 -43.20
CA GLY A 88 56.21 1.54 -41.94
C GLY A 88 55.07 1.74 -40.95
N THR A 89 55.34 1.33 -39.71
CA THR A 89 54.36 1.33 -38.64
C THR A 89 55.04 1.77 -37.33
N PHE A 90 54.25 1.79 -36.25
CA PHE A 90 54.84 1.95 -34.92
C PHE A 90 55.79 0.81 -34.60
N ASP A 91 55.51 -0.40 -35.11
CA ASP A 91 56.36 -1.54 -34.83
C ASP A 91 57.70 -1.44 -35.54
N SER A 92 57.70 -0.93 -36.77
CA SER A 92 58.93 -0.75 -37.52
C SER A 92 59.71 0.48 -37.07
N GLY A 93 59.04 1.44 -36.46
CA GLY A 93 59.67 2.70 -36.10
C GLY A 93 59.66 3.68 -37.27
N ALA A 94 59.83 4.95 -36.93
CA ALA A 94 59.83 6.03 -37.91
C ALA A 94 60.29 7.30 -37.22
N VAL A 95 60.39 8.37 -38.02
CA VAL A 95 60.67 9.71 -37.52
C VAL A 95 59.58 10.64 -38.03
N ILE A 96 58.97 11.38 -37.12
CA ILE A 96 57.94 12.36 -37.46
C ILE A 96 58.59 13.74 -37.52
N ASN A 97 58.42 14.43 -38.65
CA ASN A 97 58.99 15.76 -38.82
C ASN A 97 57.95 16.87 -38.87
N THR A 98 56.73 16.59 -39.33
CA THR A 98 55.70 17.61 -39.46
C THR A 98 54.45 17.18 -38.69
N LYS A 99 53.54 18.14 -38.52
CA LYS A 99 52.31 17.89 -37.78
C LYS A 99 51.27 17.12 -38.59
N ASN A 100 51.40 17.08 -39.92
CA ASN A 100 50.43 16.39 -40.76
C ASN A 100 50.91 15.02 -41.22
N GLU A 101 51.96 14.49 -40.59
CA GLU A 101 52.44 13.15 -40.90
C GLU A 101 51.77 12.13 -39.97
N LEU A 102 51.42 10.98 -40.53
CA LEU A 102 50.71 9.93 -39.82
C LEU A 102 51.56 8.68 -39.73
N LEU A 103 51.51 8.02 -38.57
CA LEU A 103 52.15 6.73 -38.37
C LEU A 103 51.07 5.69 -38.11
N THR A 104 51.13 4.58 -38.84
CA THR A 104 50.10 3.57 -38.77
C THR A 104 50.34 2.62 -37.61
N HIS A 105 49.29 2.32 -36.86
CA HIS A 105 49.29 1.30 -35.83
C HIS A 105 48.23 0.25 -36.17
N THR A 106 48.16 -0.80 -35.35
CA THR A 106 47.22 -1.90 -35.62
C THR A 106 45.78 -1.42 -35.61
N ASP A 107 45.45 -0.39 -34.85
CA ASP A 107 44.09 0.08 -34.69
C ASP A 107 43.77 1.34 -35.49
N GLY A 108 44.75 1.89 -36.20
CA GLY A 108 44.54 3.09 -36.99
C GLY A 108 45.77 3.96 -36.97
N LYS A 109 45.61 5.19 -37.46
CA LYS A 109 46.72 6.11 -37.64
C LYS A 109 46.76 7.16 -36.53
N TYR A 110 47.92 7.78 -36.38
CA TYR A 110 48.15 8.77 -35.35
C TYR A 110 49.07 9.87 -35.88
N ARG A 111 48.81 11.09 -35.44
CA ARG A 111 49.71 12.22 -35.64
C ARG A 111 50.28 12.66 -34.30
N TRP A 112 51.42 13.33 -34.35
CA TRP A 112 52.14 13.75 -33.15
C TRP A 112 51.79 15.19 -32.83
N ASP A 113 51.31 15.44 -31.62
CA ASP A 113 50.93 16.77 -31.17
C ASP A 113 51.96 17.38 -30.23
N GLY A 114 53.14 16.78 -30.12
CA GLY A 114 54.16 17.29 -29.23
C GLY A 114 55.34 17.89 -29.97
N THR A 115 56.50 17.90 -29.31
CA THR A 115 57.69 18.51 -29.90
C THR A 115 58.15 17.71 -31.13
N LEU A 116 58.58 18.43 -32.16
CA LEU A 116 59.11 17.86 -33.38
C LEU A 116 60.60 18.19 -33.53
N PRO A 117 61.41 17.29 -34.11
CA PRO A 117 60.99 15.99 -34.64
C PRO A 117 60.74 14.95 -33.55
N LYS A 118 59.96 13.93 -33.88
CA LYS A 118 59.58 12.86 -32.96
C LYS A 118 60.13 11.54 -33.49
N THR A 119 61.05 10.94 -32.75
CA THR A 119 61.63 9.66 -33.12
C THR A 119 60.82 8.54 -32.48
N VAL A 120 60.40 7.58 -33.28
CA VAL A 120 59.67 6.40 -32.82
C VAL A 120 60.56 5.20 -33.08
N ALA A 121 61.00 4.54 -32.00
CA ALA A 121 61.85 3.37 -32.16
C ALA A 121 61.03 2.16 -32.59
N ALA A 122 61.74 1.13 -33.04
CA ALA A 122 61.06 -0.11 -33.43
C ALA A 122 60.43 -0.78 -32.22
N GLY A 123 59.34 -1.49 -32.45
CA GLY A 123 58.64 -2.15 -31.38
C GLY A 123 57.86 -1.23 -30.48
N SER A 124 57.42 -0.08 -30.99
CA SER A 124 56.75 0.93 -30.20
C SER A 124 55.23 0.84 -30.36
N THR A 125 54.54 1.51 -29.44
CA THR A 125 53.11 1.72 -29.49
C THR A 125 52.85 3.16 -29.10
N PRO A 126 51.68 3.72 -29.43
CA PRO A 126 51.36 5.08 -28.95
C PRO A 126 51.43 5.20 -27.44
N ALA A 127 51.05 4.16 -26.70
CA ALA A 127 51.03 4.24 -25.25
C ALA A 127 52.44 4.25 -24.67
N THR A 128 53.41 3.64 -25.34
CA THR A 128 54.77 3.58 -24.84
C THR A 128 55.66 4.71 -25.36
N THR A 129 55.13 5.59 -26.19
CA THR A 129 55.90 6.70 -26.76
C THR A 129 55.20 8.03 -26.51
N GLY A 130 54.54 8.16 -25.36
CA GLY A 130 53.96 9.43 -24.98
C GLY A 130 52.47 9.38 -24.67
N GLY A 131 51.81 8.28 -25.01
CA GLY A 131 50.39 8.16 -24.76
C GLY A 131 49.55 8.84 -25.81
N VAL A 132 48.23 8.78 -25.61
CA VAL A 132 47.26 9.36 -26.53
C VAL A 132 46.59 10.53 -25.84
N GLY A 133 46.66 11.70 -26.46
CA GLY A 133 46.06 12.89 -25.91
C GLY A 133 46.72 14.14 -26.47
N SER A 134 46.18 15.28 -26.04
CA SER A 134 46.75 16.56 -26.46
C SER A 134 48.19 16.68 -26.02
N GLY A 135 49.04 17.17 -26.92
CA GLY A 135 50.47 17.20 -26.69
C GLY A 135 51.18 15.90 -26.94
N ALA A 136 50.45 14.81 -27.22
CA ALA A 136 51.06 13.53 -27.53
C ALA A 136 50.51 12.99 -28.85
N TRP A 137 50.14 11.71 -28.88
CA TRP A 137 49.58 11.12 -30.08
C TRP A 137 48.09 11.42 -30.17
N LEU A 138 47.63 11.73 -31.38
CA LEU A 138 46.22 11.98 -31.65
C LEU A 138 45.78 11.11 -32.82
N SER A 139 44.73 10.33 -32.62
CA SER A 139 44.26 9.42 -33.66
C SER A 139 43.64 10.19 -34.82
N VAL A 140 43.81 9.64 -36.01
CA VAL A 140 43.36 10.26 -37.25
C VAL A 140 42.78 9.18 -38.15
N GLY A 141 41.70 9.50 -38.86
CA GLY A 141 41.17 8.63 -39.89
C GLY A 141 39.91 7.91 -39.44
N ASP A 142 39.25 7.30 -40.43
N ASP A 142 39.23 7.31 -40.41
CA ASP A 142 37.99 6.61 -40.20
CA ASP A 142 37.97 6.63 -40.11
C ASP A 142 38.21 5.32 -39.41
C ASP A 142 38.19 5.30 -39.42
N ALA A 143 39.32 4.63 -39.67
CA ALA A 143 39.58 3.37 -38.99
C ALA A 143 39.77 3.58 -37.49
N SER A 144 40.50 4.63 -37.11
CA SER A 144 40.67 4.93 -35.70
C SER A 144 39.35 5.34 -35.05
N LEU A 145 38.56 6.19 -35.74
CA LEU A 145 37.29 6.62 -35.19
C LEU A 145 36.33 5.45 -35.02
N LYS A 146 36.24 4.59 -36.05
CA LYS A 146 35.33 3.45 -35.98
C LYS A 146 35.68 2.52 -34.82
N SER A 147 36.98 2.28 -34.61
CA SER A 147 37.39 1.39 -33.53
C SER A 147 37.28 2.05 -32.16
N ASN A 148 37.53 3.36 -32.09
CA ASN A 148 37.38 4.07 -30.81
C ASN A 148 35.92 4.10 -30.38
N LEU A 149 35.00 4.33 -31.33
CA LEU A 149 33.58 4.28 -31.00
C LEU A 149 33.17 2.90 -30.52
N ASN A 150 33.84 1.85 -30.98
CA ASN A 150 33.51 0.48 -30.61
C ASN A 150 34.25 -0.01 -29.37
N LYS A 151 35.12 0.83 -28.78
CA LYS A 151 35.77 0.47 -27.54
C LYS A 151 34.74 0.42 -26.40
N PRO A 152 35.06 -0.29 -25.32
CA PRO A 152 34.06 -0.43 -24.23
C PRO A 152 33.57 0.89 -23.66
N ASN A 153 34.37 1.96 -23.74
CA ASN A 153 33.97 3.28 -23.30
C ASN A 153 33.54 4.18 -24.46
N GLY A 154 33.04 3.57 -25.55
CA GLY A 154 32.73 4.33 -26.75
C GLY A 154 31.70 5.41 -26.57
N LEU A 155 30.81 5.26 -25.58
CA LEU A 155 29.77 6.27 -25.36
C LEU A 155 30.37 7.62 -24.98
N SER A 156 31.56 7.62 -24.39
N SER A 156 31.56 7.62 -24.38
CA SER A 156 32.19 8.87 -23.98
CA SER A 156 32.19 8.87 -23.98
C SER A 156 32.50 9.78 -25.16
C SER A 156 32.49 9.79 -25.16
N TYR A 157 32.50 9.25 -26.38
CA TYR A 157 32.73 10.08 -27.56
C TYR A 157 31.50 10.86 -27.99
N ILE A 158 30.35 10.63 -27.36
CA ILE A 158 29.13 11.35 -27.68
C ILE A 158 29.01 12.54 -26.74
N GLY A 159 28.74 13.71 -27.30
CA GLY A 159 28.60 14.90 -26.49
C GLY A 159 27.32 14.91 -25.68
N THR A 160 27.31 15.69 -24.60
CA THR A 160 26.20 15.73 -23.67
C THR A 160 25.90 17.16 -23.28
N VAL A 161 24.71 17.36 -22.73
CA VAL A 161 24.30 18.64 -22.14
C VAL A 161 24.46 18.51 -20.63
N SER A 162 25.22 19.42 -20.04
CA SER A 162 25.66 19.26 -18.65
C SER A 162 24.59 19.62 -17.63
N SER A 163 23.62 20.46 -17.98
CA SER A 163 22.64 20.89 -16.99
C SER A 163 21.37 21.37 -17.70
N VAL A 164 20.30 21.49 -16.91
CA VAL A 164 19.07 22.09 -17.41
C VAL A 164 19.29 23.53 -17.83
N SER A 165 20.16 24.24 -17.10
CA SER A 165 20.46 25.63 -17.45
C SER A 165 21.07 25.74 -18.83
N GLU A 166 22.00 24.84 -19.16
CA GLU A 166 22.59 24.83 -20.49
C GLU A 166 21.55 24.41 -21.54
N LEU A 167 20.58 23.59 -21.16
CA LEU A 167 19.61 23.05 -22.11
C LEU A 167 18.79 24.15 -22.77
N SER A 168 18.59 25.27 -22.08
CA SER A 168 17.77 26.35 -22.64
C SER A 168 18.39 26.97 -23.88
N SER A 169 19.68 26.78 -24.10
CA SER A 169 20.37 27.32 -25.26
C SER A 169 20.58 26.30 -26.36
N ILE A 170 20.08 25.08 -26.20
CA ILE A 170 20.30 24.01 -27.16
C ILE A 170 19.12 23.97 -28.12
N ALA A 171 19.40 24.09 -29.42
CA ALA A 171 18.40 24.00 -30.46
C ALA A 171 18.35 22.59 -31.03
N GLY A 172 17.33 22.33 -31.82
CA GLY A 172 17.21 21.02 -32.46
C GLY A 172 15.94 20.96 -33.29
N LEU A 173 15.88 19.92 -34.11
CA LEU A 173 14.68 19.59 -34.85
C LEU A 173 13.82 18.64 -34.03
N ILE A 174 12.50 18.74 -34.22
CA ILE A 174 11.58 17.88 -33.50
C ILE A 174 11.93 16.42 -33.74
N GLY A 175 12.14 15.67 -32.65
CA GLY A 175 12.57 14.30 -32.72
C GLY A 175 14.04 14.08 -32.36
N ASP A 176 14.84 15.14 -32.37
CA ASP A 176 16.23 15.02 -31.95
C ASP A 176 16.33 14.54 -30.51
N SER A 177 17.26 13.63 -30.26
CA SER A 177 17.50 13.09 -28.92
C SER A 177 18.88 13.53 -28.45
N ILE A 178 18.95 14.00 -27.20
CA ILE A 178 20.19 14.48 -26.61
C ILE A 178 20.34 13.87 -25.22
N ILE A 179 21.58 13.87 -24.74
CA ILE A 179 21.91 13.33 -23.42
C ILE A 179 22.01 14.49 -22.44
N LEU A 180 21.20 14.46 -21.39
CA LEU A 180 21.28 15.42 -20.30
C LEU A 180 21.98 14.75 -19.12
N ASP A 181 23.14 15.29 -18.74
CA ASP A 181 23.94 14.67 -17.69
C ASP A 181 23.25 14.76 -16.34
N SER A 182 22.61 15.89 -16.05
CA SER A 182 22.12 16.18 -14.71
C SER A 182 21.20 17.39 -14.79
N TYR A 183 20.30 17.50 -13.81
CA TYR A 183 19.50 18.71 -13.71
C TYR A 183 20.40 19.91 -13.39
N VAL A 184 21.17 19.80 -12.31
CA VAL A 184 22.12 20.83 -11.92
C VAL A 184 23.52 20.33 -12.25
N ASP A 185 24.38 21.25 -12.72
CA ASP A 185 25.67 20.88 -13.26
C ASP A 185 26.53 20.14 -12.24
N GLY A 186 27.01 18.95 -12.64
CA GLY A 186 28.01 18.23 -11.88
C GLY A 186 27.51 17.25 -10.85
N PHE A 187 26.19 17.16 -10.64
CA PHE A 187 25.66 16.35 -9.55
C PHE A 187 25.25 14.94 -9.98
N ASN A 188 25.17 14.67 -11.28
CA ASN A 188 24.80 13.34 -11.78
C ASN A 188 23.45 12.89 -11.22
N LEU A 189 22.51 13.83 -11.14
CA LEU A 189 21.18 13.56 -10.64
C LEU A 189 20.15 14.24 -11.54
N GLY A 190 19.07 13.52 -11.83
CA GLY A 190 17.98 14.09 -12.60
C GLY A 190 18.23 14.26 -14.08
N GLY A 191 19.28 13.63 -14.62
CA GLY A 191 19.53 13.67 -16.04
C GLY A 191 18.65 12.69 -16.80
N GLY A 192 19.05 12.43 -18.03
CA GLY A 192 18.34 11.47 -18.86
C GLY A 192 18.37 11.87 -20.31
N VAL A 193 17.83 10.98 -21.15
CA VAL A 193 17.71 11.26 -22.57
C VAL A 193 16.52 12.20 -22.81
N MET A 194 16.76 13.28 -23.53
CA MET A 194 15.73 14.26 -23.84
C MET A 194 15.44 14.24 -25.32
N VAL A 195 14.19 14.53 -25.68
CA VAL A 195 13.77 14.56 -27.08
C VAL A 195 13.09 15.89 -27.36
N ALA A 196 13.41 16.48 -28.51
CA ALA A 196 12.86 17.78 -28.88
C ALA A 196 11.40 17.64 -29.28
N VAL A 197 10.54 18.49 -28.71
CA VAL A 197 9.12 18.51 -29.00
C VAL A 197 8.73 19.93 -29.41
N ASN A 198 7.47 20.08 -29.80
CA ASN A 198 6.98 21.35 -30.36
C ASN A 198 7.21 22.49 -29.38
N SER A 199 7.51 23.67 -29.93
CA SER A 199 7.81 24.83 -29.09
C SER A 199 6.60 25.31 -28.30
N ASP A 200 5.39 24.88 -28.68
CA ASP A 200 4.21 25.25 -27.91
C ASP A 200 3.97 24.33 -26.72
N THR A 201 4.87 23.40 -26.46
CA THR A 201 4.70 22.46 -25.36
C THR A 201 4.87 23.18 -24.02
N VAL A 202 3.96 22.88 -23.09
CA VAL A 202 4.01 23.50 -21.76
C VAL A 202 5.27 23.04 -21.04
N VAL A 203 6.02 24.01 -20.52
CA VAL A 203 7.23 23.72 -19.75
C VAL A 203 6.85 23.65 -18.27
N ASP A 204 7.23 22.56 -17.61
CA ASP A 204 6.98 22.42 -16.17
C ASP A 204 8.26 22.20 -15.36
N ASN A 205 9.42 22.14 -16.01
CA ASN A 205 10.71 21.99 -15.34
C ASN A 205 10.77 20.73 -14.48
N ILE A 206 10.02 19.70 -14.88
CA ILE A 206 10.12 18.37 -14.29
C ILE A 206 10.27 17.38 -15.44
N VAL A 207 9.34 17.43 -16.38
CA VAL A 207 9.34 16.58 -17.56
C VAL A 207 9.74 17.36 -18.81
N THR A 208 9.26 18.59 -18.94
CA THR A 208 9.55 19.44 -20.09
C THR A 208 10.36 20.64 -19.66
N PHE A 209 11.31 21.03 -20.51
CA PHE A 209 12.22 22.12 -20.21
C PHE A 209 12.37 23.00 -21.43
N GLN A 210 12.60 24.29 -21.20
CA GLN A 210 12.74 25.23 -22.29
C GLN A 210 14.01 24.97 -23.08
N GLY A 211 13.90 25.00 -24.40
CA GLY A 211 15.05 24.89 -25.27
C GLY A 211 15.20 26.13 -26.15
N ASN A 212 16.14 26.09 -27.08
CA ASN A 212 16.36 27.21 -27.99
C ASN A 212 15.54 26.97 -29.25
N GLY A 213 14.34 27.56 -29.28
CA GLY A 213 13.43 27.35 -30.38
C GLY A 213 12.62 26.09 -30.32
N VAL A 214 12.85 25.23 -29.32
CA VAL A 214 12.10 24.01 -29.10
C VAL A 214 11.88 23.83 -27.61
N VAL A 215 11.18 22.77 -27.25
CA VAL A 215 11.05 22.32 -25.86
C VAL A 215 11.65 20.93 -25.77
N TRP A 216 12.34 20.66 -24.67
CA TRP A 216 12.97 19.37 -24.43
C TRP A 216 12.18 18.59 -23.40
N LYS A 217 11.82 17.35 -23.75
CA LYS A 217 11.03 16.48 -22.90
C LYS A 217 11.82 15.22 -22.57
N ARG A 218 11.69 14.75 -21.33
CA ARG A 218 12.30 13.48 -20.95
C ARG A 218 11.76 12.37 -21.84
N LYS A 219 12.67 11.75 -22.61
CA LYS A 219 12.25 10.80 -23.64
C LYS A 219 11.63 9.55 -23.05
N LEU A 220 12.09 9.12 -21.88
CA LEU A 220 11.70 7.84 -21.29
C LEU A 220 10.99 8.02 -19.95
N PHE A 221 10.21 9.10 -19.83
CA PHE A 221 9.49 9.37 -18.59
C PHE A 221 8.31 8.41 -18.46
N ASN A 222 8.20 7.76 -17.30
CA ASN A 222 7.18 6.75 -17.05
C ASN A 222 5.97 7.29 -16.30
N GLY A 223 5.92 8.60 -16.06
CA GLY A 223 4.84 9.19 -15.30
C GLY A 223 5.12 9.37 -13.82
N VAL A 224 6.25 8.85 -13.33
CA VAL A 224 6.58 8.89 -11.91
C VAL A 224 7.64 9.97 -11.71
N ALA A 225 7.29 11.01 -10.96
CA ALA A 225 8.17 12.14 -10.73
C ALA A 225 8.76 12.08 -9.33
N ASP A 226 10.09 12.15 -9.26
CA ASP A 226 10.80 12.25 -7.98
C ASP A 226 11.50 13.58 -7.88
N VAL A 227 12.01 13.87 -6.67
CA VAL A 227 12.58 15.19 -6.41
C VAL A 227 13.85 15.43 -7.21
N TYR A 228 14.58 14.36 -7.57
CA TYR A 228 15.77 14.52 -8.39
C TYR A 228 15.41 15.11 -9.75
N GLU A 229 14.37 14.58 -10.38
CA GLU A 229 13.93 15.08 -11.67
C GLU A 229 13.43 16.52 -11.59
N ALA A 230 13.11 17.00 -10.39
CA ALA A 230 12.67 18.37 -10.18
C ALA A 230 13.80 19.31 -9.80
N GLY A 231 15.00 18.79 -9.53
CA GLY A 231 16.16 19.64 -9.31
C GLY A 231 16.84 19.50 -7.96
N TYR A 232 16.43 18.52 -7.16
CA TYR A 232 17.07 18.31 -5.86
C TYR A 232 18.45 17.68 -6.04
N THR A 233 19.45 18.21 -5.33
CA THR A 233 20.84 17.81 -5.53
C THR A 233 21.42 17.04 -4.36
N GLY A 234 20.64 16.74 -3.33
CA GLY A 234 21.14 16.08 -2.14
C GLY A 234 21.29 16.98 -0.93
N THR A 235 21.26 18.29 -1.13
CA THR A 235 21.21 19.25 -0.03
C THR A 235 20.17 20.30 -0.36
N GLY A 236 19.77 21.06 0.65
CA GLY A 236 18.81 22.12 0.47
C GLY A 236 17.42 21.74 0.92
N ASP A 237 16.48 22.63 0.62
CA ASP A 237 15.12 22.55 1.14
C ASP A 237 14.32 21.59 0.28
N LEU A 238 14.08 20.39 0.80
CA LEU A 238 13.28 19.40 0.08
C LEU A 238 11.84 19.86 -0.09
N ALA A 239 11.36 20.72 0.79
CA ALA A 239 9.98 21.19 0.71
C ALA A 239 9.74 21.98 -0.57
N ILE A 240 10.76 22.66 -1.09
CA ILE A 240 10.61 23.40 -2.34
C ILE A 240 10.25 22.47 -3.48
N PHE A 241 10.87 21.29 -3.51
CA PHE A 241 10.64 20.36 -4.61
C PHE A 241 9.38 19.53 -4.41
N ILE A 242 9.00 19.26 -3.16
CA ILE A 242 7.70 18.66 -2.90
C ILE A 242 6.59 19.59 -3.37
N ASN A 243 6.69 20.87 -3.02
CA ASN A 243 5.71 21.84 -3.49
C ASN A 243 5.70 21.93 -5.00
N LYS A 244 6.87 21.90 -5.63
CA LYS A 244 6.97 22.07 -7.07
C LYS A 244 6.29 20.92 -7.81
N ILE A 245 6.52 19.68 -7.35
CA ILE A 245 5.98 18.52 -8.05
C ILE A 245 4.47 18.44 -7.86
N ASN A 246 4.01 18.61 -6.62
CA ASN A 246 2.57 18.55 -6.35
C ASN A 246 1.82 19.65 -7.10
N ALA A 247 2.39 20.85 -7.16
CA ALA A 247 1.72 21.94 -7.85
C ALA A 247 1.52 21.65 -9.33
N VAL A 248 2.41 20.87 -9.93
CA VAL A 248 2.29 20.56 -11.36
C VAL A 248 1.21 19.50 -11.60
N GLY A 249 1.11 18.53 -10.69
CA GLY A 249 0.08 17.51 -10.82
C GLY A 249 0.60 16.10 -10.96
N PHE A 250 1.68 15.79 -10.25
CA PHE A 250 2.22 14.45 -10.19
C PHE A 250 2.26 13.97 -8.74
N ASP A 251 2.18 12.65 -8.55
CA ASP A 251 2.62 12.06 -7.31
C ASP A 251 4.06 12.50 -7.06
N CYS A 252 4.37 12.84 -5.82
CA CYS A 252 5.71 13.28 -5.45
C CYS A 252 6.42 12.15 -4.70
N ILE A 253 7.45 11.59 -5.32
CA ILE A 253 8.24 10.53 -4.71
C ILE A 253 9.50 11.16 -4.11
N VAL A 254 9.71 10.91 -2.82
CA VAL A 254 10.89 11.42 -2.11
C VAL A 254 11.72 10.22 -1.67
N PRO A 255 12.67 9.75 -2.50
CA PRO A 255 13.42 8.54 -2.15
C PRO A 255 14.68 8.85 -1.36
N VAL A 256 14.65 9.93 -0.58
CA VAL A 256 15.84 10.45 0.08
C VAL A 256 15.41 11.20 1.34
N SER A 257 16.32 11.32 2.28
CA SER A 257 16.10 12.10 3.50
C SER A 257 16.83 13.44 3.41
N GLY A 258 16.32 14.41 4.14
CA GLY A 258 16.92 15.73 4.12
C GLY A 258 16.17 16.68 5.03
N GLU A 259 16.35 17.97 4.78
CA GLU A 259 15.77 19.03 5.60
C GLU A 259 14.63 19.72 4.85
N ILE A 260 13.69 20.26 5.62
CA ILE A 260 12.60 21.08 5.09
C ILE A 260 12.59 22.40 5.84
N THR A 261 12.30 23.48 5.12
CA THR A 261 12.27 24.81 5.71
C THR A 261 10.99 25.54 5.34
N THR A 262 10.77 25.77 4.05
CA THR A 262 9.55 26.44 3.63
C THR A 262 8.35 25.53 3.85
N PRO A 263 7.19 26.09 4.22
CA PRO A 263 6.03 25.24 4.49
C PRO A 263 5.61 24.44 3.28
N ILE A 264 5.30 23.17 3.50
CA ILE A 264 4.78 22.31 2.45
C ILE A 264 3.29 22.55 2.30
N ILE A 265 2.84 22.69 1.05
CA ILE A 265 1.43 22.77 0.71
C ILE A 265 1.12 21.55 -0.15
N PHE A 266 0.36 20.60 0.40
CA PHE A 266 0.09 19.32 -0.25
C PHE A 266 -1.37 19.28 -0.66
N ASP A 267 -1.61 19.40 -1.97
CA ASP A 267 -2.95 19.38 -2.53
C ASP A 267 -3.26 17.95 -2.96
N ILE A 268 -4.21 17.31 -2.26
CA ILE A 268 -4.55 15.92 -2.57
C ILE A 268 -5.23 15.80 -3.93
N ALA A 269 -5.70 16.90 -4.51
CA ALA A 269 -6.30 16.85 -5.83
C ALA A 269 -5.27 16.61 -6.93
N LYS A 270 -4.00 16.88 -6.66
CA LYS A 270 -2.97 16.87 -7.70
C LYS A 270 -2.04 15.67 -7.64
N GLY A 271 -2.03 14.91 -6.55
CA GLY A 271 -1.20 13.72 -6.49
C GLY A 271 -0.93 13.30 -5.07
N ALA A 272 -0.25 12.18 -4.94
CA ALA A 272 0.10 11.62 -3.65
C ALA A 272 1.48 12.09 -3.22
N LEU A 273 1.81 11.85 -1.95
CA LEU A 273 3.12 12.13 -1.40
C LEU A 273 3.70 10.82 -0.87
N ILE A 274 4.80 10.38 -1.47
CA ILE A 274 5.33 9.04 -1.23
C ILE A 274 6.80 9.16 -0.86
N GLY A 275 7.14 8.67 0.34
CA GLY A 275 8.52 8.62 0.79
C GLY A 275 9.09 7.22 0.67
N LYS A 276 10.38 7.13 0.35
CA LYS A 276 11.05 5.85 0.18
C LYS A 276 12.41 5.90 0.88
N ASN A 277 12.96 4.70 1.10
CA ASN A 277 14.31 4.54 1.68
C ASN A 277 14.41 5.19 3.05
N LYS A 278 13.43 4.88 3.92
CA LYS A 278 13.38 5.43 5.28
C LYS A 278 13.36 6.95 5.25
N CYS A 279 12.49 7.50 4.40
CA CYS A 279 12.44 8.94 4.18
C CYS A 279 12.19 9.69 5.48
N THR A 280 13.11 10.60 5.81
CA THR A 280 13.05 11.37 7.05
C THR A 280 13.26 12.84 6.72
N LEU A 281 12.25 13.65 6.99
CA LEU A 281 12.29 15.10 6.71
C LEU A 281 12.47 15.83 8.04
N ILE A 282 13.64 16.39 8.25
CA ILE A 282 14.00 17.04 9.51
C ILE A 282 13.86 18.55 9.32
N GLU A 283 13.02 19.18 10.12
CA GLU A 283 12.82 20.62 10.03
C GLU A 283 14.10 21.35 10.43
N SER A 284 14.48 22.34 9.63
CA SER A 284 15.66 23.12 9.92
C SER A 284 15.43 24.06 11.10
N ALA A 285 16.53 24.53 11.68
CA ALA A 285 16.43 25.47 12.80
C ALA A 285 15.84 26.80 12.36
N SER A 286 16.10 27.21 11.11
CA SER A 286 15.65 28.51 10.63
C SER A 286 14.22 28.51 10.13
N ALA A 287 13.57 27.35 10.08
CA ALA A 287 12.19 27.29 9.60
C ALA A 287 11.27 28.08 10.52
N THR A 288 10.46 28.96 9.93
CA THR A 288 9.53 29.80 10.67
C THR A 288 8.10 29.52 10.21
N GLY A 289 7.16 30.25 10.81
CA GLY A 289 5.74 30.02 10.58
C GLY A 289 5.15 29.08 11.59
N ASP A 290 3.82 28.93 11.51
CA ASP A 290 3.10 28.06 12.43
C ASP A 290 2.89 26.65 11.88
N TYR A 291 3.16 26.43 10.60
CA TYR A 291 2.86 25.15 9.97
C TYR A 291 4.02 24.72 9.08
N TYR A 292 4.41 23.45 9.20
CA TYR A 292 5.39 22.85 8.30
C TYR A 292 4.75 22.11 7.14
N LEU A 293 3.46 21.78 7.24
CA LEU A 293 2.75 21.06 6.20
C LEU A 293 1.27 21.37 6.33
N THR A 294 0.66 21.78 5.21
CA THR A 294 -0.78 22.01 5.15
C THR A 294 -1.36 21.17 4.03
N ILE A 295 -2.35 20.34 4.37
CA ILE A 295 -2.99 19.44 3.41
C ILE A 295 -4.29 20.09 2.97
N VAL A 296 -4.39 20.41 1.68
CA VAL A 296 -5.56 21.10 1.15
C VAL A 296 -6.16 20.28 0.00
N ASN A 297 -7.26 20.78 -0.55
CA ASN A 297 -7.92 20.15 -1.71
C ASN A 297 -8.52 21.27 -2.54
N THR A 298 -7.98 21.48 -3.75
CA THR A 298 -8.49 22.53 -4.63
C THR A 298 -9.74 22.10 -5.38
N ASP A 299 -10.13 20.83 -5.31
CA ASP A 299 -11.31 20.35 -6.02
C ASP A 299 -12.57 20.87 -5.33
N THR A 300 -13.22 21.86 -5.95
CA THR A 300 -14.46 22.42 -5.43
C THR A 300 -15.68 21.98 -6.23
N ASP A 301 -15.52 21.01 -7.13
CA ASP A 301 -16.64 20.44 -7.87
C ASP A 301 -17.26 19.34 -7.02
N TYR A 302 -18.48 19.57 -6.52
CA TYR A 302 -19.09 18.68 -5.53
C TYR A 302 -19.19 17.26 -6.06
N THR A 303 -19.70 17.09 -7.28
CA THR A 303 -19.90 15.74 -7.82
C THR A 303 -18.59 15.02 -8.15
N ASN A 304 -17.46 15.72 -8.11
CA ASN A 304 -16.17 15.13 -8.42
C ASN A 304 -15.35 14.81 -7.16
N ARG A 305 -15.84 15.19 -5.97
CA ARG A 305 -15.04 15.05 -4.75
C ARG A 305 -14.60 13.62 -4.53
N ASP A 306 -15.52 12.66 -4.64
CA ASP A 306 -15.20 11.27 -4.34
C ASP A 306 -14.16 10.71 -5.31
N VAL A 307 -14.14 11.18 -6.55
CA VAL A 307 -13.16 10.71 -7.52
C VAL A 307 -11.76 11.04 -7.05
N ILE A 308 -11.55 12.26 -6.55
CA ILE A 308 -10.22 12.70 -6.15
C ILE A 308 -9.85 12.15 -4.78
N ASN A 309 -10.78 12.18 -3.82
CA ASN A 309 -10.47 11.79 -2.46
C ASN A 309 -10.28 10.28 -2.31
N ALA A 310 -10.85 9.48 -3.21
CA ALA A 310 -10.74 8.03 -3.08
C ALA A 310 -9.29 7.57 -3.12
N THR A 311 -8.47 8.19 -3.96
CA THR A 311 -7.07 7.79 -4.11
C THR A 311 -6.11 8.62 -3.25
N ALA A 312 -6.63 9.54 -2.44
CA ALA A 312 -5.78 10.46 -1.69
C ALA A 312 -4.85 9.70 -0.75
N LEU A 313 -3.55 10.01 -0.82
CA LEU A 313 -2.56 9.20 -0.13
C LEU A 313 -1.33 10.01 0.23
N MET A 314 -0.88 9.86 1.48
CA MET A 314 0.44 10.27 1.93
C MET A 314 1.03 9.09 2.70
N THR A 315 2.25 8.67 2.32
CA THR A 315 2.78 7.46 2.91
C THR A 315 4.30 7.49 2.95
N GLY A 316 4.86 6.86 3.99
CA GLY A 316 6.28 6.57 4.04
C GLY A 316 7.18 7.73 4.40
N VAL A 317 6.70 8.70 5.18
CA VAL A 317 7.50 9.88 5.54
C VAL A 317 7.49 10.04 7.06
N SER A 318 8.68 10.22 7.63
CA SER A 318 8.83 10.57 9.03
C SER A 318 9.21 12.05 9.11
N PHE A 319 8.29 12.88 9.62
CA PHE A 319 8.56 14.29 9.85
C PHE A 319 9.12 14.45 11.25
N VAL A 320 10.30 15.07 11.36
CA VAL A 320 10.93 15.34 12.64
C VAL A 320 11.01 16.86 12.79
N GLY A 321 10.18 17.41 13.68
CA GLY A 321 10.15 18.84 13.90
C GLY A 321 11.06 19.28 15.05
N LYS A 322 11.00 20.57 15.34
CA LYS A 322 11.70 21.15 16.48
C LYS A 322 10.73 21.72 17.51
N GLY A 323 9.46 21.31 17.46
CA GLY A 323 8.49 21.68 18.46
C GLY A 323 7.77 22.98 18.25
N THR A 324 7.93 23.63 17.10
CA THR A 324 7.34 24.95 16.87
C THR A 324 6.24 24.97 15.82
N ARG A 325 6.23 24.02 14.89
CA ARG A 325 5.32 24.10 13.76
C ARG A 325 4.39 22.89 13.71
N LYS A 326 3.16 23.14 13.25
CA LYS A 326 2.07 22.17 13.27
C LYS A 326 1.78 21.65 11.86
N LEU A 327 1.01 20.57 11.82
CA LEU A 327 0.45 20.04 10.59
C LEU A 327 -1.03 20.43 10.54
N ALA A 328 -1.43 21.10 9.46
CA ALA A 328 -2.79 21.57 9.29
C ALA A 328 -3.48 20.76 8.21
N ILE A 329 -4.75 20.41 8.44
CA ILE A 329 -5.56 19.66 7.50
C ILE A 329 -6.82 20.44 7.24
N GLY A 330 -7.04 20.81 5.97
CA GLY A 330 -8.24 21.53 5.59
C GLY A 330 -8.03 23.01 5.43
N GLY A 331 -9.08 23.78 5.63
CA GLY A 331 -9.05 25.22 5.49
C GLY A 331 -10.40 25.74 5.03
N SER A 332 -10.70 26.99 5.40
CA SER A 332 -11.99 27.56 5.07
C SER A 332 -12.14 27.78 3.57
N THR A 333 -11.05 28.05 2.87
CA THR A 333 -11.08 28.24 1.42
C THR A 333 -10.74 26.97 0.66
N SER A 334 -10.45 25.87 1.36
CA SER A 334 -10.12 24.61 0.72
C SER A 334 -11.35 23.77 0.48
N GLY A 335 -11.31 22.94 -0.57
CA GLY A 335 -12.29 21.91 -0.74
C GLY A 335 -12.18 20.87 0.36
N GLU A 336 -13.16 19.97 0.40
CA GLU A 336 -13.23 19.00 1.48
C GLU A 336 -12.04 18.04 1.41
N VAL A 337 -11.27 18.01 2.48
CA VAL A 337 -10.17 17.06 2.64
C VAL A 337 -10.73 15.89 3.44
N SER A 338 -11.07 14.81 2.75
CA SER A 338 -11.66 13.65 3.39
C SER A 338 -11.20 12.39 2.68
N GLU A 339 -11.35 11.26 3.36
CA GLU A 339 -10.93 9.95 2.86
C GLU A 339 -9.45 9.93 2.51
N LEU A 340 -8.66 10.78 3.15
CA LEU A 340 -7.22 10.79 2.96
C LEU A 340 -6.58 9.70 3.80
N ARG A 341 -5.79 8.84 3.17
CA ARG A 341 -5.01 7.85 3.90
C ARG A 341 -3.63 8.40 4.17
N ILE A 342 -3.27 8.50 5.45
CA ILE A 342 -1.93 8.82 5.89
C ILE A 342 -1.38 7.55 6.53
N SER A 343 -0.52 6.84 5.81
CA SER A 343 -0.08 5.52 6.23
C SER A 343 1.44 5.48 6.35
N ASN A 344 1.92 4.75 7.35
CA ASN A 344 3.35 4.52 7.57
C ASN A 344 4.11 5.83 7.64
N CYS A 345 3.55 6.78 8.39
CA CYS A 345 4.15 8.10 8.55
C CYS A 345 4.45 8.37 10.01
N GLY A 346 5.41 9.25 10.24
CA GLY A 346 5.80 9.67 11.58
C GLY A 346 5.66 11.18 11.71
N PHE A 347 5.11 11.60 12.84
CA PHE A 347 4.95 13.02 13.17
C PHE A 347 5.55 13.19 14.56
N ILE A 348 6.84 13.51 14.60
CA ILE A 348 7.68 13.35 15.78
C ILE A 348 8.29 14.69 16.13
N SER A 349 8.19 15.07 17.41
CA SER A 349 8.74 16.32 17.92
C SER A 349 8.17 17.55 17.20
N THR A 350 6.91 17.46 16.79
CA THR A 350 6.23 18.60 16.18
C THR A 350 5.37 19.31 17.22
N ALA A 351 4.66 20.33 16.78
CA ALA A 351 3.74 21.07 17.64
C ALA A 351 2.29 20.58 17.50
N GLY A 352 2.08 19.46 16.84
CA GLY A 352 0.78 18.81 16.81
C GLY A 352 0.16 18.81 15.42
N ILE A 353 -1.03 18.19 15.37
CA ILE A 353 -1.85 18.12 14.16
C ILE A 353 -3.11 18.93 14.43
N GLU A 354 -3.38 19.91 13.58
CA GLU A 354 -4.52 20.80 13.76
C GLU A 354 -5.51 20.60 12.61
N PHE A 355 -6.76 20.33 12.97
CA PHE A 355 -7.83 20.21 11.98
C PHE A 355 -8.47 21.57 11.75
N LEU A 356 -8.59 21.95 10.49
CA LEU A 356 -9.27 23.18 10.11
C LEU A 356 -10.64 22.84 9.55
N ASP A 357 -11.27 23.81 8.89
CA ASP A 357 -12.56 23.56 8.25
C ASP A 357 -12.43 22.53 7.15
N ASN A 358 -13.53 21.81 6.90
CA ASN A 358 -13.65 20.92 5.74
C ASN A 358 -12.64 19.78 5.80
N ALA A 359 -12.45 19.20 6.98
CA ALA A 359 -11.52 18.10 7.18
C ALA A 359 -12.21 17.02 8.01
N TYR A 360 -12.47 15.87 7.40
CA TYR A 360 -13.17 14.80 8.11
C TYR A 360 -12.78 13.46 7.50
N ARG A 361 -13.08 12.40 8.24
CA ARG A 361 -12.83 11.02 7.79
C ARG A 361 -11.40 10.83 7.30
N ILE A 362 -10.46 11.40 8.04
CA ILE A 362 -9.04 11.17 7.79
C ILE A 362 -8.65 9.83 8.41
N LEU A 363 -7.86 9.05 7.68
CA LEU A 363 -7.42 7.72 8.14
C LEU A 363 -5.91 7.76 8.39
N PHE A 364 -5.53 7.82 9.66
CA PHE A 364 -4.14 7.66 10.06
C PHE A 364 -3.88 6.17 10.19
N ASP A 365 -3.21 5.58 9.20
CA ASP A 365 -3.07 4.14 9.04
C ASP A 365 -1.65 3.74 9.46
N LYS A 366 -1.50 3.39 10.74
CA LYS A 366 -0.22 3.00 11.34
C LYS A 366 0.79 4.16 11.26
N CYS A 367 0.54 5.15 12.10
CA CYS A 367 1.40 6.32 12.19
C CYS A 367 1.92 6.49 13.61
N ALA A 368 3.00 7.25 13.72
CA ALA A 368 3.53 7.67 15.00
C ALA A 368 3.22 9.15 15.20
N LEU A 369 2.69 9.49 16.38
CA LEU A 369 2.47 10.88 16.79
C LEU A 369 3.04 10.96 18.21
N SER A 370 4.31 11.33 18.30
CA SER A 370 5.05 11.21 19.56
C SER A 370 5.91 12.43 19.79
N ARG A 371 6.21 12.67 21.07
CA ARG A 371 7.15 13.71 21.51
C ARG A 371 6.67 15.10 21.08
N SER A 372 5.36 15.29 20.99
CA SER A 372 4.80 16.57 20.55
C SER A 372 4.97 17.64 21.61
N PHE A 373 5.15 18.88 21.15
CA PHE A 373 5.28 20.03 22.03
C PHE A 373 3.97 20.82 22.02
N THR A 374 3.48 21.16 23.23
CA THR A 374 2.35 22.05 23.43
C THR A 374 1.02 21.44 23.05
N ASN A 375 0.94 20.77 21.90
CA ASN A 375 -0.30 20.13 21.47
C ASN A 375 0.03 18.85 20.72
N SER A 376 -0.89 17.88 20.81
CA SER A 376 -0.82 16.67 20.01
C SER A 376 -1.81 16.71 18.85
N VAL A 377 -3.10 16.85 19.15
CA VAL A 377 -4.15 17.01 18.15
C VAL A 377 -5.04 18.16 18.58
N ILE A 378 -5.32 19.06 17.64
CA ILE A 378 -6.19 20.21 17.89
C ILE A 378 -7.44 20.03 17.03
N PHE A 379 -8.58 19.82 17.68
CA PHE A 379 -9.89 19.84 17.00
C PHE A 379 -10.77 20.82 17.78
N ASN A 380 -10.65 22.10 17.46
CA ASN A 380 -11.42 23.14 18.14
C ASN A 380 -12.75 23.39 17.41
N SER A 381 -13.50 22.30 17.26
CA SER A 381 -14.81 22.26 16.62
C SER A 381 -14.85 23.06 15.31
N PRO A 382 -13.98 22.77 14.35
CA PRO A 382 -14.03 23.50 13.08
C PRO A 382 -15.27 23.11 12.28
N ALA A 383 -15.67 24.02 11.39
CA ALA A 383 -16.89 23.83 10.63
C ALA A 383 -16.70 22.77 9.55
N ASN A 384 -17.73 21.96 9.36
CA ASN A 384 -17.75 20.91 8.33
C ASN A 384 -16.60 19.92 8.52
N SER A 385 -16.35 19.54 9.77
CA SER A 385 -15.22 18.70 10.11
C SER A 385 -15.59 17.76 11.25
N GLY A 386 -14.88 16.64 11.34
CA GLY A 386 -14.92 15.78 12.51
C GLY A 386 -15.53 14.41 12.32
N GLU A 387 -16.16 14.13 11.18
CA GLU A 387 -16.79 12.83 10.99
C GLU A 387 -15.75 11.73 10.89
N VAL A 388 -16.01 10.62 11.61
CA VAL A 388 -15.19 9.41 11.70
C VAL A 388 -13.72 9.64 11.38
N ILE A 389 -13.01 10.30 12.28
CA ILE A 389 -11.55 10.41 12.17
C ILE A 389 -10.93 9.25 12.93
N LYS A 390 -10.08 8.49 12.25
CA LYS A 390 -9.66 7.18 12.73
C LYS A 390 -8.15 7.09 12.80
N PHE A 391 -7.65 6.64 13.95
CA PHE A 391 -6.24 6.29 14.14
C PHE A 391 -6.16 4.78 14.20
N ASN A 392 -5.55 4.16 13.20
CA ASN A 392 -5.44 2.71 13.12
C ASN A 392 -4.01 2.30 13.41
N HIS A 393 -3.82 1.52 14.49
CA HIS A 393 -2.53 0.98 14.88
C HIS A 393 -1.48 2.08 15.00
N CYS A 394 -1.84 3.14 15.71
CA CYS A 394 -0.98 4.29 15.86
C CYS A 394 -0.22 4.26 17.19
N TRP A 395 1.01 4.75 17.14
CA TRP A 395 1.93 4.78 18.28
C TRP A 395 2.02 6.22 18.75
N MET A 396 1.39 6.52 19.89
CA MET A 396 1.18 7.90 20.34
C MET A 396 1.68 8.02 21.78
N VAL A 397 2.97 8.34 21.94
CA VAL A 397 3.63 8.28 23.24
C VAL A 397 4.48 9.53 23.46
N ASP A 398 4.79 9.78 24.74
CA ASP A 398 5.76 10.79 25.16
C ASP A 398 5.39 12.19 24.70
N ASN A 399 4.10 12.45 24.53
CA ASN A 399 3.66 13.75 24.04
C ASN A 399 3.59 14.76 25.17
N GLY A 400 3.69 16.04 24.79
CA GLY A 400 3.67 17.12 25.76
C GLY A 400 2.54 18.10 25.51
N GLY A 401 1.41 17.59 25.04
CA GLY A 401 0.26 18.41 24.73
C GLY A 401 -1.00 17.58 24.57
N PRO A 402 -2.15 18.18 24.82
CA PRO A 402 -3.40 17.42 24.85
C PRO A 402 -3.93 17.07 23.46
N PHE A 403 -4.86 16.11 23.46
CA PHE A 403 -5.72 15.82 22.32
C PHE A 403 -7.05 16.52 22.60
N THR A 404 -7.25 17.68 21.98
CA THR A 404 -8.42 18.50 22.26
C THR A 404 -9.53 18.13 21.28
N PHE A 405 -10.51 17.38 21.75
CA PHE A 405 -11.64 16.93 20.94
C PHE A 405 -12.87 17.71 21.37
N LYS A 406 -13.00 18.94 20.87
CA LYS A 406 -14.22 19.73 21.07
C LYS A 406 -15.16 19.38 19.92
N ASN A 407 -16.15 18.54 20.21
CA ASN A 407 -16.98 17.87 19.21
C ASN A 407 -16.12 16.96 18.34
N GLY A 408 -16.71 16.39 17.30
CA GLY A 408 -16.00 15.44 16.47
C GLY A 408 -16.21 14.00 16.91
N GLN A 409 -15.86 13.08 16.01
CA GLN A 409 -16.01 11.64 16.23
C GLN A 409 -14.69 10.98 15.93
N PHE A 410 -14.06 10.38 16.95
CA PHE A 410 -12.71 9.86 16.82
C PHE A 410 -12.68 8.38 17.17
N ILE A 411 -11.91 7.62 16.38
CA ILE A 411 -11.79 6.18 16.53
C ILE A 411 -10.32 5.85 16.75
N PHE A 412 -10.01 5.21 17.87
CA PHE A 412 -8.71 4.59 18.12
C PHE A 412 -8.88 3.09 17.98
N ASP A 413 -8.09 2.47 17.09
CA ASP A 413 -8.18 1.04 16.85
C ASP A 413 -6.77 0.45 16.89
N SER A 414 -6.52 -0.40 17.89
CA SER A 414 -5.22 -1.05 18.11
C SER A 414 -4.10 -0.02 18.28
N CYS A 415 -4.40 1.11 18.90
CA CYS A 415 -3.40 2.12 19.22
C CYS A 415 -2.81 1.86 20.60
N SER A 416 -1.69 2.52 20.88
CA SER A 416 -1.07 2.51 22.19
C SER A 416 -0.77 3.93 22.61
N LEU A 417 -1.10 4.26 23.86
CA LEU A 417 -0.92 5.59 24.43
C LEU A 417 -1.11 5.48 25.94
N PRO A 418 -0.58 6.45 26.71
CA PRO A 418 0.31 7.54 26.29
C PRO A 418 1.77 7.30 26.68
N ALA A 419 2.02 6.21 27.43
CA ALA A 419 3.34 5.85 27.93
C ALA A 419 3.85 6.87 28.95
N GLY A 420 3.92 8.13 28.55
CA GLY A 420 4.38 9.17 29.45
C GLY A 420 4.24 10.52 28.78
N LYS A 421 4.59 11.56 29.53
CA LYS A 421 4.50 12.93 29.05
C LYS A 421 5.90 13.50 28.82
N LYS A 422 5.96 14.50 27.94
CA LYS A 422 7.19 15.25 27.77
C LYS A 422 7.45 16.05 29.04
N SER A 423 8.62 15.84 29.65
CA SER A 423 8.94 16.48 30.91
C SER A 423 8.91 18.00 30.76
N GLY A 424 8.19 18.66 31.69
CA GLY A 424 8.09 20.10 31.69
C GLY A 424 6.99 20.67 30.82
N TYR A 425 6.17 19.83 30.21
CA TYR A 425 5.09 20.29 29.34
C TYR A 425 3.76 19.81 29.88
N PHE A 426 2.73 19.90 29.04
CA PHE A 426 1.36 19.62 29.46
C PHE A 426 1.05 18.14 29.32
N ASP A 427 0.07 17.68 30.11
CA ASP A 427 -0.37 16.30 30.04
C ASP A 427 -0.90 15.98 28.65
N PRO A 428 -0.50 14.88 28.03
CA PRO A 428 -1.10 14.45 26.75
C PRO A 428 -2.45 13.77 26.96
N VAL A 429 -3.37 14.50 27.57
CA VAL A 429 -4.69 13.97 27.90
C VAL A 429 -5.57 14.01 26.65
N VAL A 430 -6.41 12.98 26.50
CA VAL A 430 -7.44 12.95 25.46
C VAL A 430 -8.68 13.61 26.06
N ALA A 431 -8.90 14.87 25.70
CA ALA A 431 -9.91 15.71 26.35
C ALA A 431 -11.11 15.89 25.44
N LEU A 432 -12.21 15.24 25.80
CA LEU A 432 -13.47 15.36 25.06
C LEU A 432 -14.33 16.45 25.71
N SER A 433 -14.84 17.36 24.89
CA SER A 433 -15.71 18.42 25.37
C SER A 433 -16.84 18.64 24.37
N ASP A 434 -17.85 19.39 24.81
CA ASP A 434 -19.08 19.61 24.05
C ASP A 434 -19.79 18.30 23.76
N ASN A 435 -19.85 17.90 22.49
CA ASN A 435 -20.58 16.71 22.07
C ASN A 435 -19.67 15.78 21.27
N ALA A 436 -18.44 15.60 21.74
CA ALA A 436 -17.51 14.70 21.06
C ALA A 436 -17.76 13.26 21.48
N THR A 437 -17.40 12.34 20.59
CA THR A 437 -17.39 10.91 20.90
C THR A 437 -16.01 10.36 20.62
N THR A 438 -15.64 9.31 21.35
CA THR A 438 -14.36 8.65 21.13
C THR A 438 -14.50 7.17 21.42
N VAL A 439 -14.02 6.35 20.47
CA VAL A 439 -13.95 4.91 20.63
C VAL A 439 -12.48 4.52 20.75
N PHE A 440 -12.16 3.74 21.77
CA PHE A 440 -10.84 3.15 21.93
C PHE A 440 -11.01 1.65 21.99
N THR A 441 -10.56 0.95 20.95
CA THR A 441 -10.80 -0.49 20.83
C THR A 441 -9.52 -1.21 20.42
N ASN A 442 -9.41 -2.46 20.90
CA ASN A 442 -8.35 -3.38 20.50
C ASN A 442 -6.96 -2.84 20.79
N GLY A 443 -6.84 -1.94 21.77
CA GLY A 443 -5.58 -1.27 22.01
C GLY A 443 -5.04 -1.38 23.42
N ASN A 444 -4.12 -0.49 23.77
CA ASN A 444 -3.45 -0.52 25.06
C ASN A 444 -3.35 0.90 25.62
N ILE A 445 -3.83 1.08 26.84
CA ILE A 445 -3.65 2.32 27.59
C ILE A 445 -2.66 2.02 28.71
N GLU A 446 -1.42 2.48 28.55
CA GLU A 446 -0.35 2.09 29.46
C GLU A 446 0.49 3.29 29.84
N TYR A 447 0.91 3.33 31.10
CA TYR A 447 1.84 4.33 31.61
C TYR A 447 3.14 3.65 32.01
N GLN A 448 4.26 4.27 31.67
CA GLN A 448 5.56 3.79 32.08
C GLN A 448 5.76 4.04 33.57
N PRO A 449 6.69 3.32 34.21
CA PRO A 449 7.01 3.62 35.61
C PRO A 449 7.45 5.07 35.77
N GLY A 450 6.97 5.69 36.85
CA GLY A 450 7.25 7.09 37.11
C GLY A 450 6.31 8.06 36.43
N GLN A 451 5.35 7.58 35.64
CA GLN A 451 4.39 8.42 34.94
C GLN A 451 3.03 8.29 35.60
N SER A 452 2.37 9.42 35.85
CA SER A 452 1.06 9.42 36.49
C SER A 452 0.33 10.69 36.09
N PHE A 453 -0.72 10.55 35.28
CA PHE A 453 -1.58 11.66 34.92
C PHE A 453 -2.86 11.10 34.29
N VAL A 454 -3.90 11.94 34.29
CA VAL A 454 -5.18 11.55 33.72
C VAL A 454 -5.04 11.43 32.21
N GLY A 455 -5.52 10.32 31.65
CA GLY A 455 -5.37 10.05 30.24
C GLY A 455 -6.56 10.44 29.39
N PHE A 456 -7.75 10.40 29.98
CA PHE A 456 -8.98 10.75 29.27
C PHE A 456 -9.85 11.61 30.19
N THR A 457 -10.38 12.71 29.66
CA THR A 457 -11.39 13.51 30.34
C THR A 457 -12.61 13.64 29.45
N VAL A 458 -13.79 13.52 30.06
CA VAL A 458 -15.06 13.58 29.35
C VAL A 458 -15.90 14.68 29.97
N ASP A 459 -16.24 15.69 29.18
CA ASP A 459 -16.96 16.86 29.65
C ASP A 459 -18.17 17.14 28.76
N GLY A 460 -19.08 17.97 29.27
CA GLY A 460 -20.25 18.35 28.50
C GLY A 460 -21.13 17.16 28.21
N SER A 461 -21.54 17.01 26.96
CA SER A 461 -22.32 15.86 26.53
C SER A 461 -21.46 14.96 25.64
N SER A 462 -20.23 14.69 26.07
CA SER A 462 -19.33 13.82 25.34
C SER A 462 -19.45 12.38 25.83
N ARG A 463 -18.93 11.45 25.03
CA ARG A 463 -19.10 10.03 25.32
C ARG A 463 -17.83 9.28 24.93
N LEU A 464 -17.38 8.39 25.83
CA LEU A 464 -16.17 7.59 25.62
C LEU A 464 -16.53 6.11 25.74
N SER A 465 -16.04 5.31 24.80
CA SER A 465 -16.28 3.87 24.78
C SER A 465 -14.96 3.16 24.60
N ILE A 466 -14.60 2.31 25.56
CA ILE A 466 -13.36 1.54 25.52
C ILE A 466 -13.73 0.07 25.47
N SER A 467 -13.15 -0.66 24.52
N SER A 467 -13.17 -0.66 24.51
CA SER A 467 -13.53 -2.04 24.26
CA SER A 467 -13.54 -2.05 24.28
C SER A 467 -12.31 -2.88 23.94
C SER A 467 -12.32 -2.89 23.94
N ASP A 468 -12.30 -4.11 24.48
CA ASP A 468 -11.29 -5.12 24.13
C ASP A 468 -9.86 -4.60 24.24
N SER A 469 -9.58 -3.83 25.29
CA SER A 469 -8.29 -3.20 25.46
C SER A 469 -7.74 -3.54 26.84
N THR A 470 -6.45 -3.25 27.02
CA THR A 470 -5.78 -3.37 28.30
C THR A 470 -5.48 -1.98 28.84
N ILE A 471 -5.64 -1.83 30.15
CA ILE A 471 -5.25 -0.62 30.87
C ILE A 471 -4.19 -1.02 31.89
N LEU A 472 -2.97 -0.52 31.71
CA LEU A 472 -1.82 -0.93 32.50
C LEU A 472 -1.26 0.28 33.24
N LEU A 473 -1.26 0.20 34.57
CA LEU A 473 -0.82 1.28 35.42
C LEU A 473 0.40 0.85 36.23
N PRO A 474 1.44 1.67 36.31
CA PRO A 474 2.64 1.29 37.07
C PRO A 474 2.41 1.31 38.58
N ASN A 475 3.45 0.98 39.35
CA ASN A 475 3.28 0.73 40.77
C ASN A 475 2.82 1.96 41.53
N ASP A 476 3.43 3.11 41.27
CA ASP A 476 3.15 4.32 42.02
C ASP A 476 2.20 5.26 41.31
N TYR A 477 1.45 4.77 40.32
CA TYR A 477 0.39 5.57 39.70
C TYR A 477 -0.61 6.00 40.77
N SER A 478 -0.84 7.31 40.87
CA SER A 478 -1.56 7.87 42.01
C SER A 478 -2.85 8.60 41.63
N THR A 479 -3.23 8.65 40.36
CA THR A 479 -4.46 9.32 39.97
C THR A 479 -5.40 8.33 39.28
N VAL A 480 -6.26 8.81 38.39
CA VAL A 480 -7.16 7.94 37.64
C VAL A 480 -6.88 8.11 36.14
N PRO A 481 -6.99 7.07 35.33
CA PRO A 481 -6.78 7.23 33.89
C PRO A 481 -7.93 7.93 33.19
N ILE A 482 -9.14 7.92 33.76
CA ILE A 482 -10.32 8.46 33.11
C ILE A 482 -11.08 9.33 34.11
N VAL A 483 -11.54 10.49 33.65
CA VAL A 483 -12.39 11.38 34.45
C VAL A 483 -13.64 11.68 33.65
N ASN A 484 -14.81 11.48 34.26
CA ASN A 484 -16.10 11.65 33.61
C ASN A 484 -16.87 12.76 34.32
N ASN A 485 -17.11 13.87 33.63
CA ASN A 485 -17.73 15.05 34.21
C ASN A 485 -19.02 15.40 33.48
N GLY A 486 -19.79 16.29 34.10
CA GLY A 486 -20.98 16.85 33.47
C GLY A 486 -21.97 15.78 33.09
N ASP A 487 -22.37 15.78 31.81
N ASP A 487 -22.40 15.78 31.82
CA ASP A 487 -23.27 14.80 31.23
CA ASP A 487 -23.27 14.76 31.29
C ASP A 487 -22.52 13.73 30.44
C ASP A 487 -22.51 13.77 30.41
N GLY A 488 -21.25 13.50 30.75
CA GLY A 488 -20.46 12.57 29.97
C GLY A 488 -20.78 11.12 30.29
N VAL A 489 -20.51 10.26 29.31
CA VAL A 489 -20.74 8.83 29.42
C VAL A 489 -19.42 8.12 29.19
N VAL A 490 -19.09 7.15 30.05
CA VAL A 490 -17.95 6.28 29.87
C VAL A 490 -18.46 4.84 29.92
N SER A 491 -18.07 4.04 28.92
CA SER A 491 -18.48 2.65 28.82
C SER A 491 -17.24 1.79 28.62
N LEU A 492 -17.08 0.77 29.45
CA LEU A 492 -15.98 -0.19 29.33
C LEU A 492 -16.56 -1.55 28.93
N ASN A 493 -15.89 -2.22 28.00
CA ASN A 493 -16.41 -3.46 27.43
C ASN A 493 -15.27 -4.45 27.25
N ASN A 494 -15.28 -5.53 28.04
CA ASN A 494 -14.32 -6.63 27.90
C ASN A 494 -12.88 -6.14 27.95
N CYS A 495 -12.58 -5.31 28.93
CA CYS A 495 -11.27 -4.71 29.08
C CYS A 495 -10.50 -5.34 30.24
N SER A 496 -9.18 -5.44 30.06
CA SER A 496 -8.29 -5.89 31.12
C SER A 496 -7.96 -4.70 32.02
N LEU A 497 -8.35 -4.76 33.29
CA LEU A 497 -8.25 -3.60 34.16
C LEU A 497 -7.32 -3.87 35.32
N PRO A 498 -6.61 -2.83 35.81
CA PRO A 498 -5.70 -2.96 36.97
C PRO A 498 -6.44 -2.84 38.30
N LEU A 499 -7.12 -3.91 38.68
CA LEU A 499 -8.00 -3.89 39.85
C LEU A 499 -7.37 -4.55 41.07
N TYR A 500 -6.18 -5.12 40.95
CA TYR A 500 -5.50 -5.76 42.08
C TYR A 500 -4.04 -5.32 42.14
N GLY A 501 -3.59 -4.92 43.32
CA GLY A 501 -2.17 -4.73 43.55
C GLY A 501 -1.77 -3.40 44.17
N SER A 502 -2.47 -2.33 43.83
CA SER A 502 -2.05 -0.99 44.19
C SER A 502 -2.91 -0.42 45.31
N THR A 503 -2.27 0.34 46.20
CA THR A 503 -2.97 1.13 47.21
C THR A 503 -2.85 2.63 46.95
N THR A 504 -2.24 3.02 45.84
CA THR A 504 -2.02 4.43 45.53
C THR A 504 -2.89 4.95 44.40
N ILE A 505 -3.53 4.07 43.62
CA ILE A 505 -4.43 4.51 42.58
C ILE A 505 -5.50 5.43 43.17
N ALA A 506 -5.81 6.51 42.45
CA ALA A 506 -6.89 7.42 42.82
C ALA A 506 -6.69 8.02 44.21
N THR A 507 -5.46 8.42 44.50
CA THR A 507 -5.18 9.07 45.78
C THR A 507 -5.96 10.38 45.87
N GLY A 508 -6.77 10.50 46.91
CA GLY A 508 -7.57 11.70 47.10
C GLY A 508 -8.91 11.70 46.41
N PHE A 509 -9.25 10.64 45.68
CA PHE A 509 -10.57 10.51 45.08
C PHE A 509 -11.52 9.89 46.12
N ALA A 510 -12.80 9.79 45.74
CA ALA A 510 -13.81 9.30 46.68
C ALA A 510 -13.49 7.89 47.15
N THR A 511 -13.04 7.03 46.24
CA THR A 511 -12.63 5.68 46.54
C THR A 511 -11.39 5.36 45.71
N ARG A 512 -10.82 4.18 45.92
CA ARG A 512 -9.80 3.69 45.01
C ARG A 512 -10.53 3.19 43.76
N GLN A 513 -10.60 4.05 42.75
CA GLN A 513 -11.45 3.82 41.59
C GLN A 513 -10.67 4.13 40.32
N LEU A 514 -11.10 3.53 39.22
CA LEU A 514 -10.44 3.75 37.94
C LEU A 514 -10.99 4.94 37.16
N ILE A 515 -12.24 5.33 37.41
CA ILE A 515 -12.87 6.43 36.70
C ILE A 515 -13.26 7.50 37.71
N GLY A 516 -12.69 8.70 37.56
CA GLY A 516 -13.02 9.83 38.41
C GLY A 516 -14.14 10.67 37.84
N GLY A 517 -14.32 11.83 38.44
CA GLY A 517 -15.38 12.74 38.03
C GLY A 517 -16.71 12.40 38.68
N LEU A 518 -17.67 13.31 38.52
CA LEU A 518 -18.95 13.21 39.20
C LEU A 518 -20.07 12.68 38.32
N SER A 519 -19.85 12.50 37.02
CA SER A 519 -20.90 11.96 36.17
C SER A 519 -21.15 10.49 36.52
N LYS A 520 -22.40 10.16 36.80
CA LYS A 520 -22.78 8.81 37.20
C LYS A 520 -23.04 7.89 36.02
N LYS A 521 -22.94 8.39 34.78
CA LYS A 521 -23.22 7.59 33.59
C LYS A 521 -21.99 6.75 33.28
N ILE A 522 -21.86 5.64 34.01
CA ILE A 522 -20.73 4.73 33.91
C ILE A 522 -21.28 3.34 33.64
N MET A 523 -20.72 2.66 32.64
CA MET A 523 -21.11 1.31 32.30
C MET A 523 -19.86 0.45 32.09
N SER A 524 -19.94 -0.80 32.53
CA SER A 524 -18.84 -1.75 32.38
C SER A 524 -19.41 -3.15 32.31
N ARG A 525 -19.07 -3.88 31.25
CA ARG A 525 -19.47 -5.27 31.13
C ARG A 525 -18.32 -6.08 30.57
N GLY A 526 -18.01 -7.21 31.23
CA GLY A 526 -16.97 -8.10 30.76
C GLY A 526 -15.57 -7.75 31.19
N CYS A 527 -15.39 -6.69 31.97
CA CYS A 527 -14.06 -6.34 32.46
C CYS A 527 -13.67 -7.27 33.60
N TYR A 528 -12.35 -7.35 33.83
CA TYR A 528 -11.79 -8.34 34.74
C TYR A 528 -10.48 -7.81 35.27
N PRO A 529 -10.01 -8.31 36.42
CA PRO A 529 -8.66 -7.97 36.87
C PRO A 529 -7.63 -8.61 35.97
N ARG A 530 -6.62 -7.83 35.59
CA ARG A 530 -5.64 -8.22 34.56
C ARG A 530 -5.18 -9.67 34.70
N ALA A 531 -4.59 -10.01 35.84
CA ALA A 531 -4.03 -11.34 36.06
C ALA A 531 -4.66 -12.02 37.28
N GLY A 532 -5.91 -11.72 37.56
CA GLY A 532 -6.60 -12.34 38.68
C GLY A 532 -6.62 -11.46 39.91
N PHE A 533 -7.06 -12.06 41.01
CA PHE A 533 -7.27 -11.34 42.27
C PHE A 533 -7.06 -12.32 43.41
N ILE A 534 -6.15 -12.00 44.32
CA ILE A 534 -5.94 -12.81 45.52
C ILE A 534 -7.02 -12.41 46.52
N THR A 535 -8.05 -13.25 46.66
CA THR A 535 -9.29 -12.90 47.34
C THR A 535 -9.13 -12.76 48.85
N SER A 536 -7.93 -12.96 49.41
CA SER A 536 -7.67 -12.70 50.81
C SER A 536 -7.01 -11.35 51.05
N ASN A 537 -6.75 -10.59 49.98
CA ASN A 537 -6.08 -9.30 50.10
C ASN A 537 -6.95 -8.17 49.58
N TRP A 538 -8.10 -7.95 50.21
CA TRP A 538 -8.99 -6.86 49.80
C TRP A 538 -8.33 -5.50 49.96
N ASN A 539 -7.31 -5.40 50.82
CA ASN A 539 -6.59 -4.16 51.01
C ASN A 539 -5.87 -3.71 49.74
N LEU A 540 -5.67 -4.59 48.78
CA LEU A 540 -5.03 -4.26 47.51
C LEU A 540 -6.02 -4.14 46.37
N GLY A 541 -7.31 -4.08 46.66
CA GLY A 541 -8.33 -4.05 45.62
C GLY A 541 -8.67 -2.65 45.16
N CYS A 542 -9.11 -2.57 43.90
CA CYS A 542 -9.56 -1.34 43.28
C CYS A 542 -10.85 -1.61 42.54
N ILE A 543 -11.74 -0.63 42.49
CA ILE A 543 -13.01 -0.76 41.82
C ILE A 543 -12.99 0.04 40.52
N VAL A 544 -13.98 -0.20 39.67
CA VAL A 544 -14.12 0.55 38.42
C VAL A 544 -14.66 1.95 38.70
N SER A 545 -15.79 2.03 39.40
CA SER A 545 -16.44 3.31 39.66
C SER A 545 -17.36 3.16 40.87
N PRO A 546 -17.43 4.16 41.75
CA PRO A 546 -18.36 4.07 42.88
C PRO A 546 -19.82 4.25 42.47
N TYR A 547 -20.09 4.62 41.22
CA TYR A 547 -21.45 4.80 40.76
C TYR A 547 -22.05 3.53 40.17
N ILE A 548 -21.23 2.52 39.88
CA ILE A 548 -21.74 1.18 39.59
C ILE A 548 -22.09 0.54 40.93
N ASN A 549 -23.25 0.90 41.48
CA ASN A 549 -23.59 0.54 42.84
C ASN A 549 -25.09 0.29 42.94
N SER A 550 -25.47 -0.96 43.21
CA SER A 550 -26.84 -1.30 43.50
C SER A 550 -27.12 -1.40 45.00
N VAL A 551 -26.10 -1.19 45.83
CA VAL A 551 -26.33 -0.98 47.25
C VAL A 551 -27.13 0.31 47.42
N SER A 552 -28.03 0.31 48.40
CA SER A 552 -28.78 1.49 48.79
C SER A 552 -28.51 1.81 50.25
N ASN A 553 -28.36 3.10 50.55
CA ASN A 553 -27.99 3.54 51.90
C ASN A 553 -26.70 2.87 52.35
N GLY A 554 -25.76 2.73 51.42
CA GLY A 554 -24.50 2.07 51.71
C GLY A 554 -23.53 2.86 52.54
N SER A 555 -23.88 4.10 52.90
CA SER A 555 -22.99 4.94 53.71
C SER A 555 -23.73 5.63 54.84
N GLY A 556 -24.94 5.18 55.17
CA GLY A 556 -25.75 5.83 56.18
C GLY A 556 -26.30 7.18 55.79
N GLN A 557 -26.30 7.51 54.49
CA GLN A 557 -26.78 8.83 54.07
C GLN A 557 -28.25 9.05 54.38
N PHE A 558 -29.02 7.97 54.55
CA PHE A 558 -30.42 8.10 54.96
C PHE A 558 -30.57 8.56 56.40
N GLU A 559 -29.47 8.63 57.16
CA GLU A 559 -29.50 8.90 58.60
C GLU A 559 -30.26 7.82 59.36
N ASN A 560 -30.30 6.61 58.79
CA ASN A 560 -30.85 5.43 59.46
C ASN A 560 -30.16 4.21 58.84
N ILE A 561 -30.63 3.02 59.21
CA ILE A 561 -30.00 1.79 58.72
C ILE A 561 -30.94 1.05 57.79
N SER A 562 -31.76 1.78 57.04
CA SER A 562 -32.58 1.18 56.00
C SER A 562 -31.71 0.34 55.07
N ASN A 563 -32.23 -0.83 54.71
CA ASN A 563 -31.60 -1.85 53.85
C ASN A 563 -30.51 -2.62 54.58
N TRP A 564 -30.30 -2.39 55.88
CA TRP A 564 -29.35 -3.15 56.67
C TRP A 564 -30.07 -3.82 57.83
N THR A 565 -29.50 -4.93 58.29
CA THR A 565 -30.01 -5.65 59.46
C THR A 565 -28.88 -5.88 60.44
N LEU A 566 -29.10 -5.53 61.70
CA LEU A 566 -28.17 -5.81 62.77
C LEU A 566 -28.74 -6.96 63.60
N SER A 567 -28.00 -8.07 63.66
CA SER A 567 -28.44 -9.27 64.36
C SER A 567 -27.43 -9.61 65.43
N GLN A 568 -27.87 -9.57 66.70
CA GLN A 568 -26.96 -9.88 67.80
C GLN A 568 -26.65 -11.37 67.83
N THR A 569 -25.40 -11.71 68.16
CA THR A 569 -24.98 -13.08 68.30
C THR A 569 -24.23 -13.36 69.60
N GLY A 570 -23.96 -12.35 70.42
CA GLY A 570 -23.27 -12.55 71.68
C GLY A 570 -24.06 -12.05 72.87
N THR A 571 -23.37 -11.81 73.98
CA THR A 571 -23.98 -11.16 75.12
C THR A 571 -23.93 -9.64 74.92
N ASP A 572 -24.68 -8.92 75.76
N ASP A 572 -24.69 -8.93 75.75
CA ASP A 572 -24.82 -7.48 75.64
CA ASP A 572 -24.83 -7.48 75.63
C ASP A 572 -25.37 -7.11 74.26
C ASP A 572 -25.34 -7.12 74.24
N VAL A 573 -25.18 -5.86 73.83
CA VAL A 573 -25.73 -5.39 72.56
C VAL A 573 -24.68 -4.60 71.79
N VAL A 574 -24.40 -5.05 70.56
CA VAL A 574 -23.69 -4.20 69.61
C VAL A 574 -24.65 -3.12 69.11
N THR A 575 -24.16 -1.89 69.03
CA THR A 575 -24.97 -0.77 68.57
C THR A 575 -24.47 -0.27 67.22
N VAL A 576 -25.37 0.33 66.46
CA VAL A 576 -25.03 0.94 65.17
C VAL A 576 -25.65 2.33 65.13
N THR A 577 -24.86 3.30 64.67
CA THR A 577 -25.33 4.66 64.43
C THR A 577 -24.81 5.14 63.08
N THR A 578 -25.37 6.26 62.64
CA THR A 578 -24.83 7.00 61.50
C THR A 578 -24.22 8.29 62.02
N GLY A 579 -23.01 8.59 61.57
CA GLY A 579 -22.29 9.77 62.04
C GLY A 579 -21.48 10.42 60.93
N ASN A 580 -20.66 11.41 61.27
CA ASN A 580 -19.92 12.18 60.29
C ASN A 580 -18.47 11.75 60.14
N ASP A 581 -18.10 10.57 60.67
CA ASP A 581 -16.73 10.08 60.62
C ASP A 581 -16.48 9.47 59.24
N VAL A 582 -15.87 10.23 58.34
CA VAL A 582 -15.69 9.80 56.95
C VAL A 582 -14.23 9.96 56.53
N PRO A 583 -13.76 9.20 55.54
CA PRO A 583 -12.41 9.46 55.01
C PRO A 583 -12.34 10.73 54.19
N ASN A 584 -13.44 11.08 53.52
CA ASN A 584 -13.56 12.31 52.75
C ASN A 584 -15.03 12.58 52.54
N ASP A 585 -15.34 13.80 52.10
CA ASP A 585 -16.73 14.20 51.87
C ASP A 585 -17.07 14.30 50.39
N LEU A 586 -16.36 13.55 49.53
CA LEU A 586 -16.52 13.72 48.09
C LEU A 586 -17.84 13.13 47.58
N MET A 587 -18.35 12.10 48.23
CA MET A 587 -19.62 11.49 47.83
C MET A 587 -20.65 11.51 48.96
N PHE A 588 -20.29 11.07 50.15
CA PHE A 588 -21.19 11.06 51.30
C PHE A 588 -20.49 11.69 52.49
N SER A 589 -21.29 12.32 53.36
CA SER A 589 -20.79 12.93 54.57
C SER A 589 -21.09 12.09 55.81
N THR A 590 -21.50 10.83 55.62
CA THR A 590 -21.92 9.97 56.71
C THR A 590 -21.23 8.62 56.62
N SER A 591 -21.24 7.90 57.75
CA SER A 591 -20.74 6.53 57.80
C SER A 591 -21.55 5.77 58.86
N PHE A 592 -21.55 4.45 58.72
CA PHE A 592 -22.05 3.58 59.79
C PHE A 592 -20.95 3.38 60.82
N VAL A 593 -21.34 3.36 62.08
CA VAL A 593 -20.42 3.07 63.18
C VAL A 593 -21.02 1.94 64.00
N LEU A 594 -20.37 0.77 63.96
CA LEU A 594 -20.72 -0.35 64.82
C LEU A 594 -19.81 -0.31 66.05
N SER A 595 -20.39 -0.50 67.23
CA SER A 595 -19.66 -0.42 68.48
C SER A 595 -19.83 -1.71 69.26
N VAL A 596 -18.71 -2.29 69.71
CA VAL A 596 -18.70 -3.50 70.50
C VAL A 596 -18.39 -3.11 71.95
N PRO A 597 -19.37 -3.14 72.85
CA PRO A 597 -19.14 -2.61 74.20
C PRO A 597 -18.36 -3.54 75.12
N THR A 598 -18.50 -4.85 74.93
CA THR A 598 -17.86 -5.83 75.79
C THR A 598 -17.20 -6.91 74.94
N VAL A 599 -16.29 -7.67 75.56
CA VAL A 599 -15.64 -8.76 74.84
C VAL A 599 -16.63 -9.85 74.46
N GLY A 600 -17.77 -9.94 75.15
CA GLY A 600 -18.78 -10.93 74.82
C GLY A 600 -19.76 -10.52 73.75
N ALA A 601 -19.77 -9.25 73.35
CA ALA A 601 -20.71 -8.77 72.36
C ALA A 601 -20.28 -9.19 70.96
N ALA A 602 -21.27 -9.48 70.11
CA ALA A 602 -21.02 -9.85 68.74
C ALA A 602 -22.31 -9.65 67.94
N ALA A 603 -22.16 -9.31 66.67
CA ALA A 603 -23.33 -9.07 65.83
C ALA A 603 -22.93 -9.12 64.37
N ASN A 604 -23.95 -9.35 63.52
CA ASN A 604 -23.82 -9.30 62.07
C ASN A 604 -24.58 -8.08 61.54
N PHE A 605 -23.94 -7.37 60.61
CA PHE A 605 -24.51 -6.18 59.98
C PHE A 605 -24.57 -6.47 58.48
N THR A 606 -25.78 -6.61 57.95
CA THR A 606 -25.98 -7.28 56.66
C THR A 606 -26.88 -6.47 55.75
N GLN A 607 -26.47 -6.35 54.48
CA GLN A 607 -27.35 -5.93 53.39
C GLN A 607 -27.24 -6.93 52.25
N THR A 608 -28.37 -7.24 51.63
CA THR A 608 -28.41 -8.11 50.46
C THR A 608 -28.86 -7.31 49.24
N ILE A 609 -28.26 -7.61 48.09
CA ILE A 609 -28.48 -6.86 46.86
C ILE A 609 -28.88 -7.85 45.77
N ILE A 610 -30.07 -7.67 45.20
CA ILE A 610 -30.54 -8.52 44.12
C ILE A 610 -30.00 -7.99 42.80
N ASP A 611 -28.80 -8.46 42.43
CA ASP A 611 -28.09 -7.98 41.26
C ASP A 611 -26.94 -8.93 40.94
N CYS A 612 -27.25 -10.08 40.36
CA CYS A 612 -26.26 -11.13 40.15
C CYS A 612 -26.43 -11.74 38.76
N GLU A 613 -25.33 -11.80 38.01
CA GLU A 613 -25.28 -12.45 36.71
C GLU A 613 -24.15 -13.48 36.74
N PRO A 614 -24.47 -14.77 36.87
CA PRO A 614 -23.40 -15.78 36.97
C PRO A 614 -22.46 -15.74 35.77
N GLY A 615 -21.16 -15.85 36.06
CA GLY A 615 -20.13 -15.77 35.06
C GLY A 615 -19.56 -14.39 34.83
N ARG A 616 -20.24 -13.35 35.30
CA ARG A 616 -19.78 -11.98 35.17
C ARG A 616 -19.10 -11.54 36.47
N TYR A 617 -18.09 -10.67 36.32
CA TYR A 617 -17.39 -10.15 37.49
C TYR A 617 -18.25 -9.12 38.23
N PHE A 618 -18.07 -9.09 39.54
CA PHE A 618 -18.64 -8.05 40.38
C PHE A 618 -17.52 -7.23 41.00
N GLN A 619 -17.87 -6.03 41.44
CA GLN A 619 -17.00 -5.21 42.27
C GLN A 619 -17.64 -5.03 43.63
N LEU A 620 -16.82 -5.13 44.68
CA LEU A 620 -17.25 -4.89 46.05
C LEU A 620 -16.22 -3.99 46.70
N GLY A 621 -16.67 -2.90 47.33
CA GLY A 621 -15.76 -1.95 47.93
C GLY A 621 -16.37 -1.22 49.10
N PHE A 622 -15.51 -0.72 49.97
CA PHE A 622 -15.92 0.07 51.13
C PHE A 622 -14.69 0.65 51.80
N TRP A 623 -14.88 1.79 52.48
CA TRP A 623 -13.90 2.32 53.42
C TRP A 623 -14.18 1.77 54.80
N ALA A 624 -13.12 1.50 55.55
CA ALA A 624 -13.28 1.01 56.91
C ALA A 624 -12.15 1.51 57.79
N LYS A 625 -12.49 1.78 59.06
CA LYS A 625 -11.54 2.12 60.11
C LYS A 625 -11.93 1.30 61.33
N ASN A 626 -11.12 0.31 61.67
CA ASN A 626 -11.55 -0.79 62.53
C ASN A 626 -10.65 -0.88 63.76
N THR A 627 -11.27 -0.83 64.94
CA THR A 627 -10.56 -1.09 66.20
C THR A 627 -11.10 -2.30 66.95
N THR A 628 -12.10 -3.00 66.40
CA THR A 628 -12.56 -4.26 66.94
C THR A 628 -12.09 -5.39 66.03
N THR A 629 -12.69 -6.57 66.17
CA THR A 629 -12.42 -7.69 65.28
C THR A 629 -13.59 -7.80 64.30
N THR A 630 -13.33 -7.44 63.05
CA THR A 630 -14.37 -7.37 62.03
C THR A 630 -14.03 -8.29 60.88
N LEU A 631 -14.88 -9.30 60.66
CA LEU A 631 -14.78 -10.17 59.49
C LEU A 631 -15.81 -9.71 58.47
N ALA A 632 -15.34 -9.12 57.38
CA ALA A 632 -16.21 -8.78 56.26
C ALA A 632 -16.27 -9.96 55.29
N SER A 633 -17.43 -10.13 54.66
CA SER A 633 -17.59 -11.25 53.76
C SER A 633 -18.69 -10.94 52.75
N ILE A 634 -18.61 -11.62 51.62
CA ILE A 634 -19.67 -11.65 50.62
C ILE A 634 -19.97 -13.11 50.29
N ARG A 635 -21.26 -13.42 50.16
CA ARG A 635 -21.68 -14.73 49.69
C ARG A 635 -22.93 -14.54 48.84
N PHE A 636 -23.18 -15.51 47.98
CA PHE A 636 -24.26 -15.42 47.00
C PHE A 636 -25.32 -16.47 47.32
N LEU A 637 -26.57 -16.03 47.37
CA LEU A 637 -27.69 -16.89 47.72
C LEU A 637 -28.63 -17.03 46.53
N ASP A 638 -29.32 -18.15 46.46
CA ASP A 638 -30.32 -18.35 45.42
C ASP A 638 -31.65 -17.74 45.88
N GLN A 639 -32.70 -17.95 45.10
CA GLN A 639 -33.99 -17.35 45.42
C GLN A 639 -34.61 -17.94 46.68
N GLN A 640 -34.10 -19.09 47.15
CA GLN A 640 -34.58 -19.70 48.39
C GLN A 640 -33.65 -19.46 49.56
N GLY A 641 -32.62 -18.63 49.39
CA GLY A 641 -31.73 -18.29 50.47
C GLY A 641 -30.58 -19.25 50.69
N ASN A 642 -30.43 -20.27 49.85
CA ASN A 642 -29.29 -21.18 49.97
C ASN A 642 -28.03 -20.53 49.42
N ALA A 643 -26.93 -20.68 50.15
CA ALA A 643 -25.63 -20.30 49.59
C ALA A 643 -25.28 -21.24 48.45
N VAL A 644 -24.87 -20.66 47.32
CA VAL A 644 -24.52 -21.45 46.14
C VAL A 644 -23.03 -21.66 45.99
N ALA A 645 -22.22 -21.06 46.88
CA ALA A 645 -20.78 -21.23 46.86
C ALA A 645 -20.23 -20.79 48.20
N ASP A 646 -18.98 -21.16 48.46
CA ASP A 646 -18.34 -20.74 49.70
C ASP A 646 -18.24 -19.22 49.76
N SER A 647 -18.48 -18.67 50.95
CA SER A 647 -18.33 -17.23 51.12
C SER A 647 -16.86 -16.84 51.03
N ILE A 648 -16.63 -15.58 50.68
CA ILE A 648 -15.30 -15.01 50.62
C ILE A 648 -15.16 -14.01 51.77
N GLY A 649 -14.28 -14.32 52.71
CA GLY A 649 -14.14 -13.50 53.90
C GLY A 649 -12.84 -12.74 53.98
N TYR A 650 -12.83 -11.63 54.71
CA TYR A 650 -11.63 -10.82 54.86
C TYR A 650 -11.62 -10.19 56.23
N ASN A 651 -10.60 -10.50 57.03
CA ASN A 651 -10.41 -9.88 58.33
C ASN A 651 -9.83 -8.48 58.14
N ILE A 652 -10.57 -7.47 58.58
CA ILE A 652 -10.16 -6.08 58.38
C ILE A 652 -9.07 -5.73 59.38
N PRO A 653 -7.93 -5.21 58.93
CA PRO A 653 -6.84 -4.89 59.87
C PRO A 653 -7.25 -3.85 60.91
N VAL A 654 -6.66 -3.96 62.09
CA VAL A 654 -6.93 -3.04 63.18
C VAL A 654 -6.06 -1.81 63.04
N GLY A 655 -6.63 -0.65 63.33
CA GLY A 655 -5.88 0.59 63.25
C GLY A 655 -6.80 1.77 63.45
N ASN A 656 -6.21 2.96 63.37
CA ASN A 656 -6.91 4.21 63.62
C ASN A 656 -6.98 5.11 62.39
N THR A 657 -6.85 4.54 61.19
CA THR A 657 -6.95 5.30 59.95
C THR A 657 -7.95 4.64 59.03
N PHE A 658 -8.56 5.45 58.16
CA PHE A 658 -9.43 4.93 57.11
C PHE A 658 -8.59 4.33 55.99
N ASN A 659 -9.04 3.19 55.48
CA ASN A 659 -8.42 2.55 54.33
C ASN A 659 -9.52 1.98 53.45
N PHE A 660 -9.24 1.91 52.15
CA PHE A 660 -10.20 1.38 51.19
C PHE A 660 -9.90 -0.08 50.91
N TYR A 661 -10.96 -0.88 50.86
CA TYR A 661 -10.86 -2.31 50.61
C TYR A 661 -11.79 -2.66 49.46
N ALA A 662 -11.37 -3.61 48.63
CA ALA A 662 -12.18 -3.98 47.48
C ALA A 662 -11.90 -5.43 47.10
N LEU A 663 -12.93 -6.08 46.58
CA LEU A 663 -12.84 -7.44 46.04
C LEU A 663 -13.48 -7.46 44.67
N VAL A 664 -12.77 -8.02 43.69
CA VAL A 664 -13.29 -8.22 42.35
C VAL A 664 -13.19 -9.70 42.03
N ASP A 665 -14.34 -10.34 41.83
CA ASP A 665 -14.38 -11.77 41.56
C ASP A 665 -15.59 -12.06 40.68
N CYS A 666 -15.79 -13.33 40.37
CA CYS A 666 -16.80 -13.76 39.41
C CYS A 666 -18.03 -14.28 40.15
N VAL A 667 -19.20 -13.85 39.68
CA VAL A 667 -20.47 -14.29 40.28
C VAL A 667 -20.66 -15.78 40.01
N PRO A 668 -20.96 -16.59 41.02
CA PRO A 668 -21.04 -18.04 40.83
C PRO A 668 -22.38 -18.45 40.25
N PRO A 669 -22.47 -19.65 39.67
CA PRO A 669 -23.76 -20.13 39.16
C PRO A 669 -24.80 -20.22 40.28
N GLY A 670 -26.06 -20.01 39.89
CA GLY A 670 -27.17 -20.04 40.82
C GLY A 670 -27.36 -18.79 41.64
N ALA A 671 -26.45 -17.82 41.54
CA ALA A 671 -26.54 -16.63 42.38
C ALA A 671 -27.74 -15.77 41.99
N TYR A 672 -28.53 -15.39 42.99
CA TYR A 672 -29.65 -14.47 42.83
C TYR A 672 -29.44 -13.16 43.57
N ARG A 673 -28.93 -13.21 44.80
CA ARG A 673 -28.67 -12.01 45.59
C ARG A 673 -27.30 -12.12 46.25
N ALA A 674 -26.57 -11.02 46.26
CA ALA A 674 -25.30 -10.94 46.99
C ALA A 674 -25.58 -10.49 48.41
N GLU A 675 -24.87 -11.09 49.37
CA GLU A 675 -25.03 -10.77 50.79
C GLU A 675 -23.72 -10.19 51.30
N ILE A 676 -23.75 -8.90 51.65
CA ILE A 676 -22.61 -8.22 52.25
C ILE A 676 -22.80 -8.25 53.76
N ASN A 677 -21.82 -8.79 54.48
CA ASN A 677 -21.94 -8.92 55.93
C ASN A 677 -20.67 -8.47 56.62
N PHE A 678 -20.86 -7.75 57.74
CA PHE A 678 -19.78 -7.40 58.64
C PHE A 678 -20.08 -8.05 60.00
N ASN A 679 -19.17 -8.89 60.46
CA ASN A 679 -19.29 -9.52 61.77
C ASN A 679 -18.28 -8.87 62.71
N VAL A 680 -18.77 -8.29 63.79
CA VAL A 680 -17.94 -7.62 64.79
C VAL A 680 -18.04 -8.40 66.09
N SER A 681 -16.93 -8.50 66.81
CA SER A 681 -16.88 -9.35 68.01
C SER A 681 -15.54 -9.13 68.72
N SER A 682 -15.41 -9.78 69.88
CA SER A 682 -14.15 -10.12 70.52
C SER A 682 -13.47 -8.95 71.24
N ILE A 683 -13.30 -7.82 70.58
CA ILE A 683 -12.49 -6.74 71.09
C ILE A 683 -13.36 -5.51 71.31
N VAL A 684 -13.27 -4.93 72.51
CA VAL A 684 -13.98 -3.69 72.81
C VAL A 684 -13.45 -2.59 71.91
N GLY A 685 -14.34 -2.00 71.13
CA GLY A 685 -13.98 -0.99 70.14
C GLY A 685 -15.10 -0.83 69.13
N GLY A 686 -14.72 -0.45 67.93
CA GLY A 686 -15.73 -0.26 66.89
C GLY A 686 -15.11 -0.21 65.51
N ILE A 687 -15.98 -0.04 64.52
CA ILE A 687 -15.57 0.11 63.13
C ILE A 687 -16.49 1.11 62.46
N ALA A 688 -15.91 2.06 61.73
CA ALA A 688 -16.65 2.97 60.88
C ALA A 688 -16.62 2.43 59.46
N ILE A 689 -17.79 2.33 58.83
CA ILE A 689 -17.94 1.76 57.50
C ILE A 689 -18.53 2.83 56.59
N HIS A 690 -17.86 3.08 55.47
CA HIS A 690 -18.19 4.22 54.60
C HIS A 690 -18.28 3.77 53.14
N ASN A 691 -19.35 4.19 52.48
CA ASN A 691 -19.52 4.04 51.03
C ASN A 691 -19.38 2.58 50.59
N VAL A 692 -20.29 1.74 51.07
CA VAL A 692 -20.33 0.35 50.64
C VAL A 692 -20.84 0.29 49.21
N ILE A 693 -20.14 -0.46 48.37
CA ILE A 693 -20.37 -0.48 46.92
C ILE A 693 -20.41 -1.92 46.44
N TYR A 694 -21.43 -2.25 45.65
CA TYR A 694 -21.49 -3.54 44.96
C TYR A 694 -22.19 -3.36 43.62
N GLY A 695 -21.61 -3.95 42.58
CA GLY A 695 -22.20 -3.91 41.25
C GLY A 695 -21.43 -4.80 40.30
N LEU A 696 -22.02 -5.00 39.12
CA LEU A 696 -21.45 -5.86 38.11
C LEU A 696 -20.64 -5.03 37.11
N ILE A 697 -19.50 -5.58 36.66
CA ILE A 697 -18.60 -4.85 35.78
C ILE A 697 -18.30 -5.63 34.51
N GLY B 1 52.13 18.60 -70.35
CA GLY B 1 51.94 18.42 -71.77
C GLY B 1 50.53 17.96 -72.13
N SER B 2 50.42 17.18 -73.19
CA SER B 2 49.13 16.65 -73.64
C SER B 2 48.92 15.20 -73.19
N GLY B 3 49.79 14.29 -73.65
CA GLY B 3 49.70 12.91 -73.22
C GLY B 3 50.17 12.68 -71.80
N SER B 4 51.04 13.56 -71.28
CA SER B 4 51.52 13.43 -69.91
C SER B 4 50.49 13.89 -68.89
N THR B 5 49.63 14.85 -69.26
CA THR B 5 48.59 15.32 -68.35
C THR B 5 47.60 14.21 -68.03
N LEU B 6 47.20 13.43 -69.04
CA LEU B 6 46.28 12.33 -68.80
C LEU B 6 46.90 11.27 -67.90
N ARG B 7 48.21 11.05 -68.03
N ARG B 7 48.21 11.04 -68.05
CA ARG B 7 48.89 10.08 -67.17
CA ARG B 7 48.90 10.09 -67.18
C ARG B 7 48.93 10.55 -65.72
C ARG B 7 48.87 10.56 -65.73
N GLU B 8 49.03 11.86 -65.50
CA GLU B 8 49.04 12.38 -64.14
C GLU B 8 47.66 12.30 -63.51
N VAL B 9 46.60 12.48 -64.29
CA VAL B 9 45.24 12.29 -63.78
C VAL B 9 45.00 10.82 -63.49
N ALA B 10 45.52 9.93 -64.33
CA ALA B 10 45.33 8.50 -64.14
C ALA B 10 45.93 8.02 -62.83
N ARG B 11 47.05 8.63 -62.40
CA ARG B 11 47.66 8.22 -61.14
C ARG B 11 46.81 8.64 -59.95
N VAL B 12 46.20 9.82 -60.02
CA VAL B 12 45.39 10.31 -58.91
C VAL B 12 44.07 9.54 -58.82
N THR B 13 43.49 9.20 -59.97
CA THR B 13 42.22 8.48 -60.00
C THR B 13 42.38 6.96 -60.03
N ASN B 14 43.62 6.46 -60.14
CA ASN B 14 43.91 5.03 -60.11
C ASN B 14 43.23 4.29 -61.25
N VAL B 15 43.25 4.88 -62.44
CA VAL B 15 42.84 4.21 -63.66
C VAL B 15 44.03 4.16 -64.60
N LYS B 16 43.88 3.40 -65.68
CA LYS B 16 44.95 3.30 -66.66
C LYS B 16 45.01 4.55 -67.53
N ASP B 17 46.20 4.79 -68.10
CA ASP B 17 46.40 5.97 -68.93
C ASP B 17 45.37 6.06 -70.05
N THR B 18 45.05 4.92 -70.66
CA THR B 18 44.13 4.87 -71.79
C THR B 18 42.67 5.00 -71.38
N GLU B 19 42.38 5.18 -70.09
CA GLU B 19 41.02 5.33 -69.61
C GLU B 19 40.70 6.77 -69.20
N VAL B 20 41.63 7.70 -69.39
CA VAL B 20 41.40 9.12 -69.18
C VAL B 20 41.31 9.80 -70.54
N ILE B 21 40.38 10.74 -70.66
CA ILE B 21 40.17 11.46 -71.91
C ILE B 21 39.89 12.93 -71.59
N TYR B 22 40.47 13.82 -72.37
CA TYR B 22 40.09 15.22 -72.30
C TYR B 22 38.64 15.40 -72.71
N PHE B 23 37.98 16.38 -72.12
CA PHE B 23 36.68 16.77 -72.64
C PHE B 23 36.86 17.57 -73.93
N SER B 24 36.08 17.21 -74.95
CA SER B 24 35.99 18.01 -76.15
C SER B 24 34.67 17.69 -76.82
N VAL B 25 34.12 18.67 -77.53
CA VAL B 25 32.86 18.46 -78.23
C VAL B 25 33.03 17.36 -79.26
N GLY B 26 32.13 16.38 -79.23
CA GLY B 26 32.17 15.27 -80.15
C GLY B 26 33.03 14.10 -79.72
N ALA B 27 33.76 14.23 -78.61
CA ALA B 27 34.63 13.15 -78.16
C ALA B 27 33.82 11.94 -77.72
N VAL B 28 34.23 10.76 -78.17
CA VAL B 28 33.55 9.53 -77.78
C VAL B 28 33.87 9.23 -76.32
N LEU B 29 32.82 9.09 -75.51
CA LEU B 29 32.99 8.87 -74.08
C LEU B 29 32.93 7.41 -73.68
N SER B 30 32.37 6.54 -74.51
CA SER B 30 32.33 5.12 -74.21
C SER B 30 33.74 4.55 -74.16
N GLY B 31 33.94 3.57 -73.27
CA GLY B 31 35.24 2.95 -73.10
C GLY B 31 36.20 3.70 -72.20
N TYR B 32 35.80 4.85 -71.68
CA TYR B 32 36.65 5.66 -70.80
C TYR B 32 36.02 5.75 -69.42
N LYS B 33 36.85 6.02 -68.43
CA LYS B 33 36.42 6.06 -67.03
C LYS B 33 36.52 7.43 -66.40
N VAL B 34 37.47 8.27 -66.81
CA VAL B 34 37.70 9.58 -66.22
C VAL B 34 37.78 10.61 -67.34
N ILE B 35 37.08 11.73 -67.15
CA ILE B 35 37.14 12.86 -68.07
C ILE B 35 37.87 13.99 -67.39
N TYR B 36 38.65 14.74 -68.16
CA TYR B 36 39.42 15.86 -67.63
C TYR B 36 38.99 17.15 -68.32
N ASP B 37 38.71 18.17 -67.53
CA ASP B 37 38.25 19.47 -68.03
C ASP B 37 39.46 20.39 -68.11
N LYS B 38 39.89 20.70 -69.34
CA LYS B 38 41.07 21.53 -69.52
C LYS B 38 40.87 22.94 -68.96
N VAL B 39 39.63 23.45 -69.01
CA VAL B 39 39.38 24.82 -68.57
C VAL B 39 39.46 24.93 -67.05
N THR B 40 38.64 24.13 -66.35
CA THR B 40 38.64 24.16 -64.89
C THR B 40 39.78 23.36 -64.28
N GLN B 41 40.46 22.53 -65.07
CA GLN B 41 41.54 21.66 -64.58
C GLN B 41 41.05 20.75 -63.45
N ARG B 42 39.89 20.14 -63.69
CA ARG B 42 39.30 19.17 -62.77
C ARG B 42 39.02 17.87 -63.52
N SER B 43 39.04 16.77 -62.78
CA SER B 43 38.75 15.46 -63.34
C SER B 43 37.55 14.86 -62.64
N TYR B 44 36.81 14.01 -63.38
CA TYR B 44 35.62 13.38 -62.86
C TYR B 44 35.50 11.99 -63.47
N PHE B 45 35.17 11.01 -62.63
CA PHE B 45 34.71 9.74 -63.15
C PHE B 45 33.40 9.95 -63.90
N ILE B 46 33.20 9.17 -64.94
CA ILE B 46 31.97 9.24 -65.73
C ILE B 46 31.31 7.86 -65.66
N PRO B 47 30.00 7.80 -65.86
CA PRO B 47 29.33 6.50 -65.92
C PRO B 47 29.66 5.77 -67.21
N GLU B 48 29.39 4.47 -67.21
CA GLU B 48 29.55 3.67 -68.41
C GLU B 48 28.43 4.00 -69.39
N LEU B 49 28.79 4.63 -70.50
CA LEU B 49 27.83 5.07 -71.50
C LEU B 49 27.79 4.10 -72.67
N PRO B 50 26.67 4.06 -73.40
CA PRO B 50 26.57 3.15 -74.55
C PRO B 50 27.65 3.44 -75.59
N THR B 51 28.03 2.40 -76.32
CA THR B 51 29.10 2.50 -77.30
C THR B 51 28.78 3.56 -78.35
N GLY B 52 29.72 4.47 -78.56
CA GLY B 52 29.55 5.54 -79.52
C GLY B 52 28.99 6.84 -78.97
N THR B 53 28.65 6.88 -77.69
CA THR B 53 28.15 8.11 -77.09
C THR B 53 29.22 9.19 -77.14
N THR B 54 28.84 10.39 -77.55
CA THR B 54 29.76 11.49 -77.73
C THR B 54 29.43 12.62 -76.76
N ALA B 55 30.46 13.37 -76.37
CA ALA B 55 30.28 14.50 -75.48
C ALA B 55 29.66 15.69 -76.21
N VAL B 56 28.84 16.45 -75.50
CA VAL B 56 28.21 17.65 -76.04
C VAL B 56 28.71 18.89 -75.31
N SER B 57 28.53 18.95 -74.00
CA SER B 57 28.97 20.10 -73.23
C SER B 57 29.32 19.65 -71.81
N LEU B 58 30.18 20.45 -71.17
CA LEU B 58 30.54 20.23 -69.77
C LEU B 58 30.67 21.59 -69.10
N SER B 59 29.80 21.85 -68.13
CA SER B 59 29.70 23.16 -67.51
C SER B 59 30.69 23.28 -66.35
N SER B 60 30.84 24.52 -65.86
CA SER B 60 31.69 24.78 -64.70
C SER B 60 31.10 24.23 -63.41
N SER B 61 29.83 23.83 -63.42
CA SER B 61 29.23 23.12 -62.30
C SER B 61 29.30 21.61 -62.47
N ALA B 62 30.11 21.14 -63.41
CA ALA B 62 30.33 19.71 -63.65
C ALA B 62 29.08 19.00 -64.14
N ILE B 63 28.28 19.70 -64.95
CA ILE B 63 27.14 19.09 -65.63
C ILE B 63 27.61 18.66 -67.01
N LEU B 64 27.59 17.36 -67.26
CA LEU B 64 27.96 16.80 -68.55
C LEU B 64 26.71 16.48 -69.35
N VAL B 65 26.63 17.03 -70.56
CA VAL B 65 25.62 16.66 -71.54
C VAL B 65 26.30 15.84 -72.62
N HIS B 66 25.67 14.72 -72.99
CA HIS B 66 26.19 13.87 -74.05
C HIS B 66 25.05 13.43 -74.94
N SER B 67 25.38 12.68 -75.99
CA SER B 67 24.39 12.32 -77.01
C SER B 67 23.31 11.38 -76.50
N ALA B 68 23.47 10.81 -75.31
CA ALA B 68 22.49 9.87 -74.77
C ALA B 68 21.83 10.37 -73.49
N GLY B 69 22.10 11.59 -73.08
CA GLY B 69 21.50 12.12 -71.87
C GLY B 69 22.44 13.12 -71.19
N SER B 70 22.37 13.16 -69.86
CA SER B 70 23.16 14.10 -69.08
C SER B 70 23.37 13.52 -67.69
N VAL B 71 24.36 14.08 -66.98
CA VAL B 71 24.71 13.59 -65.65
C VAL B 71 25.42 14.70 -64.90
N ASP B 72 25.14 14.80 -63.60
CA ASP B 72 25.85 15.70 -62.71
C ASP B 72 27.11 14.98 -62.23
N LEU B 73 28.24 15.27 -62.87
CA LEU B 73 29.49 14.61 -62.51
C LEU B 73 29.93 14.97 -61.10
N GLY B 74 29.59 16.17 -60.64
CA GLY B 74 29.89 16.52 -59.26
C GLY B 74 29.13 15.67 -58.26
N ALA B 75 27.84 15.42 -58.53
CA ALA B 75 27.05 14.57 -57.65
C ALA B 75 27.55 13.13 -57.69
N LEU B 76 27.91 12.64 -58.88
CA LEU B 76 28.49 11.30 -58.99
C LEU B 76 29.78 11.21 -58.17
N ALA B 77 30.57 12.28 -58.16
CA ALA B 77 31.80 12.29 -57.37
C ALA B 77 31.49 12.24 -55.88
N VAL B 78 30.44 12.92 -55.45
CA VAL B 78 30.03 12.87 -54.05
C VAL B 78 29.70 11.44 -53.65
N SER B 79 28.91 10.75 -54.49
CA SER B 79 28.55 9.36 -54.21
C SER B 79 29.78 8.46 -54.15
N ARG B 80 30.86 8.84 -54.81
CA ARG B 80 32.11 8.10 -54.78
C ARG B 80 33.10 8.66 -53.77
N GLU B 81 32.69 9.65 -52.98
CA GLU B 81 33.54 10.27 -51.96
C GLU B 81 34.82 10.83 -52.57
N GLU B 82 34.69 11.46 -53.73
CA GLU B 82 35.81 12.06 -54.45
C GLU B 82 35.60 13.57 -54.41
N TYR B 83 36.33 14.24 -53.51
CA TYR B 83 36.10 15.63 -53.18
C TYR B 83 37.31 16.50 -53.53
N VAL B 84 37.02 17.79 -53.71
CA VAL B 84 38.05 18.82 -53.87
C VAL B 84 37.92 19.77 -52.70
N THR B 85 39.01 19.94 -51.95
CA THR B 85 39.04 20.88 -50.83
C THR B 85 39.56 22.21 -51.34
N LEU B 86 38.67 23.21 -51.40
CA LEU B 86 39.06 24.53 -51.87
C LEU B 86 40.03 25.19 -50.91
N SER B 87 40.80 26.14 -51.43
CA SER B 87 41.68 26.93 -50.59
C SER B 87 40.86 27.85 -49.69
N GLY B 88 41.47 28.27 -48.60
CA GLY B 88 40.80 29.15 -47.66
C GLY B 88 39.83 28.41 -46.76
N THR B 89 39.00 29.20 -46.08
CA THR B 89 38.03 28.68 -45.13
C THR B 89 36.71 29.43 -45.32
N PHE B 90 35.75 29.15 -44.42
CA PHE B 90 34.55 29.97 -44.36
C PHE B 90 34.88 31.40 -43.98
N ASP B 91 35.86 31.59 -43.10
CA ASP B 91 36.22 32.92 -42.64
C ASP B 91 36.81 33.76 -43.76
N SER B 92 37.60 33.15 -44.64
CA SER B 92 38.20 33.87 -45.75
C SER B 92 37.24 34.04 -46.92
N GLY B 93 36.21 33.22 -47.01
CA GLY B 93 35.29 33.28 -48.13
C GLY B 93 35.78 32.47 -49.32
N ALA B 94 34.85 32.01 -50.15
CA ALA B 94 35.17 31.21 -51.33
C ALA B 94 33.92 31.16 -52.21
N VAL B 95 34.08 30.52 -53.37
CA VAL B 95 32.97 30.30 -54.31
C VAL B 95 32.87 28.80 -54.57
N ILE B 96 31.70 28.23 -54.31
CA ILE B 96 31.44 26.82 -54.57
C ILE B 96 30.82 26.70 -55.96
N ASN B 97 31.44 25.90 -56.82
CA ASN B 97 30.93 25.70 -58.17
C ASN B 97 30.37 24.31 -58.42
N THR B 98 30.87 23.28 -57.75
CA THR B 98 30.42 21.91 -57.94
C THR B 98 29.94 21.34 -56.63
N LYS B 99 29.25 20.19 -56.73
CA LYS B 99 28.72 19.51 -55.55
C LYS B 99 29.81 18.77 -54.77
N ASN B 100 30.97 18.52 -55.38
CA ASN B 100 32.04 17.78 -54.71
C ASN B 100 33.16 18.68 -54.21
N GLU B 101 32.93 19.98 -54.13
CA GLU B 101 33.88 20.90 -53.54
C GLU B 101 33.59 21.07 -52.05
N LEU B 102 34.65 21.11 -51.25
CA LEU B 102 34.54 21.24 -49.81
C LEU B 102 35.13 22.56 -49.34
N LEU B 103 34.48 23.19 -48.36
CA LEU B 103 34.98 24.39 -47.71
C LEU B 103 35.25 24.07 -46.25
N THR B 104 36.43 24.45 -45.77
CA THR B 104 36.88 24.08 -44.44
C THR B 104 36.38 25.09 -43.41
N HIS B 105 35.86 24.58 -42.30
CA HIS B 105 35.53 25.38 -41.13
C HIS B 105 36.36 24.89 -39.94
N THR B 106 36.23 25.59 -38.81
CA THR B 106 37.05 25.28 -37.65
C THR B 106 36.77 23.87 -37.12
N ASP B 107 35.56 23.37 -37.31
CA ASP B 107 35.20 22.04 -36.81
C ASP B 107 35.25 20.95 -37.87
N GLY B 108 35.39 21.31 -39.14
CA GLY B 108 35.45 20.31 -40.18
C GLY B 108 35.09 20.92 -41.52
N LYS B 109 34.82 20.03 -42.48
CA LYS B 109 34.55 20.40 -43.86
C LYS B 109 33.07 20.24 -44.19
N TYR B 110 32.63 20.98 -45.19
CA TYR B 110 31.24 20.97 -45.63
C TYR B 110 31.17 21.09 -47.14
N ARG B 111 30.15 20.45 -47.71
CA ARG B 111 29.78 20.61 -49.11
C ARG B 111 28.42 21.29 -49.21
N TRP B 112 28.18 21.92 -50.35
CA TRP B 112 26.96 22.69 -50.56
C TRP B 112 25.93 21.82 -51.28
N ASP B 113 24.76 21.65 -50.67
CA ASP B 113 23.70 20.81 -51.19
C ASP B 113 22.62 21.60 -51.93
N GLY B 114 22.80 22.90 -52.09
CA GLY B 114 21.76 23.73 -52.71
C GLY B 114 22.10 24.23 -54.09
N THR B 115 21.60 25.42 -54.42
CA THR B 115 21.81 25.97 -55.75
C THR B 115 23.27 26.38 -55.96
N LEU B 116 23.78 26.11 -57.16
CA LEU B 116 25.13 26.46 -57.57
C LEU B 116 25.09 27.50 -58.69
N PRO B 117 26.09 28.39 -58.76
CA PRO B 117 27.22 28.50 -57.82
C PRO B 117 26.82 29.11 -56.49
N LYS B 118 27.69 28.96 -55.48
CA LYS B 118 27.44 29.45 -54.14
C LYS B 118 28.61 30.32 -53.73
N THR B 119 28.33 31.61 -53.51
CA THR B 119 29.35 32.55 -53.07
C THR B 119 29.34 32.66 -51.55
N VAL B 120 30.52 32.55 -50.96
CA VAL B 120 30.71 32.67 -49.51
C VAL B 120 31.53 33.92 -49.25
N ALA B 121 30.96 34.86 -48.51
CA ALA B 121 31.66 36.11 -48.22
C ALA B 121 32.65 35.90 -47.07
N ALA B 122 33.59 36.84 -46.96
CA ALA B 122 34.56 36.78 -45.88
C ALA B 122 33.88 36.89 -44.53
N GLY B 123 34.47 36.24 -43.53
CA GLY B 123 33.89 36.25 -42.20
C GLY B 123 32.60 35.48 -42.09
N SER B 124 32.39 34.47 -42.93
CA SER B 124 31.17 33.68 -42.91
C SER B 124 31.35 32.44 -42.04
N THR B 125 30.23 31.83 -41.70
CA THR B 125 30.14 30.53 -41.06
C THR B 125 29.04 29.75 -41.77
N PRO B 126 29.01 28.43 -41.59
CA PRO B 126 27.86 27.66 -42.12
C PRO B 126 26.52 28.19 -41.65
N ALA B 127 26.43 28.63 -40.39
CA ALA B 127 25.16 29.07 -39.84
C ALA B 127 24.67 30.36 -40.50
N THR B 128 25.58 31.21 -40.94
CA THR B 128 25.20 32.50 -41.51
C THR B 128 25.11 32.50 -43.04
N THR B 129 25.46 31.39 -43.69
CA THR B 129 25.37 31.29 -45.15
C THR B 129 24.40 30.21 -45.59
N GLY B 130 23.45 29.82 -44.74
CA GLY B 130 22.43 28.88 -45.15
C GLY B 130 22.09 27.83 -44.10
N GLY B 131 22.93 27.69 -43.08
CA GLY B 131 22.72 26.67 -42.09
C GLY B 131 23.22 25.31 -42.55
N VAL B 132 23.01 24.31 -41.70
CA VAL B 132 23.47 22.95 -41.95
C VAL B 132 22.25 22.06 -42.11
N GLY B 133 22.17 21.37 -43.24
CA GLY B 133 21.06 20.47 -43.50
C GLY B 133 20.84 20.30 -44.98
N SER B 134 19.88 19.44 -45.31
CA SER B 134 19.58 19.13 -46.70
C SER B 134 19.24 20.40 -47.47
N GLY B 135 19.83 20.55 -48.65
CA GLY B 135 19.71 21.75 -49.43
C GLY B 135 20.60 22.89 -49.00
N ALA B 136 21.37 22.72 -47.92
CA ALA B 136 22.30 23.74 -47.47
C ALA B 136 23.69 23.12 -47.32
N TRP B 137 24.34 23.37 -46.19
CA TRP B 137 25.65 22.78 -45.93
C TRP B 137 25.50 21.40 -45.34
N LEU B 138 26.30 20.45 -45.85
CA LEU B 138 26.34 19.09 -45.34
C LEU B 138 27.78 18.75 -44.98
N SER B 139 27.98 18.21 -43.79
CA SER B 139 29.32 17.93 -43.29
C SER B 139 29.91 16.70 -43.96
N VAL B 140 31.21 16.76 -44.23
CA VAL B 140 31.93 15.70 -44.92
C VAL B 140 33.25 15.44 -44.19
N GLY B 141 33.60 14.18 -44.01
CA GLY B 141 34.91 13.81 -43.51
C GLY B 141 34.88 13.39 -42.06
N ASP B 142 36.02 12.83 -41.65
N ASP B 142 36.01 12.81 -41.63
CA ASP B 142 36.14 12.27 -40.30
CA ASP B 142 36.09 12.27 -40.28
C ASP B 142 36.10 13.36 -39.24
C ASP B 142 36.09 13.38 -39.22
N ALA B 143 36.75 14.50 -39.51
CA ALA B 143 36.80 15.58 -38.52
C ALA B 143 35.43 16.16 -38.24
N SER B 144 34.62 16.34 -39.28
N SER B 144 34.63 16.38 -39.29
CA SER B 144 33.27 16.89 -39.07
CA SER B 144 33.27 16.86 -39.09
C SER B 144 32.38 15.88 -38.35
C SER B 144 32.43 15.87 -38.31
N LEU B 145 32.53 14.59 -38.66
CA LEU B 145 31.75 13.57 -37.98
C LEU B 145 32.12 13.49 -36.50
N LYS B 146 33.42 13.42 -36.21
CA LYS B 146 33.88 13.40 -34.83
C LYS B 146 33.43 14.65 -34.08
N SER B 147 33.50 15.81 -34.74
CA SER B 147 33.10 17.06 -34.09
C SER B 147 31.59 17.09 -33.86
N ASN B 148 30.80 16.58 -34.81
CA ASN B 148 29.35 16.56 -34.64
C ASN B 148 28.95 15.63 -33.49
N LEU B 149 29.61 14.48 -33.38
CA LEU B 149 29.30 13.55 -32.31
C LEU B 149 29.62 14.15 -30.93
N ASN B 150 30.63 14.99 -30.86
CA ASN B 150 31.05 15.58 -29.59
C ASN B 150 30.27 16.84 -29.23
N LYS B 151 29.40 17.32 -30.11
CA LYS B 151 28.56 18.46 -29.79
C LYS B 151 27.58 18.09 -28.67
N PRO B 152 27.09 19.09 -27.92
CA PRO B 152 26.13 18.79 -26.85
C PRO B 152 24.91 18.01 -27.31
N ASN B 153 24.50 18.14 -28.57
CA ASN B 153 23.42 17.36 -29.15
C ASN B 153 23.95 16.18 -29.96
N GLY B 154 25.12 15.66 -29.60
CA GLY B 154 25.76 14.65 -30.42
C GLY B 154 24.96 13.38 -30.56
N LEU B 155 24.13 13.05 -29.57
CA LEU B 155 23.31 11.83 -29.66
C LEU B 155 22.38 11.86 -30.86
N SER B 156 21.96 13.06 -31.29
CA SER B 156 21.04 13.18 -32.42
C SER B 156 21.64 12.68 -33.73
N TYR B 157 22.94 12.41 -33.78
CA TYR B 157 23.57 11.83 -34.96
C TYR B 157 23.54 10.31 -34.97
N ILE B 158 22.99 9.69 -33.92
CA ILE B 158 22.80 8.24 -33.88
C ILE B 158 21.39 7.95 -34.36
N GLY B 159 21.25 6.98 -35.26
CA GLY B 159 19.94 6.61 -35.75
C GLY B 159 19.11 5.87 -34.71
N THR B 160 17.79 5.88 -34.94
CA THR B 160 16.84 5.33 -33.98
C THR B 160 15.76 4.55 -34.73
N VAL B 161 15.03 3.73 -33.97
CA VAL B 161 13.87 3.01 -34.46
C VAL B 161 12.62 3.76 -34.01
N SER B 162 11.75 4.09 -34.97
CA SER B 162 10.67 5.04 -34.69
C SER B 162 9.55 4.41 -33.86
N SER B 163 9.29 3.12 -34.03
CA SER B 163 8.12 2.52 -33.40
C SER B 163 8.31 1.01 -33.29
N VAL B 164 7.40 0.39 -32.54
CA VAL B 164 7.41 -1.07 -32.38
C VAL B 164 7.13 -1.75 -33.72
N SER B 165 6.22 -1.16 -34.51
CA SER B 165 5.89 -1.76 -35.81
C SER B 165 7.10 -1.82 -36.72
N GLU B 166 7.95 -0.80 -36.67
CA GLU B 166 9.19 -0.84 -37.44
C GLU B 166 10.17 -1.85 -36.85
N LEU B 167 10.09 -2.10 -35.55
CA LEU B 167 11.07 -2.96 -34.87
C LEU B 167 11.06 -4.37 -35.43
N SER B 168 9.92 -4.84 -35.95
CA SER B 168 9.83 -6.20 -36.47
C SER B 168 10.70 -6.43 -37.69
N SER B 169 11.12 -5.37 -38.38
CA SER B 169 11.96 -5.49 -39.56
C SER B 169 13.42 -5.16 -39.30
N ILE B 170 13.78 -4.86 -38.04
CA ILE B 170 15.15 -4.52 -37.69
C ILE B 170 15.88 -5.81 -37.29
N ALA B 171 16.96 -6.11 -38.01
CA ALA B 171 17.78 -7.28 -37.71
C ALA B 171 18.96 -6.88 -36.81
N GLY B 172 19.69 -7.89 -36.35
CA GLY B 172 20.86 -7.62 -35.54
C GLY B 172 21.48 -8.92 -35.05
N LEU B 173 22.68 -8.78 -34.51
CA LEU B 173 23.34 -9.88 -33.83
C LEU B 173 22.98 -9.86 -32.35
N ILE B 174 23.12 -11.03 -31.71
CA ILE B 174 22.81 -11.13 -30.29
C ILE B 174 23.67 -10.15 -29.51
N GLY B 175 23.02 -9.32 -28.70
CA GLY B 175 23.71 -8.32 -27.92
C GLY B 175 23.72 -6.93 -28.52
N ASP B 176 23.31 -6.78 -29.78
CA ASP B 176 23.20 -5.46 -30.38
C ASP B 176 22.23 -4.59 -29.58
N SER B 177 22.59 -3.33 -29.39
CA SER B 177 21.74 -2.37 -28.70
C SER B 177 21.27 -1.30 -29.67
N ILE B 178 19.99 -0.97 -29.60
CA ILE B 178 19.39 0.03 -30.48
C ILE B 178 18.50 0.95 -29.66
N ILE B 179 18.16 2.09 -30.23
CA ILE B 179 17.32 3.09 -29.59
C ILE B 179 15.92 3.00 -30.17
N LEU B 180 14.94 2.77 -29.30
CA LEU B 180 13.54 2.81 -29.68
C LEU B 180 12.94 4.13 -29.21
N ASP B 181 12.47 4.94 -30.16
CA ASP B 181 11.95 6.26 -29.81
C ASP B 181 10.66 6.17 -29.00
N SER B 182 9.76 5.27 -29.40
CA SER B 182 8.41 5.25 -28.87
C SER B 182 7.76 3.94 -29.28
N TYR B 183 6.72 3.54 -28.54
CA TYR B 183 5.93 2.39 -28.97
C TYR B 183 5.19 2.71 -30.26
N VAL B 184 4.42 3.80 -30.26
CA VAL B 184 3.70 4.26 -31.44
C VAL B 184 4.42 5.49 -31.98
N ASP B 185 4.51 5.57 -33.30
CA ASP B 185 5.35 6.58 -33.95
C ASP B 185 4.95 7.99 -33.54
N GLY B 186 5.94 8.77 -33.11
CA GLY B 186 5.78 10.20 -32.90
C GLY B 186 5.23 10.62 -31.55
N PHE B 187 4.96 9.68 -30.65
CA PHE B 187 4.35 10.00 -29.37
C PHE B 187 5.34 10.17 -28.22
N ASN B 188 6.58 9.75 -28.40
CA ASN B 188 7.61 9.84 -27.35
C ASN B 188 7.15 9.16 -26.07
N LEU B 189 6.59 7.96 -26.20
CA LEU B 189 6.08 7.21 -25.06
C LEU B 189 6.42 5.73 -25.25
N GLY B 190 6.93 5.12 -24.18
CA GLY B 190 7.18 3.69 -24.19
C GLY B 190 8.42 3.24 -24.94
N GLY B 191 9.31 4.15 -25.31
CA GLY B 191 10.54 3.78 -25.96
C GLY B 191 11.58 3.27 -24.97
N GLY B 192 12.80 3.17 -25.44
CA GLY B 192 13.91 2.75 -24.61
C GLY B 192 14.98 2.06 -25.43
N VAL B 193 16.09 1.76 -24.75
CA VAL B 193 17.18 1.00 -25.36
C VAL B 193 16.80 -0.48 -25.41
N MET B 194 16.85 -1.07 -26.59
CA MET B 194 16.50 -2.46 -26.79
C MET B 194 17.77 -3.26 -27.10
N VAL B 195 17.75 -4.54 -26.72
CA VAL B 195 18.88 -5.43 -26.94
C VAL B 195 18.37 -6.70 -27.61
N ALA B 196 19.17 -7.23 -28.53
CA ALA B 196 18.76 -8.41 -29.31
C ALA B 196 19.02 -9.69 -28.52
N VAL B 197 17.98 -10.51 -28.40
CA VAL B 197 18.09 -11.80 -27.72
C VAL B 197 17.64 -12.90 -28.68
N ASN B 198 17.67 -14.14 -28.21
CA ASN B 198 17.40 -15.27 -29.08
C ASN B 198 16.00 -15.17 -29.69
N SER B 199 15.87 -15.63 -30.94
N SER B 199 15.87 -15.63 -30.94
CA SER B 199 14.61 -15.54 -31.66
CA SER B 199 14.60 -15.53 -31.65
C SER B 199 13.53 -16.43 -31.06
C SER B 199 13.51 -16.37 -31.00
N ASP B 200 13.88 -17.36 -30.18
CA ASP B 200 12.89 -18.19 -29.51
C ASP B 200 12.36 -17.56 -28.23
N THR B 201 12.80 -16.35 -27.90
CA THR B 201 12.33 -15.67 -26.70
C THR B 201 10.84 -15.39 -26.82
N VAL B 202 10.12 -15.62 -25.72
CA VAL B 202 8.69 -15.29 -25.68
C VAL B 202 8.51 -13.79 -25.86
N VAL B 203 7.64 -13.41 -26.79
CA VAL B 203 7.32 -12.02 -27.06
C VAL B 203 6.03 -11.68 -26.34
N ASP B 204 6.06 -10.62 -25.53
CA ASP B 204 4.88 -10.15 -24.82
C ASP B 204 4.42 -8.78 -25.27
N ASN B 205 5.18 -8.12 -26.16
CA ASN B 205 4.85 -6.78 -26.67
C ASN B 205 4.74 -5.76 -25.54
N ILE B 206 5.51 -5.98 -24.46
CA ILE B 206 5.65 -5.02 -23.37
C ILE B 206 7.14 -4.87 -23.09
N VAL B 207 7.79 -6.01 -22.85
CA VAL B 207 9.22 -6.06 -22.61
C VAL B 207 9.98 -6.61 -23.82
N THR B 208 9.44 -7.64 -24.46
CA THR B 208 10.06 -8.28 -25.60
C THR B 208 9.19 -8.07 -26.84
N PHE B 209 9.85 -7.91 -27.99
CA PHE B 209 9.15 -7.59 -29.22
C PHE B 209 9.77 -8.37 -30.37
N GLN B 210 8.95 -8.67 -31.37
CA GLN B 210 9.41 -9.39 -32.55
C GLN B 210 10.44 -8.57 -33.31
N GLY B 211 11.51 -9.22 -33.75
CA GLY B 211 12.49 -8.59 -34.60
C GLY B 211 12.71 -9.38 -35.87
N ASN B 212 13.69 -8.98 -36.68
CA ASN B 212 14.00 -9.66 -37.93
C ASN B 212 15.18 -10.59 -37.68
N GLY B 213 14.88 -11.84 -37.35
CA GLY B 213 15.90 -12.81 -37.01
C GLY B 213 16.31 -12.82 -35.56
N VAL B 214 15.80 -11.88 -34.75
CA VAL B 214 16.06 -11.82 -33.32
C VAL B 214 14.77 -11.39 -32.63
N VAL B 215 14.82 -11.34 -31.30
CA VAL B 215 13.80 -10.69 -30.48
C VAL B 215 14.45 -9.51 -29.79
N TRP B 216 13.73 -8.40 -29.71
CA TRP B 216 14.22 -7.19 -29.07
C TRP B 216 13.62 -7.07 -27.69
N LYS B 217 14.49 -6.96 -26.68
CA LYS B 217 14.08 -6.87 -25.29
C LYS B 217 14.55 -5.55 -24.71
N ARG B 218 13.71 -4.96 -23.85
CA ARG B 218 14.09 -3.73 -23.15
C ARG B 218 15.36 -3.99 -22.33
N LYS B 219 16.41 -3.25 -22.66
CA LYS B 219 17.73 -3.53 -22.07
C LYS B 219 17.77 -3.18 -20.59
N LEU B 220 17.04 -2.17 -20.16
CA LEU B 220 17.12 -1.64 -18.80
C LEU B 220 15.78 -1.69 -18.09
N PHE B 221 15.04 -2.79 -18.26
CA PHE B 221 13.74 -2.93 -17.66
C PHE B 221 13.87 -3.26 -16.18
N ASN B 222 13.12 -2.54 -15.34
CA ASN B 222 13.24 -2.67 -13.89
C ASN B 222 12.21 -3.62 -13.29
N GLY B 223 11.40 -4.28 -14.12
CA GLY B 223 10.39 -5.19 -13.64
C GLY B 223 9.00 -4.59 -13.52
N VAL B 224 8.87 -3.27 -13.64
CA VAL B 224 7.60 -2.57 -13.46
C VAL B 224 7.05 -2.20 -14.83
N ALA B 225 5.89 -2.75 -15.17
CA ALA B 225 5.27 -2.52 -16.47
C ALA B 225 4.14 -1.50 -16.32
N ASP B 226 4.19 -0.46 -17.16
CA ASP B 226 3.12 0.54 -17.22
C ASP B 226 2.49 0.54 -18.60
N VAL B 227 1.35 1.25 -18.71
CA VAL B 227 0.57 1.20 -19.94
C VAL B 227 1.30 1.86 -21.10
N TYR B 228 2.21 2.81 -20.82
CA TYR B 228 2.99 3.43 -21.88
C TYR B 228 3.87 2.39 -22.58
N GLU B 229 4.52 1.52 -21.80
CA GLU B 229 5.35 0.48 -22.37
C GLU B 229 4.54 -0.54 -23.15
N ALA B 230 3.23 -0.61 -22.92
CA ALA B 230 2.36 -1.55 -23.63
C ALA B 230 1.69 -0.93 -24.86
N GLY B 231 1.89 0.36 -25.11
CA GLY B 231 1.40 1.01 -26.32
C GLY B 231 0.40 2.12 -26.10
N TYR B 232 0.07 2.50 -24.88
CA TYR B 232 -0.88 3.59 -24.68
C TYR B 232 -0.26 4.93 -25.06
N THR B 233 -1.01 5.74 -25.80
CA THR B 233 -0.50 6.99 -26.35
C THR B 233 -1.11 8.23 -25.73
N GLY B 234 -1.93 8.09 -24.69
CA GLY B 234 -2.65 9.22 -24.15
C GLY B 234 -4.02 9.43 -24.75
N THR B 235 -4.43 8.61 -25.70
CA THR B 235 -5.76 8.65 -26.28
C THR B 235 -6.19 7.23 -26.59
N GLY B 236 -7.48 7.05 -26.79
CA GLY B 236 -8.03 5.73 -27.07
C GLY B 236 -8.43 5.00 -25.80
N ASP B 237 -8.57 3.69 -25.95
CA ASP B 237 -9.15 2.85 -24.90
C ASP B 237 -8.06 2.38 -23.95
N LEU B 238 -8.03 2.95 -22.75
CA LEU B 238 -7.04 2.54 -21.76
C LEU B 238 -7.26 1.11 -21.29
N ALA B 239 -8.50 0.61 -21.37
CA ALA B 239 -8.80 -0.73 -20.90
C ALA B 239 -8.08 -1.79 -21.73
N ILE B 240 -7.79 -1.50 -23.00
CA ILE B 240 -7.07 -2.45 -23.85
C ILE B 240 -5.70 -2.75 -23.26
N PHE B 241 -5.01 -1.73 -22.77
CA PHE B 241 -3.65 -1.90 -22.28
C PHE B 241 -3.62 -2.41 -20.85
N ILE B 242 -4.66 -2.13 -20.08
CA ILE B 242 -4.80 -2.78 -18.77
C ILE B 242 -4.99 -4.28 -18.95
N ASN B 243 -5.89 -4.67 -19.86
CA ASN B 243 -6.09 -6.08 -20.16
C ASN B 243 -4.82 -6.73 -20.66
N LYS B 244 -4.08 -6.04 -21.53
CA LYS B 244 -2.90 -6.62 -22.16
C LYS B 244 -1.81 -6.94 -21.15
N ILE B 245 -1.52 -5.98 -20.26
CA ILE B 245 -0.43 -6.17 -19.30
C ILE B 245 -0.78 -7.29 -18.32
N ASN B 246 -2.02 -7.29 -17.80
CA ASN B 246 -2.41 -8.33 -16.86
C ASN B 246 -2.39 -9.70 -17.50
N ALA B 247 -2.82 -9.79 -18.77
CA ALA B 247 -2.83 -11.08 -19.46
C ALA B 247 -1.43 -11.62 -19.68
N VAL B 248 -0.42 -10.76 -19.73
CA VAL B 248 0.96 -11.22 -19.93
C VAL B 248 1.53 -11.76 -18.63
N GLY B 249 1.21 -11.14 -17.49
CA GLY B 249 1.69 -11.62 -16.21
C GLY B 249 2.53 -10.62 -15.46
N PHE B 250 2.23 -9.33 -15.62
CA PHE B 250 2.87 -8.26 -14.86
C PHE B 250 1.82 -7.50 -14.06
N ASP B 251 2.26 -6.91 -12.96
CA ASP B 251 1.50 -5.82 -12.36
C ASP B 251 1.26 -4.75 -13.42
N CYS B 252 0.05 -4.21 -13.46
CA CYS B 252 -0.29 -3.17 -14.43
C CYS B 252 -0.32 -1.82 -13.71
N ILE B 253 0.61 -0.94 -14.09
CA ILE B 253 0.70 0.39 -13.51
C ILE B 253 0.07 1.38 -14.49
N VAL B 254 -0.91 2.13 -14.01
CA VAL B 254 -1.60 3.12 -14.83
C VAL B 254 -1.32 4.50 -14.24
N PRO B 255 -0.29 5.21 -14.69
CA PRO B 255 0.05 6.50 -14.10
C PRO B 255 -0.61 7.67 -14.82
N VAL B 256 -1.80 7.44 -15.37
CA VAL B 256 -2.45 8.40 -16.23
C VAL B 256 -3.95 8.17 -16.17
N SER B 257 -4.72 9.23 -16.42
CA SER B 257 -6.16 9.14 -16.54
C SER B 257 -6.57 9.05 -18.01
N GLY B 258 -7.73 8.46 -18.25
CA GLY B 258 -8.19 8.30 -19.61
C GLY B 258 -9.59 7.74 -19.68
N GLU B 259 -9.96 7.25 -20.86
CA GLU B 259 -11.27 6.68 -21.10
C GLU B 259 -11.16 5.18 -21.29
N ILE B 260 -12.18 4.45 -20.80
CA ILE B 260 -12.25 3.00 -20.92
C ILE B 260 -13.52 2.63 -21.69
N THR B 261 -13.43 1.61 -22.53
CA THR B 261 -14.56 1.17 -23.33
C THR B 261 -14.74 -0.35 -23.25
N THR B 262 -13.76 -1.10 -23.73
CA THR B 262 -13.85 -2.55 -23.68
C THR B 262 -13.80 -3.01 -22.22
N PRO B 263 -14.56 -4.04 -21.85
CA PRO B 263 -14.55 -4.50 -20.46
C PRO B 263 -13.17 -4.95 -20.02
N ILE B 264 -12.83 -4.63 -18.78
CA ILE B 264 -11.55 -5.00 -18.20
C ILE B 264 -11.68 -6.38 -17.58
N ILE B 265 -10.68 -7.22 -17.82
CA ILE B 265 -10.57 -8.53 -17.17
C ILE B 265 -9.30 -8.49 -16.32
N PHE B 266 -9.48 -8.47 -15.01
CA PHE B 266 -8.37 -8.35 -14.06
C PHE B 266 -8.20 -9.68 -13.34
N ASP B 267 -7.12 -10.39 -13.68
CA ASP B 267 -6.83 -11.71 -13.14
C ASP B 267 -5.80 -11.57 -12.04
N ILE B 268 -6.21 -11.84 -10.79
CA ILE B 268 -5.30 -11.68 -9.66
C ILE B 268 -4.20 -12.71 -9.64
N ALA B 269 -4.32 -13.78 -10.43
CA ALA B 269 -3.23 -14.75 -10.53
C ALA B 269 -2.05 -14.23 -11.34
N LYS B 270 -2.26 -13.15 -12.10
CA LYS B 270 -1.24 -12.68 -13.03
C LYS B 270 -0.59 -11.35 -12.64
N GLY B 271 -1.19 -10.60 -11.74
CA GLY B 271 -0.57 -9.37 -11.29
C GLY B 271 -1.56 -8.48 -10.57
N ALA B 272 -1.03 -7.35 -10.09
CA ALA B 272 -1.83 -6.34 -9.43
C ALA B 272 -2.25 -5.25 -10.41
N LEU B 273 -3.18 -4.41 -9.97
CA LEU B 273 -3.62 -3.24 -10.73
C LEU B 273 -3.35 -2.02 -9.88
N ILE B 274 -2.50 -1.12 -10.38
CA ILE B 274 -1.96 -0.02 -9.59
C ILE B 274 -2.15 1.27 -10.37
N GLY B 275 -2.93 2.19 -9.81
CA GLY B 275 -3.10 3.52 -10.38
C GLY B 275 -2.21 4.52 -9.69
N LYS B 276 -1.72 5.48 -10.46
CA LYS B 276 -0.86 6.55 -9.95
C LYS B 276 -1.34 7.87 -10.55
N ASN B 277 -0.87 8.97 -9.95
CA ASN B 277 -1.16 10.33 -10.43
C ASN B 277 -2.67 10.57 -10.55
N LYS B 278 -3.39 10.22 -9.48
CA LYS B 278 -4.84 10.43 -9.39
C LYS B 278 -5.60 9.67 -10.48
N CYS B 279 -5.08 8.51 -10.88
CA CYS B 279 -5.62 7.72 -11.99
C CYS B 279 -7.14 7.64 -12.00
N THR B 280 -7.75 8.25 -13.01
CA THR B 280 -9.21 8.29 -13.16
C THR B 280 -9.58 7.68 -14.50
N LEU B 281 -10.37 6.61 -14.47
CA LEU B 281 -10.82 5.92 -15.68
C LEU B 281 -12.27 6.29 -15.93
N ILE B 282 -12.51 7.07 -16.97
CA ILE B 282 -13.84 7.59 -17.29
C ILE B 282 -14.43 6.73 -18.40
N GLU B 283 -15.58 6.11 -18.12
CA GLU B 283 -16.21 5.25 -19.10
C GLU B 283 -16.76 6.08 -20.27
N SER B 284 -16.43 5.65 -21.49
CA SER B 284 -16.89 6.34 -22.68
C SER B 284 -18.38 6.13 -22.89
N ALA B 285 -18.98 7.01 -23.70
CA ALA B 285 -20.41 6.89 -24.00
C ALA B 285 -20.72 5.61 -24.78
N SER B 286 -19.77 5.15 -25.59
CA SER B 286 -20.00 3.98 -26.44
C SER B 286 -19.78 2.66 -25.73
N ALA B 287 -19.29 2.67 -24.49
CA ALA B 287 -19.01 1.43 -23.78
C ALA B 287 -20.30 0.66 -23.56
N THR B 288 -20.26 -0.64 -23.90
CA THR B 288 -21.42 -1.51 -23.80
C THR B 288 -21.08 -2.73 -22.95
N GLY B 289 -22.04 -3.63 -22.80
CA GLY B 289 -21.92 -4.76 -21.92
C GLY B 289 -22.44 -4.45 -20.53
N ASP B 290 -22.56 -5.50 -19.73
CA ASP B 290 -23.06 -5.36 -18.36
C ASP B 290 -21.95 -5.04 -17.36
N TYR B 291 -20.70 -5.24 -17.73
CA TYR B 291 -19.58 -5.09 -16.80
C TYR B 291 -18.48 -4.26 -17.43
N TYR B 292 -17.94 -3.32 -16.65
CA TYR B 292 -16.74 -2.59 -17.05
C TYR B 292 -15.47 -3.21 -16.51
N LEU B 293 -15.59 -4.06 -15.48
CA LEU B 293 -14.44 -4.70 -14.85
C LEU B 293 -14.91 -6.00 -14.22
N THR B 294 -14.19 -7.08 -14.50
CA THR B 294 -14.45 -8.38 -13.89
C THR B 294 -13.15 -8.89 -13.28
N ILE B 295 -13.20 -9.26 -12.00
CA ILE B 295 -12.03 -9.73 -11.27
C ILE B 295 -12.13 -11.24 -11.16
N VAL B 296 -11.14 -11.94 -11.70
CA VAL B 296 -11.14 -13.39 -11.77
C VAL B 296 -9.82 -13.92 -11.21
N ASN B 297 -9.72 -15.25 -11.17
CA ASN B 297 -8.50 -15.96 -10.78
C ASN B 297 -8.45 -17.22 -11.65
N THR B 298 -7.63 -17.20 -12.69
CA THR B 298 -7.53 -18.34 -13.59
C THR B 298 -6.82 -19.53 -12.95
N ASP B 299 -6.23 -19.36 -11.78
CA ASP B 299 -5.59 -20.46 -11.06
C ASP B 299 -6.65 -21.19 -10.24
N THR B 300 -7.03 -22.39 -10.69
CA THR B 300 -8.01 -23.21 -9.99
C THR B 300 -7.35 -24.25 -9.10
N ASP B 301 -6.04 -24.19 -8.94
CA ASP B 301 -5.31 -25.16 -8.13
C ASP B 301 -5.34 -24.76 -6.66
N TYR B 302 -5.49 -25.76 -5.78
CA TYR B 302 -5.51 -25.47 -4.35
C TYR B 302 -4.14 -24.98 -3.86
N THR B 303 -3.07 -25.63 -4.31
CA THR B 303 -1.74 -25.33 -3.78
C THR B 303 -1.35 -23.88 -4.05
N ASN B 304 -1.69 -23.36 -5.23
CA ASN B 304 -1.29 -22.02 -5.59
C ASN B 304 -2.24 -20.93 -5.08
N ARG B 305 -3.40 -21.31 -4.54
CA ARG B 305 -4.40 -20.31 -4.16
C ARG B 305 -3.86 -19.35 -3.11
N ASP B 306 -3.38 -19.88 -1.98
CA ASP B 306 -2.87 -19.02 -0.92
C ASP B 306 -1.67 -18.21 -1.39
N VAL B 307 -0.81 -18.82 -2.22
CA VAL B 307 0.34 -18.10 -2.75
C VAL B 307 -0.09 -16.93 -3.61
N ILE B 308 -1.10 -17.16 -4.45
CA ILE B 308 -1.55 -16.12 -5.37
C ILE B 308 -2.32 -15.04 -4.63
N ASN B 309 -3.25 -15.44 -3.77
CA ASN B 309 -4.19 -14.51 -3.16
C ASN B 309 -3.56 -13.64 -2.07
N ALA B 310 -2.46 -14.08 -1.47
CA ALA B 310 -1.83 -13.31 -0.41
C ALA B 310 -1.37 -11.94 -0.88
N THR B 311 -0.93 -11.84 -2.14
CA THR B 311 -0.44 -10.58 -2.69
C THR B 311 -1.48 -9.85 -3.54
N ALA B 312 -2.69 -10.41 -3.70
CA ALA B 312 -3.69 -9.84 -4.58
C ALA B 312 -4.01 -8.41 -4.19
N LEU B 313 -3.92 -7.49 -5.16
CA LEU B 313 -4.01 -6.07 -4.86
C LEU B 313 -4.56 -5.29 -6.04
N MET B 314 -5.51 -4.39 -5.76
CA MET B 314 -5.95 -3.35 -6.69
C MET B 314 -6.00 -2.05 -5.91
N THR B 315 -5.31 -1.02 -6.40
CA THR B 315 -5.19 0.19 -5.60
C THR B 315 -5.04 1.42 -6.49
N GLY B 316 -5.55 2.54 -5.99
CA GLY B 316 -5.27 3.84 -6.56
C GLY B 316 -6.00 4.20 -7.83
N VAL B 317 -7.19 3.66 -8.06
CA VAL B 317 -7.94 3.88 -9.30
C VAL B 317 -9.36 4.34 -8.96
N SER B 318 -9.80 5.42 -9.59
CA SER B 318 -11.18 5.86 -9.51
C SER B 318 -11.85 5.62 -10.85
N PHE B 319 -12.97 4.89 -10.83
CA PHE B 319 -13.77 4.63 -12.02
C PHE B 319 -14.97 5.58 -12.03
N VAL B 320 -15.16 6.27 -13.15
CA VAL B 320 -16.29 7.17 -13.34
C VAL B 320 -17.18 6.56 -14.42
N GLY B 321 -18.27 5.93 -14.01
CA GLY B 321 -19.16 5.29 -14.95
C GLY B 321 -20.27 6.22 -15.43
N LYS B 322 -21.13 5.67 -16.28
CA LYS B 322 -22.34 6.36 -16.73
C LYS B 322 -23.59 5.63 -16.26
N GLY B 323 -23.48 4.77 -15.25
CA GLY B 323 -24.62 4.16 -14.62
C GLY B 323 -25.19 2.93 -15.29
N THR B 324 -24.45 2.31 -16.21
CA THR B 324 -24.96 1.16 -16.94
C THR B 324 -24.19 -0.13 -16.71
N ARG B 325 -22.94 -0.07 -16.26
CA ARG B 325 -22.09 -1.25 -16.19
C ARG B 325 -21.63 -1.49 -14.76
N LYS B 326 -21.47 -2.77 -14.42
CA LYS B 326 -21.17 -3.21 -13.06
C LYS B 326 -19.72 -3.69 -12.96
N LEU B 327 -19.29 -3.86 -11.72
CA LEU B 327 -18.02 -4.52 -11.41
C LEU B 327 -18.34 -5.90 -10.88
N ALA B 328 -17.80 -6.93 -11.53
CA ALA B 328 -18.04 -8.31 -11.13
C ALA B 328 -16.81 -8.88 -10.43
N ILE B 329 -17.05 -9.68 -9.39
CA ILE B 329 -15.99 -10.35 -8.65
C ILE B 329 -16.31 -11.83 -8.62
N GLY B 330 -15.42 -12.65 -9.18
CA GLY B 330 -15.61 -14.09 -9.20
C GLY B 330 -16.13 -14.62 -10.51
N GLY B 331 -16.80 -15.76 -10.45
CA GLY B 331 -17.34 -16.41 -11.64
C GLY B 331 -17.43 -17.90 -11.42
N SER B 332 -18.39 -18.52 -12.10
CA SER B 332 -18.60 -19.96 -11.95
C SER B 332 -17.42 -20.77 -12.49
N THR B 333 -16.73 -20.24 -13.49
CA THR B 333 -15.55 -20.90 -14.05
C THR B 333 -14.25 -20.33 -13.50
N SER B 334 -14.33 -19.34 -12.62
CA SER B 334 -13.14 -18.73 -12.05
C SER B 334 -12.66 -19.52 -10.83
N GLY B 335 -11.36 -19.47 -10.60
CA GLY B 335 -10.83 -19.89 -9.33
C GLY B 335 -11.25 -18.94 -8.22
N GLU B 336 -10.93 -19.31 -6.99
CA GLU B 336 -11.39 -18.54 -5.85
C GLU B 336 -10.72 -17.17 -5.81
N VAL B 337 -11.54 -16.13 -5.86
CA VAL B 337 -11.08 -14.75 -5.71
C VAL B 337 -11.28 -14.39 -4.25
N SER B 338 -10.21 -14.50 -3.46
CA SER B 338 -10.28 -14.23 -2.03
C SER B 338 -8.99 -13.54 -1.60
N GLU B 339 -9.07 -12.91 -0.42
CA GLU B 339 -7.95 -12.16 0.17
C GLU B 339 -7.48 -11.04 -0.75
N LEU B 340 -8.38 -10.50 -1.57
CA LEU B 340 -8.06 -9.40 -2.47
C LEU B 340 -8.22 -8.08 -1.73
N ARG B 341 -7.16 -7.27 -1.70
CA ARG B 341 -7.25 -5.93 -1.17
C ARG B 341 -7.58 -4.96 -2.31
N ILE B 342 -8.72 -4.30 -2.20
CA ILE B 342 -9.09 -3.19 -3.06
C ILE B 342 -8.99 -1.94 -2.21
N SER B 343 -7.93 -1.16 -2.39
CA SER B 343 -7.62 -0.05 -1.51
C SER B 343 -7.51 1.24 -2.30
N ASN B 344 -7.96 2.34 -1.68
CA ASN B 344 -7.83 3.68 -2.24
C ASN B 344 -8.42 3.75 -3.66
N CYS B 345 -9.60 3.18 -3.81
CA CYS B 345 -10.27 3.11 -5.11
C CYS B 345 -11.64 3.76 -5.03
N GLY B 346 -12.06 4.33 -6.14
CA GLY B 346 -13.37 4.95 -6.25
C GLY B 346 -14.22 4.26 -7.31
N PHE B 347 -15.49 4.03 -6.97
CA PHE B 347 -16.45 3.40 -7.87
C PHE B 347 -17.66 4.32 -7.92
N ILE B 348 -17.60 5.31 -8.80
CA ILE B 348 -18.53 6.44 -8.81
C ILE B 348 -19.41 6.34 -10.04
N SER B 349 -20.72 6.51 -9.85
CA SER B 349 -21.70 6.53 -10.93
C SER B 349 -21.68 5.25 -11.75
N THR B 350 -21.44 4.12 -11.10
CA THR B 350 -21.49 2.82 -11.75
C THR B 350 -22.86 2.18 -11.52
N ALA B 351 -23.04 0.97 -12.05
CA ALA B 351 -24.25 0.21 -11.85
C ALA B 351 -24.13 -0.78 -10.69
N GLY B 352 -23.06 -0.71 -9.91
CA GLY B 352 -22.92 -1.47 -8.69
C GLY B 352 -21.77 -2.46 -8.75
N ILE B 353 -21.57 -3.13 -7.61
CA ILE B 353 -20.59 -4.20 -7.47
C ILE B 353 -21.35 -5.49 -7.27
N GLU B 354 -21.08 -6.49 -8.11
CA GLU B 354 -21.81 -7.74 -8.09
C GLU B 354 -20.86 -8.88 -7.74
N PHE B 355 -21.20 -9.64 -6.70
CA PHE B 355 -20.43 -10.81 -6.31
C PHE B 355 -20.96 -12.03 -7.04
N LEU B 356 -20.05 -12.76 -7.71
CA LEU B 356 -20.39 -14.00 -8.38
C LEU B 356 -19.89 -15.16 -7.53
N ASP B 357 -19.89 -16.37 -8.12
CA ASP B 357 -19.40 -17.53 -7.42
C ASP B 357 -17.92 -17.37 -7.08
N ASN B 358 -17.49 -18.06 -6.01
CA ASN B 358 -16.09 -18.19 -5.65
C ASN B 358 -15.44 -16.84 -5.31
N ALA B 359 -16.19 -15.95 -4.67
CA ALA B 359 -15.69 -14.64 -4.28
C ALA B 359 -16.00 -14.43 -2.80
N TYR B 360 -14.96 -14.40 -1.97
CA TYR B 360 -15.16 -14.22 -0.54
C TYR B 360 -13.94 -13.55 0.06
N ARG B 361 -14.10 -13.05 1.29
CA ARG B 361 -13.02 -12.41 2.04
C ARG B 361 -12.33 -11.32 1.21
N ILE B 362 -13.14 -10.52 0.53
CA ILE B 362 -12.66 -9.34 -0.18
C ILE B 362 -12.54 -8.19 0.82
N LEU B 363 -11.45 -7.44 0.74
CA LEU B 363 -11.19 -6.31 1.64
C LEU B 363 -11.25 -5.01 0.85
N PHE B 364 -12.34 -4.27 1.00
CA PHE B 364 -12.44 -2.92 0.45
C PHE B 364 -11.82 -1.98 1.49
N ASP B 365 -10.58 -1.55 1.22
CA ASP B 365 -9.76 -0.82 2.20
C ASP B 365 -9.76 0.66 1.82
N LYS B 366 -10.69 1.40 2.41
CA LYS B 366 -10.86 2.84 2.18
C LYS B 366 -11.19 3.12 0.71
N CYS B 367 -12.43 2.76 0.35
CA CYS B 367 -12.94 2.97 -0.99
C CYS B 367 -14.19 3.82 -0.94
N ALA B 368 -14.53 4.40 -2.10
CA ALA B 368 -15.78 5.13 -2.27
C ALA B 368 -16.68 4.35 -3.22
N LEU B 369 -17.94 4.18 -2.82
CA LEU B 369 -18.97 3.56 -3.65
C LEU B 369 -20.16 4.51 -3.58
N SER B 370 -20.24 5.43 -4.55
CA SER B 370 -21.18 6.54 -4.46
C SER B 370 -21.85 6.78 -5.80
N ARG B 371 -23.04 7.39 -5.72
CA ARG B 371 -23.79 7.82 -6.90
C ARG B 371 -24.13 6.66 -7.83
N SER B 372 -24.26 5.46 -7.26
CA SER B 372 -24.53 4.28 -8.06
C SER B 372 -25.95 4.32 -8.63
N PHE B 373 -26.13 3.67 -9.77
CA PHE B 373 -27.41 3.59 -10.45
C PHE B 373 -27.96 2.17 -10.33
N THR B 374 -29.24 2.06 -9.95
CA THR B 374 -30.00 0.82 -9.94
C THR B 374 -29.57 -0.14 -8.83
N ASN B 375 -28.27 -0.34 -8.65
CA ASN B 375 -27.77 -1.19 -7.58
C ASN B 375 -26.46 -0.63 -7.05
N SER B 376 -26.22 -0.86 -5.75
CA SER B 376 -24.94 -0.53 -5.13
C SER B 376 -24.07 -1.78 -4.97
N VAL B 377 -24.57 -2.79 -4.26
CA VAL B 377 -23.90 -4.07 -4.11
C VAL B 377 -24.91 -5.18 -4.33
N ILE B 378 -24.55 -6.15 -5.17
CA ILE B 378 -25.40 -7.28 -5.49
C ILE B 378 -24.74 -8.54 -4.94
N PHE B 379 -25.35 -9.13 -3.92
CA PHE B 379 -24.95 -10.44 -3.42
C PHE B 379 -26.20 -11.31 -3.42
N ASN B 380 -26.47 -11.93 -4.56
CA ASN B 380 -27.65 -12.78 -4.73
C ASN B 380 -27.29 -14.24 -4.40
N SER B 381 -26.80 -14.42 -3.18
CA SER B 381 -26.41 -15.70 -2.61
C SER B 381 -25.66 -16.60 -3.61
N PRO B 382 -24.53 -16.14 -4.15
CA PRO B 382 -23.77 -16.98 -5.08
C PRO B 382 -23.04 -18.10 -4.35
N ALA B 383 -22.82 -19.20 -5.07
CA ALA B 383 -22.21 -20.37 -4.47
C ALA B 383 -20.75 -20.12 -4.12
N ASN B 384 -20.32 -20.66 -2.98
CA ASN B 384 -18.92 -20.58 -2.53
C ASN B 384 -18.47 -19.12 -2.41
N SER B 385 -19.33 -18.28 -1.85
CA SER B 385 -19.06 -16.85 -1.73
C SER B 385 -19.66 -16.33 -0.43
N GLY B 386 -19.11 -15.21 0.05
CA GLY B 386 -19.73 -14.44 1.12
C GLY B 386 -18.96 -14.38 2.42
N GLU B 387 -17.94 -15.20 2.62
CA GLU B 387 -17.24 -15.22 3.90
C GLU B 387 -16.48 -13.92 4.12
N VAL B 388 -16.64 -13.35 5.33
CA VAL B 388 -15.97 -12.13 5.81
C VAL B 388 -15.64 -11.15 4.70
N ILE B 389 -16.66 -10.52 4.12
CA ILE B 389 -16.46 -9.43 3.17
C ILE B 389 -16.49 -8.13 3.95
N LYS B 390 -15.42 -7.35 3.85
CA LYS B 390 -15.17 -6.25 4.77
C LYS B 390 -15.04 -4.93 4.01
N PHE B 391 -15.76 -3.92 4.47
CA PHE B 391 -15.60 -2.54 4.02
C PHE B 391 -14.93 -1.78 5.15
N ASN B 392 -13.68 -1.39 4.95
CA ASN B 392 -12.91 -0.66 5.95
C ASN B 392 -12.80 0.80 5.55
N HIS B 393 -13.35 1.68 6.39
CA HIS B 393 -13.28 3.13 6.20
C HIS B 393 -13.75 3.53 4.81
N CYS B 394 -14.91 3.01 4.42
CA CYS B 394 -15.47 3.25 3.10
C CYS B 394 -16.54 4.35 3.16
N TRP B 395 -16.63 5.10 2.07
CA TRP B 395 -17.51 6.26 1.95
C TRP B 395 -18.53 5.93 0.87
N MET B 396 -19.80 5.75 1.28
CA MET B 396 -20.86 5.25 0.41
C MET B 396 -22.08 6.16 0.53
N VAL B 397 -22.18 7.13 -0.37
CA VAL B 397 -23.20 8.18 -0.27
C VAL B 397 -23.90 8.36 -1.61
N ASP B 398 -25.12 8.89 -1.53
CA ASP B 398 -25.88 9.34 -2.70
C ASP B 398 -26.13 8.24 -3.71
N ASN B 399 -26.23 7.00 -3.24
CA ASN B 399 -26.45 5.87 -4.12
C ASN B 399 -27.92 5.74 -4.49
N GLY B 400 -28.18 5.17 -5.67
CA GLY B 400 -29.54 5.01 -6.16
C GLY B 400 -29.93 3.56 -6.37
N GLY B 401 -29.44 2.69 -5.50
CA GLY B 401 -29.71 1.27 -5.59
C GLY B 401 -29.35 0.54 -4.31
N PRO B 402 -30.02 -0.57 -4.04
CA PRO B 402 -29.86 -1.23 -2.73
C PRO B 402 -28.55 -2.00 -2.61
N PHE B 403 -28.24 -2.33 -1.35
CA PHE B 403 -27.21 -3.31 -1.01
C PHE B 403 -27.95 -4.61 -0.71
N THR B 404 -27.99 -5.52 -1.69
CA THR B 404 -28.75 -6.76 -1.54
C THR B 404 -27.83 -7.82 -0.93
N PHE B 405 -28.03 -8.11 0.35
CA PHE B 405 -27.27 -9.11 1.08
C PHE B 405 -28.17 -10.32 1.31
N LYS B 406 -28.29 -11.17 0.28
CA LYS B 406 -29.00 -12.43 0.40
C LYS B 406 -27.97 -13.48 0.83
N ASN B 407 -27.99 -13.83 2.12
CA ASN B 407 -26.92 -14.59 2.76
C ASN B 407 -25.61 -13.81 2.70
N GLY B 408 -24.52 -14.42 3.12
CA GLY B 408 -23.23 -13.75 3.16
C GLY B 408 -22.96 -13.11 4.51
N GLN B 409 -21.70 -12.70 4.70
CA GLN B 409 -21.23 -12.14 5.96
C GLN B 409 -20.48 -10.85 5.65
N PHE B 410 -21.03 -9.71 6.06
CA PHE B 410 -20.52 -8.41 5.68
C PHE B 410 -20.12 -7.59 6.91
N ILE B 411 -19.00 -6.88 6.79
CA ILE B 411 -18.44 -6.09 7.88
C ILE B 411 -18.25 -4.67 7.39
N PHE B 412 -18.93 -3.71 8.02
CA PHE B 412 -18.68 -2.29 7.84
C PHE B 412 -17.91 -1.80 9.05
N ASP B 413 -16.71 -1.26 8.83
CA ASP B 413 -15.84 -0.79 9.90
C ASP B 413 -15.40 0.64 9.59
N SER B 414 -15.87 1.58 10.41
CA SER B 414 -15.58 3.01 10.26
C SER B 414 -16.01 3.53 8.89
N CYS B 415 -17.16 3.04 8.41
CA CYS B 415 -17.74 3.54 7.17
C CYS B 415 -18.77 4.64 7.48
N SER B 416 -19.16 5.35 6.43
CA SER B 416 -20.20 6.36 6.51
C SER B 416 -21.18 6.15 5.37
N LEU B 417 -22.47 6.20 5.70
CA LEU B 417 -23.55 5.98 4.74
C LEU B 417 -24.86 6.35 5.42
N PRO B 418 -25.92 6.64 4.63
CA PRO B 418 -25.97 6.77 3.17
C PRO B 418 -25.97 8.21 2.69
N ALA B 419 -26.12 9.16 3.63
CA ALA B 419 -26.23 10.58 3.35
C ALA B 419 -27.53 10.92 2.62
N GLY B 420 -27.74 10.29 1.47
CA GLY B 420 -28.96 10.52 0.71
C GLY B 420 -29.07 9.53 -0.42
N LYS B 421 -30.15 9.65 -1.19
CA LYS B 421 -30.41 8.79 -2.32
C LYS B 421 -30.34 9.60 -3.62
N LYS B 422 -30.00 8.91 -4.70
CA LYS B 422 -30.07 9.53 -6.02
C LYS B 422 -31.54 9.78 -6.36
N SER B 423 -31.87 11.04 -6.62
CA SER B 423 -33.26 11.42 -6.84
C SER B 423 -33.84 10.69 -8.04
N GLY B 424 -35.02 10.11 -7.86
CA GLY B 424 -35.69 9.39 -8.92
C GLY B 424 -35.30 7.94 -9.07
N TYR B 425 -34.48 7.41 -8.18
CA TYR B 425 -34.07 6.01 -8.24
C TYR B 425 -34.50 5.29 -6.96
N PHE B 426 -33.97 4.10 -6.75
CA PHE B 426 -34.37 3.27 -5.63
C PHE B 426 -33.56 3.61 -4.39
N ASP B 427 -34.14 3.31 -3.23
CA ASP B 427 -33.48 3.59 -1.97
C ASP B 427 -32.18 2.78 -1.86
N PRO B 428 -31.08 3.39 -1.43
CA PRO B 428 -29.83 2.64 -1.20
C PRO B 428 -29.86 1.90 0.13
N VAL B 429 -30.85 1.04 0.30
CA VAL B 429 -31.06 0.34 1.56
C VAL B 429 -30.12 -0.86 1.63
N VAL B 430 -29.61 -1.12 2.84
CA VAL B 430 -28.83 -2.33 3.10
C VAL B 430 -29.84 -3.41 3.49
N ALA B 431 -30.15 -4.30 2.55
CA ALA B 431 -31.24 -5.25 2.67
C ALA B 431 -30.68 -6.64 2.93
N LEU B 432 -30.83 -7.12 4.17
CA LEU B 432 -30.42 -8.47 4.55
C LEU B 432 -31.59 -9.43 4.40
N SER B 433 -31.35 -10.55 3.74
CA SER B 433 -32.37 -11.58 3.56
C SER B 433 -31.74 -12.95 3.68
N ASP B 434 -32.59 -13.98 3.79
CA ASP B 434 -32.19 -15.35 4.07
C ASP B 434 -31.45 -15.44 5.39
N ASN B 435 -30.15 -15.74 5.35
CA ASN B 435 -29.34 -15.93 6.55
C ASN B 435 -28.08 -15.08 6.50
N ALA B 436 -28.24 -13.82 6.12
CA ALA B 436 -27.12 -12.90 6.05
C ALA B 436 -26.84 -12.29 7.41
N THR B 437 -25.57 -11.99 7.67
CA THR B 437 -25.17 -11.22 8.83
C THR B 437 -24.48 -9.95 8.36
N THR B 438 -24.61 -8.89 9.15
CA THR B 438 -23.95 -7.63 8.86
C THR B 438 -23.52 -6.97 10.15
N VAL B 439 -22.27 -6.54 10.20
CA VAL B 439 -21.72 -5.78 11.31
C VAL B 439 -21.45 -4.37 10.83
N PHE B 440 -21.91 -3.39 11.60
CA PHE B 440 -21.60 -1.98 11.35
C PHE B 440 -20.98 -1.42 12.63
N THR B 441 -19.67 -1.21 12.61
CA THR B 441 -18.94 -0.80 13.81
C THR B 441 -18.09 0.42 13.54
N ASN B 442 -17.91 1.23 14.58
CA ASN B 442 -16.98 2.36 14.59
C ASN B 442 -17.29 3.38 13.50
N GLY B 443 -18.56 3.50 13.10
CA GLY B 443 -18.89 4.32 11.95
C GLY B 443 -19.99 5.35 12.17
N ASN B 444 -20.60 5.78 11.07
CA ASN B 444 -21.61 6.84 11.10
C ASN B 444 -22.72 6.49 10.14
N ILE B 445 -23.94 6.40 10.65
CA ILE B 445 -25.14 6.28 9.84
C ILE B 445 -25.83 7.64 9.88
N GLU B 446 -25.76 8.39 8.78
CA GLU B 446 -26.25 9.77 8.79
C GLU B 446 -27.03 10.06 7.52
N TYR B 447 -28.09 10.87 7.66
CA TYR B 447 -28.90 11.35 6.55
C TYR B 447 -28.79 12.87 6.48
N GLN B 448 -28.66 13.38 5.26
CA GLN B 448 -28.66 14.82 5.06
C GLN B 448 -30.07 15.38 5.21
N PRO B 449 -30.21 16.68 5.49
CA PRO B 449 -31.55 17.27 5.55
C PRO B 449 -32.31 17.07 4.25
N GLY B 450 -33.59 16.73 4.38
CA GLY B 450 -34.44 16.44 3.24
C GLY B 450 -34.43 14.99 2.80
N GLN B 451 -33.56 14.16 3.36
CA GLN B 451 -33.49 12.74 3.02
C GLN B 451 -34.18 11.93 4.12
N SER B 452 -35.03 10.99 3.70
CA SER B 452 -35.78 10.18 4.67
C SER B 452 -36.15 8.86 4.00
N PHE B 453 -35.45 7.80 4.37
CA PHE B 453 -35.76 6.46 3.89
C PHE B 453 -35.12 5.44 4.82
N VAL B 454 -35.63 4.21 4.75
CA VAL B 454 -35.08 3.12 5.55
C VAL B 454 -33.70 2.77 5.02
N GLY B 455 -32.72 2.70 5.93
CA GLY B 455 -31.35 2.43 5.54
C GLY B 455 -30.94 0.98 5.71
N PHE B 456 -31.62 0.27 6.59
CA PHE B 456 -31.35 -1.14 6.85
C PHE B 456 -32.66 -1.89 6.96
N THR B 457 -32.77 -3.03 6.27
CA THR B 457 -33.87 -3.96 6.48
C THR B 457 -33.29 -5.34 6.78
N VAL B 458 -33.93 -6.04 7.72
CA VAL B 458 -33.51 -7.37 8.14
C VAL B 458 -34.68 -8.31 7.96
N ASP B 459 -34.48 -9.37 7.17
CA ASP B 459 -35.56 -10.28 6.79
C ASP B 459 -35.10 -11.72 6.96
N GLY B 460 -36.09 -12.62 7.03
CA GLY B 460 -35.78 -14.03 7.17
C GLY B 460 -35.07 -14.30 8.48
N SER B 461 -33.96 -15.06 8.40
CA SER B 461 -33.16 -15.34 9.57
C SER B 461 -31.83 -14.58 9.49
N SER B 462 -31.90 -13.30 9.15
CA SER B 462 -30.72 -12.45 9.09
C SER B 462 -30.49 -11.77 10.44
N ARG B 463 -29.29 -11.21 10.61
CA ARG B 463 -28.89 -10.61 11.88
C ARG B 463 -28.03 -9.39 11.60
N LEU B 464 -28.32 -8.29 12.31
CA LEU B 464 -27.59 -7.04 12.17
C LEU B 464 -27.06 -6.61 13.53
N SER B 465 -25.79 -6.22 13.57
CA SER B 465 -25.15 -5.77 14.80
C SER B 465 -24.48 -4.43 14.54
N ILE B 466 -24.87 -3.41 15.30
CA ILE B 466 -24.32 -2.07 15.20
C ILE B 466 -23.65 -1.72 16.53
N SER B 467 -22.39 -1.28 16.45
N SER B 467 -22.39 -1.28 16.45
CA SER B 467 -21.60 -1.06 17.65
CA SER B 467 -21.59 -1.07 17.65
C SER B 467 -20.73 0.18 17.50
C SER B 467 -20.74 0.18 17.49
N ASP B 468 -20.63 0.95 18.58
CA ASP B 468 -19.71 2.10 18.66
C ASP B 468 -19.84 3.05 17.49
N SER B 469 -21.07 3.30 17.06
CA SER B 469 -21.34 4.14 15.91
C SER B 469 -22.32 5.24 16.27
N THR B 470 -22.45 6.22 15.39
CA THR B 470 -23.42 7.30 15.53
C THR B 470 -24.52 7.13 14.49
N ILE B 471 -25.74 7.44 14.89
CA ILE B 471 -26.89 7.44 13.98
C ILE B 471 -27.46 8.85 14.02
N LEU B 472 -27.29 9.59 12.93
CA LEU B 472 -27.66 11.00 12.86
C LEU B 472 -28.81 11.18 11.88
N LEU B 473 -29.92 11.72 12.37
CA LEU B 473 -31.10 11.96 11.55
C LEU B 473 -31.44 13.44 11.53
N PRO B 474 -31.77 13.99 10.37
CA PRO B 474 -32.16 15.41 10.30
C PRO B 474 -33.53 15.63 10.95
N ASN B 475 -33.87 16.91 11.09
CA ASN B 475 -35.09 17.28 11.80
C ASN B 475 -36.34 16.77 11.10
N ASP B 476 -36.32 16.70 9.77
CA ASP B 476 -37.51 16.32 9.02
C ASP B 476 -37.59 14.82 8.74
N TYR B 477 -36.67 14.03 9.28
CA TYR B 477 -36.72 12.58 9.09
C TYR B 477 -38.02 12.02 9.67
N SER B 478 -38.77 11.28 8.85
CA SER B 478 -40.12 10.85 9.22
C SER B 478 -40.33 9.34 9.19
N THR B 479 -39.28 8.54 8.96
CA THR B 479 -39.43 7.09 8.98
C THR B 479 -38.48 6.50 10.02
N VAL B 480 -38.04 5.26 9.81
CA VAL B 480 -37.06 4.64 10.70
C VAL B 480 -35.82 4.25 9.92
N PRO B 481 -34.63 4.32 10.52
CA PRO B 481 -33.42 3.88 9.80
C PRO B 481 -33.24 2.38 9.73
N ILE B 482 -33.89 1.61 10.60
CA ILE B 482 -33.73 0.16 10.66
C ILE B 482 -35.10 -0.48 10.78
N VAL B 483 -35.34 -1.52 9.98
CA VAL B 483 -36.57 -2.30 10.04
C VAL B 483 -36.20 -3.77 10.23
N ASN B 484 -36.79 -4.41 11.24
CA ASN B 484 -36.48 -5.78 11.62
C ASN B 484 -37.72 -6.65 11.41
N ASN B 485 -37.69 -7.50 10.39
CA ASN B 485 -38.82 -8.34 10.04
C ASN B 485 -38.50 -9.82 10.28
N GLY B 486 -39.55 -10.63 10.20
CA GLY B 486 -39.38 -12.08 10.24
C GLY B 486 -38.73 -12.54 11.52
N ASP B 487 -37.72 -13.40 11.37
CA ASP B 487 -36.90 -13.88 12.48
C ASP B 487 -35.60 -13.10 12.60
N GLY B 488 -35.59 -11.85 12.14
CA GLY B 488 -34.37 -11.07 12.16
C GLY B 488 -33.99 -10.62 13.56
N VAL B 489 -32.70 -10.39 13.74
CA VAL B 489 -32.14 -9.90 15.00
C VAL B 489 -31.44 -8.59 14.73
N VAL B 490 -31.68 -7.59 15.57
CA VAL B 490 -30.96 -6.32 15.53
C VAL B 490 -30.40 -6.05 16.92
N SER B 491 -29.10 -5.76 16.99
CA SER B 491 -28.41 -5.51 18.24
C SER B 491 -27.66 -4.19 18.15
N LEU B 492 -27.88 -3.32 19.12
CA LEU B 492 -27.19 -2.04 19.22
C LEU B 492 -26.30 -2.04 20.46
N ASN B 493 -25.09 -1.51 20.31
CA ASN B 493 -24.10 -1.55 21.39
C ASN B 493 -23.32 -0.23 21.41
N ASN B 494 -23.49 0.52 22.49
CA ASN B 494 -22.71 1.74 22.74
C ASN B 494 -22.80 2.72 21.56
N CYS B 495 -24.03 2.94 21.09
CA CYS B 495 -24.26 3.79 19.94
C CYS B 495 -24.89 5.12 20.35
N SER B 496 -24.51 6.19 19.65
CA SER B 496 -25.13 7.49 19.82
C SER B 496 -26.42 7.52 19.00
N LEU B 497 -27.55 7.73 19.67
CA LEU B 497 -28.83 7.59 19.00
C LEU B 497 -29.62 8.90 19.03
N PRO B 498 -30.43 9.17 18.00
CA PRO B 498 -31.26 10.40 17.94
C PRO B 498 -32.59 10.24 18.65
N LEU B 499 -32.53 10.25 19.97
CA LEU B 499 -33.68 9.95 20.81
C LEU B 499 -34.39 11.20 21.32
N TYR B 500 -33.85 12.40 21.09
CA TYR B 500 -34.48 13.62 21.56
C TYR B 500 -34.58 14.64 20.43
N GLY B 501 -35.73 15.31 20.34
CA GLY B 501 -35.83 16.44 19.44
C GLY B 501 -36.94 16.39 18.41
N SER B 502 -37.36 15.21 17.99
CA SER B 502 -38.23 15.03 16.84
C SER B 502 -39.60 14.55 17.27
N THR B 503 -40.63 15.02 16.57
CA THR B 503 -42.00 14.53 16.71
C THR B 503 -42.49 13.83 15.45
N THR B 504 -41.61 13.64 14.46
CA THR B 504 -42.00 13.03 13.19
C THR B 504 -41.29 11.72 12.90
N ILE B 505 -40.27 11.35 13.66
CA ILE B 505 -39.61 10.06 13.46
C ILE B 505 -40.63 8.93 13.60
N ALA B 506 -40.49 7.93 12.73
CA ALA B 506 -41.31 6.72 12.79
C ALA B 506 -42.80 7.03 12.60
N THR B 507 -43.10 7.98 11.73
CA THR B 507 -44.48 8.29 11.41
C THR B 507 -45.16 7.08 10.80
N GLY B 508 -46.29 6.68 11.38
CA GLY B 508 -47.02 5.52 10.92
C GLY B 508 -46.58 4.20 11.51
N PHE B 509 -45.59 4.20 12.39
CA PHE B 509 -45.15 2.98 13.05
C PHE B 509 -45.86 2.82 14.39
N ALA B 510 -45.62 1.69 15.04
CA ALA B 510 -46.32 1.37 16.29
C ALA B 510 -46.11 2.47 17.33
N THR B 511 -44.87 2.94 17.48
CA THR B 511 -44.53 4.02 18.39
C THR B 511 -43.53 4.93 17.67
N ARG B 512 -43.10 6.00 18.35
CA ARG B 512 -41.95 6.76 17.87
C ARG B 512 -40.70 5.98 18.28
N GLN B 513 -40.23 5.15 17.36
CA GLN B 513 -39.19 4.17 17.64
C GLN B 513 -38.11 4.26 16.56
N LEU B 514 -36.89 3.85 16.93
CA LEU B 514 -35.79 3.87 15.97
C LEU B 514 -35.79 2.64 15.07
N ILE B 515 -36.27 1.51 15.57
CA ILE B 515 -36.27 0.25 14.83
C ILE B 515 -37.71 -0.15 14.56
N GLY B 516 -38.07 -0.23 13.28
CA GLY B 516 -39.39 -0.69 12.88
C GLY B 516 -39.43 -2.19 12.67
N GLY B 517 -40.52 -2.65 12.09
CA GLY B 517 -40.74 -4.06 11.86
C GLY B 517 -41.30 -4.75 13.09
N LEU B 518 -41.79 -5.98 12.87
CA LEU B 518 -42.51 -6.72 13.90
C LEU B 518 -41.66 -7.75 14.63
N SER B 519 -40.41 -7.95 14.21
CA SER B 519 -39.55 -8.90 14.92
C SER B 519 -39.18 -8.34 16.29
N LYS B 520 -39.40 -9.14 17.33
CA LYS B 520 -39.15 -8.73 18.70
C LYS B 520 -37.72 -8.97 19.16
N LYS B 521 -36.88 -9.57 18.31
CA LYS B 521 -35.50 -9.89 18.68
C LYS B 521 -34.67 -8.62 18.55
N ILE B 522 -34.76 -7.76 19.56
CA ILE B 522 -34.07 -6.48 19.61
C ILE B 522 -33.26 -6.43 20.89
N MET B 523 -32.00 -5.98 20.78
CA MET B 523 -31.12 -5.82 21.92
C MET B 523 -30.39 -4.49 21.83
N SER B 524 -30.23 -3.83 22.98
CA SER B 524 -29.54 -2.55 23.03
C SER B 524 -28.91 -2.40 24.41
N ARG B 525 -27.60 -2.16 24.42
CA ARG B 525 -26.88 -1.88 25.67
C ARG B 525 -25.87 -0.78 25.44
N GLY B 526 -25.84 0.19 26.35
CA GLY B 526 -24.88 1.27 26.29
C GLY B 526 -25.24 2.41 25.37
N CYS B 527 -26.39 2.36 24.71
CA CYS B 527 -26.82 3.45 23.85
C CYS B 527 -27.32 4.63 24.70
N TYR B 528 -27.38 5.79 24.07
CA TYR B 528 -27.63 7.04 24.77
C TYR B 528 -28.16 8.06 23.78
N PRO B 529 -28.88 9.08 24.25
CA PRO B 529 -29.27 10.18 23.35
C PRO B 529 -28.05 11.00 22.97
N ARG B 530 -27.98 11.35 21.68
CA ARG B 530 -26.79 11.95 21.09
C ARG B 530 -26.14 13.01 21.98
N ALA B 531 -26.89 14.03 22.36
CA ALA B 531 -26.35 15.16 23.14
C ALA B 531 -27.21 15.43 24.35
N GLY B 532 -27.74 14.38 24.96
CA GLY B 532 -28.55 14.53 26.15
C GLY B 532 -30.04 14.57 25.86
N PHE B 533 -30.79 14.91 26.90
CA PHE B 533 -32.24 14.85 26.87
C PHE B 533 -32.78 15.86 27.86
N ILE B 534 -33.65 16.75 27.40
CA ILE B 534 -34.32 17.71 28.27
C ILE B 534 -35.52 17.01 28.88
N THR B 535 -35.41 16.64 30.15
CA THR B 535 -36.32 15.70 30.81
C THR B 535 -37.73 16.26 31.01
N SER B 536 -37.99 17.53 30.70
CA SER B 536 -39.33 18.08 30.80
C SER B 536 -40.07 18.07 29.46
N ASN B 537 -39.43 17.58 28.40
CA ASN B 537 -40.06 17.57 27.08
C ASN B 537 -40.25 16.15 26.57
N TRP B 538 -41.09 15.36 27.24
CA TRP B 538 -41.35 14.00 26.80
C TRP B 538 -42.02 13.96 25.44
N ASN B 539 -42.65 15.06 25.01
CA ASN B 539 -43.27 15.13 23.69
C ASN B 539 -42.25 15.04 22.57
N LEU B 540 -40.96 15.30 22.86
CA LEU B 540 -39.90 15.24 21.87
C LEU B 540 -39.06 13.96 22.00
N GLY B 541 -39.56 12.96 22.73
CA GLY B 541 -38.79 11.77 23.00
C GLY B 541 -39.04 10.65 22.00
N CYS B 542 -38.01 9.85 21.78
CA CYS B 542 -38.06 8.68 20.90
C CYS B 542 -37.44 7.51 21.64
N ILE B 543 -38.00 6.32 21.45
CA ILE B 543 -37.47 5.11 22.07
C ILE B 543 -36.69 4.31 21.04
N VAL B 544 -35.94 3.30 21.52
CA VAL B 544 -35.21 2.42 20.62
C VAL B 544 -36.17 1.45 19.94
N SER B 545 -36.94 0.71 20.74
CA SER B 545 -37.85 -0.29 20.23
C SER B 545 -38.96 -0.53 21.22
N PRO B 546 -40.20 -0.73 20.78
CA PRO B 546 -41.29 -1.05 21.72
C PRO B 546 -41.22 -2.47 22.24
N TYR B 547 -40.32 -3.30 21.73
CA TYR B 547 -40.19 -4.67 22.19
C TYR B 547 -39.16 -4.84 23.30
N ILE B 548 -38.34 -3.81 23.55
CA ILE B 548 -37.53 -3.76 24.77
C ILE B 548 -38.44 -3.24 25.86
N ASN B 549 -39.28 -4.12 26.41
CA ASN B 549 -40.32 -3.72 27.34
C ASN B 549 -40.47 -4.77 28.43
N SER B 550 -40.21 -4.35 29.67
CA SER B 550 -40.45 -5.21 30.83
C SER B 550 -41.76 -4.86 31.55
N VAL B 551 -42.45 -3.80 31.11
CA VAL B 551 -43.82 -3.58 31.54
C VAL B 551 -44.67 -4.76 31.07
N SER B 552 -45.61 -5.17 31.91
CA SER B 552 -46.58 -6.20 31.55
C SER B 552 -47.98 -5.61 31.62
N ASN B 553 -48.83 -6.02 30.67
CA ASN B 553 -50.18 -5.47 30.54
C ASN B 553 -50.14 -3.95 30.46
N GLY B 554 -49.18 -3.44 29.69
CA GLY B 554 -49.00 -2.01 29.54
C GLY B 554 -49.98 -1.34 28.61
N SER B 555 -50.89 -2.11 28.00
CA SER B 555 -51.88 -1.53 27.10
C SER B 555 -53.27 -2.10 27.36
N GLY B 556 -53.49 -2.72 28.52
CA GLY B 556 -54.79 -3.28 28.83
C GLY B 556 -55.13 -4.54 28.07
N GLN B 557 -54.14 -5.18 27.45
CA GLN B 557 -54.42 -6.36 26.63
C GLN B 557 -54.94 -7.53 27.46
N PHE B 558 -54.72 -7.51 28.78
CA PHE B 558 -55.27 -8.55 29.65
C PHE B 558 -56.76 -8.36 29.92
N GLU B 559 -57.35 -7.26 29.45
CA GLU B 559 -58.74 -6.90 29.75
C GLU B 559 -58.97 -6.75 31.25
N ASN B 560 -57.93 -6.36 31.97
CA ASN B 560 -58.01 -6.01 33.39
C ASN B 560 -56.83 -5.08 33.69
N ILE B 561 -56.65 -4.73 34.97
CA ILE B 561 -55.58 -3.80 35.34
C ILE B 561 -54.53 -4.52 36.16
N SER B 562 -54.35 -5.82 35.90
CA SER B 562 -53.28 -6.57 36.56
C SER B 562 -51.93 -5.92 36.26
N ASN B 563 -51.07 -5.89 37.29
CA ASN B 563 -49.77 -5.22 37.35
C ASN B 563 -49.92 -3.72 37.61
N TRP B 564 -51.13 -3.20 37.66
CA TRP B 564 -51.37 -1.79 37.98
C TRP B 564 -52.15 -1.68 39.27
N THR B 565 -51.98 -0.55 39.96
CA THR B 565 -52.80 -0.20 41.11
C THR B 565 -53.43 1.17 40.89
N LEU B 566 -54.66 1.33 41.35
CA LEU B 566 -55.39 2.58 41.25
C LEU B 566 -55.76 3.04 42.65
N SER B 567 -55.25 4.20 43.06
CA SER B 567 -55.43 4.73 44.40
C SER B 567 -56.17 6.05 44.34
N GLN B 568 -57.25 6.16 45.09
CA GLN B 568 -58.10 7.35 45.07
C GLN B 568 -57.66 8.36 46.13
N THR B 569 -57.69 9.65 45.75
CA THR B 569 -57.41 10.73 46.69
C THR B 569 -58.48 11.82 46.64
N GLY B 570 -59.55 11.63 45.88
CA GLY B 570 -60.53 12.69 45.68
C GLY B 570 -61.91 12.41 46.26
N THR B 571 -62.87 13.24 45.86
CA THR B 571 -64.24 13.19 46.39
C THR B 571 -65.18 12.38 45.50
N ASP B 572 -64.65 11.73 44.47
CA ASP B 572 -65.44 10.91 43.56
C ASP B 572 -64.48 9.93 42.90
N VAL B 573 -64.93 8.70 42.70
CA VAL B 573 -64.02 7.63 42.29
C VAL B 573 -63.62 7.80 40.83
N VAL B 574 -62.31 7.79 40.57
CA VAL B 574 -61.80 7.68 39.22
C VAL B 574 -61.94 6.23 38.77
N THR B 575 -62.50 6.04 37.58
CA THR B 575 -62.71 4.70 37.03
C THR B 575 -61.70 4.40 35.94
N VAL B 576 -61.35 3.12 35.82
CA VAL B 576 -60.41 2.65 34.80
C VAL B 576 -61.06 1.51 34.04
N THR B 577 -60.88 1.50 32.72
CA THR B 577 -61.37 0.41 31.88
C THR B 577 -60.37 0.18 30.77
N THR B 578 -60.56 -0.92 30.05
CA THR B 578 -59.78 -1.24 28.86
C THR B 578 -60.69 -1.16 27.65
N GLY B 579 -60.41 -0.22 26.77
CA GLY B 579 -61.23 0.00 25.59
C GLY B 579 -60.49 -0.27 24.30
N ASN B 580 -61.13 0.02 23.17
CA ASN B 580 -60.56 -0.24 21.85
C ASN B 580 -60.07 1.03 21.16
N ASP B 581 -60.03 2.15 21.87
CA ASP B 581 -59.53 3.41 21.30
C ASP B 581 -58.01 3.37 21.29
N VAL B 582 -57.43 3.20 20.11
CA VAL B 582 -55.97 3.07 19.98
C VAL B 582 -55.47 4.02 18.88
N PRO B 583 -54.22 4.47 18.96
CA PRO B 583 -53.65 5.22 17.82
C PRO B 583 -53.44 4.34 16.60
N ASN B 584 -53.17 3.06 16.81
CA ASN B 584 -53.02 2.05 15.77
C ASN B 584 -53.06 0.69 16.45
N ASP B 585 -53.29 -0.35 15.66
CA ASP B 585 -53.33 -1.72 16.17
C ASP B 585 -52.13 -2.53 15.70
N LEU B 586 -50.99 -1.87 15.49
CA LEU B 586 -49.80 -2.59 15.05
C LEU B 586 -49.26 -3.51 16.13
N MET B 587 -49.47 -3.18 17.40
CA MET B 587 -49.05 -4.03 18.51
C MET B 587 -50.20 -4.44 19.41
N PHE B 588 -51.09 -3.52 19.77
CA PHE B 588 -52.23 -3.83 20.62
C PHE B 588 -53.48 -3.16 20.08
N SER B 589 -54.62 -3.79 20.30
CA SER B 589 -55.92 -3.25 19.94
C SER B 589 -56.64 -2.67 21.14
N THR B 590 -55.97 -2.54 22.28
CA THR B 590 -56.59 -2.08 23.51
C THR B 590 -55.79 -0.91 24.09
N SER B 591 -56.45 -0.19 25.00
CA SER B 591 -55.83 0.90 25.74
C SER B 591 -56.50 1.02 27.09
N PHE B 592 -55.77 1.57 28.05
CA PHE B 592 -56.37 1.96 29.31
C PHE B 592 -57.11 3.28 29.15
N VAL B 593 -58.26 3.40 29.79
CA VAL B 593 -59.03 4.64 29.81
C VAL B 593 -59.31 4.99 31.26
N LEU B 594 -58.71 6.09 31.74
CA LEU B 594 -59.00 6.62 33.07
C LEU B 594 -60.00 7.75 32.92
N SER B 595 -61.06 7.71 33.72
CA SER B 595 -62.15 8.67 33.63
C SER B 595 -62.25 9.48 34.92
N VAL B 596 -62.20 10.80 34.78
CA VAL B 596 -62.31 11.72 35.92
C VAL B 596 -63.70 12.34 35.88
N PRO B 597 -64.63 11.92 36.75
CA PRO B 597 -66.02 12.39 36.62
C PRO B 597 -66.29 13.78 37.18
N THR B 598 -65.50 14.25 38.15
CA THR B 598 -65.69 15.57 38.72
C THR B 598 -64.33 16.24 38.87
N VAL B 599 -64.36 17.56 39.08
CA VAL B 599 -63.12 18.28 39.34
C VAL B 599 -62.48 17.87 40.66
N GLY B 600 -63.27 17.29 41.57
CA GLY B 600 -62.74 16.81 42.84
C GLY B 600 -62.15 15.42 42.81
N ALA B 601 -62.35 14.67 41.72
CA ALA B 601 -61.82 13.33 41.61
C ALA B 601 -60.32 13.37 41.33
N ALA B 602 -59.60 12.39 41.88
CA ALA B 602 -58.16 12.32 41.70
C ALA B 602 -57.69 10.91 42.03
N ALA B 603 -56.73 10.42 41.25
CA ALA B 603 -56.24 9.05 41.48
C ALA B 603 -54.84 8.90 40.89
N ASN B 604 -54.12 7.92 41.42
CA ASN B 604 -52.81 7.51 40.92
C ASN B 604 -52.93 6.13 40.29
N PHE B 605 -52.39 5.99 39.08
CA PHE B 605 -52.40 4.74 38.33
C PHE B 605 -50.96 4.31 38.14
N THR B 606 -50.56 3.20 38.77
CA THR B 606 -49.16 2.91 39.02
C THR B 606 -48.80 1.48 38.67
N GLN B 607 -47.63 1.31 38.03
CA GLN B 607 -46.98 0.02 37.88
C GLN B 607 -45.50 0.17 38.17
N THR B 608 -44.93 -0.81 38.88
CA THR B 608 -43.50 -0.86 39.13
C THR B 608 -42.88 -2.01 38.37
N ILE B 609 -41.65 -1.81 37.88
CA ILE B 609 -40.94 -2.80 37.08
C ILE B 609 -39.58 -3.02 37.71
N ILE B 610 -39.30 -4.27 38.09
CA ILE B 610 -38.01 -4.64 38.65
C ILE B 610 -37.03 -4.90 37.53
N ASP B 611 -36.32 -3.85 37.10
CA ASP B 611 -35.48 -3.91 35.90
C ASP B 611 -34.59 -2.68 35.86
N CYS B 612 -33.59 -2.61 36.74
CA CYS B 612 -32.79 -1.39 36.90
C CYS B 612 -31.32 -1.76 37.02
N GLU B 613 -30.51 -1.18 36.13
CA GLU B 613 -29.05 -1.29 36.19
C GLU B 613 -28.47 0.11 36.32
N PRO B 614 -27.99 0.49 37.50
CA PRO B 614 -27.47 1.86 37.68
C PRO B 614 -26.36 2.17 36.69
N GLY B 615 -26.38 3.40 36.16
CA GLY B 615 -25.42 3.84 35.19
C GLY B 615 -25.80 3.56 33.75
N ARG B 616 -26.80 2.72 33.51
CA ARG B 616 -27.28 2.41 32.18
C ARG B 616 -28.53 3.24 31.87
N TYR B 617 -28.72 3.57 30.60
CA TYR B 617 -29.88 4.33 30.19
C TYR B 617 -31.12 3.45 30.11
N PHE B 618 -32.27 4.04 30.44
CA PHE B 618 -33.57 3.41 30.27
C PHE B 618 -34.36 4.18 29.22
N GLN B 619 -35.36 3.52 28.66
CA GLN B 619 -36.35 4.15 27.82
C GLN B 619 -37.72 4.03 28.47
N LEU B 620 -38.49 5.12 28.41
CA LEU B 620 -39.85 5.14 28.90
C LEU B 620 -40.72 5.77 27.83
N GLY B 621 -41.85 5.13 27.51
CA GLY B 621 -42.70 5.63 26.45
C GLY B 621 -44.14 5.17 26.60
N PHE B 622 -45.03 5.90 25.94
CA PHE B 622 -46.46 5.60 25.93
C PHE B 622 -47.17 6.54 24.97
N TRP B 623 -48.29 6.06 24.43
CA TRP B 623 -49.25 6.90 23.72
C TRP B 623 -50.26 7.45 24.73
N ALA B 624 -50.72 8.68 24.49
CA ALA B 624 -51.71 9.27 25.38
C ALA B 624 -52.60 10.23 24.60
N LYS B 625 -53.89 10.19 24.89
CA LYS B 625 -54.86 11.18 24.43
C LYS B 625 -55.59 11.68 25.68
N ASN B 626 -55.34 12.93 26.05
CA ASN B 626 -55.66 13.44 27.38
C ASN B 626 -56.65 14.60 27.29
N THR B 627 -57.76 14.48 28.02
CA THR B 627 -58.70 15.58 28.21
C THR B 627 -58.86 15.99 29.66
N THR B 628 -58.18 15.32 30.59
CA THR B 628 -58.13 15.72 31.99
C THR B 628 -56.76 16.31 32.27
N THR B 629 -56.42 16.44 33.55
CA THR B 629 -55.09 16.88 33.97
C THR B 629 -54.31 15.65 34.41
N THR B 630 -53.32 15.26 33.61
CA THR B 630 -52.55 14.05 33.86
C THR B 630 -51.08 14.41 34.02
N LEU B 631 -50.53 14.11 35.20
CA LEU B 631 -49.10 14.27 35.48
C LEU B 631 -48.47 12.88 35.50
N ALA B 632 -47.74 12.56 34.44
CA ALA B 632 -46.98 11.31 34.39
C ALA B 632 -45.61 11.52 35.02
N SER B 633 -45.06 10.44 35.59
CA SER B 633 -43.78 10.56 36.28
C SER B 633 -43.17 9.17 36.43
N ILE B 634 -41.85 9.16 36.59
CA ILE B 634 -41.09 7.96 36.90
C ILE B 634 -40.16 8.27 38.06
N ARG B 635 -39.99 7.30 38.96
CA ARG B 635 -39.01 7.38 40.02
C ARG B 635 -38.48 5.98 40.28
N PHE B 636 -37.33 5.91 40.95
CA PHE B 636 -36.64 4.65 41.19
C PHE B 636 -36.56 4.40 42.69
N LEU B 637 -36.89 3.17 43.09
CA LEU B 637 -36.93 2.78 44.49
C LEU B 637 -35.93 1.66 44.73
N ASP B 638 -35.41 1.59 45.95
CA ASP B 638 -34.52 0.50 46.32
C ASP B 638 -35.37 -0.70 46.75
N GLN B 639 -34.72 -1.75 47.25
CA GLN B 639 -35.42 -2.99 47.55
C GLN B 639 -36.41 -2.85 48.70
N GLN B 640 -36.31 -1.78 49.50
CA GLN B 640 -37.23 -1.56 50.60
C GLN B 640 -38.21 -0.42 50.32
N GLY B 641 -38.24 0.09 49.10
CA GLY B 641 -39.22 1.09 48.72
C GLY B 641 -38.80 2.54 48.87
N ASN B 642 -37.54 2.79 49.24
CA ASN B 642 -37.08 4.17 49.38
C ASN B 642 -36.70 4.73 48.02
N ALA B 643 -37.17 5.93 47.72
CA ALA B 643 -36.74 6.62 46.51
C ALA B 643 -35.26 6.95 46.61
N VAL B 644 -34.51 6.67 45.54
CA VAL B 644 -33.07 6.88 45.51
C VAL B 644 -32.68 8.10 44.70
N ALA B 645 -33.64 8.80 44.11
CA ALA B 645 -33.38 10.03 43.36
C ALA B 645 -34.68 10.77 43.19
N ASP B 646 -34.59 12.03 42.77
CA ASP B 646 -35.77 12.82 42.50
C ASP B 646 -36.56 12.22 41.34
N SER B 647 -37.88 12.27 41.45
CA SER B 647 -38.71 11.80 40.35
C SER B 647 -38.64 12.77 39.17
N ILE B 648 -38.97 12.27 37.99
CA ILE B 648 -39.03 13.06 36.77
C ILE B 648 -40.47 12.98 36.26
N GLY B 649 -41.12 14.15 36.13
CA GLY B 649 -42.51 14.21 35.76
C GLY B 649 -42.75 15.05 34.51
N TYR B 650 -43.96 14.90 33.96
CA TYR B 650 -44.33 15.56 32.72
C TYR B 650 -45.85 15.73 32.69
N ASN B 651 -46.31 16.95 32.47
CA ASN B 651 -47.72 17.25 32.34
C ASN B 651 -48.15 17.02 30.90
N ILE B 652 -49.06 16.08 30.69
CA ILE B 652 -49.45 15.67 29.34
C ILE B 652 -50.39 16.72 28.75
N PRO B 653 -50.09 17.24 27.55
CA PRO B 653 -50.97 18.25 26.95
C PRO B 653 -52.37 17.73 26.70
N VAL B 654 -53.33 18.65 26.70
CA VAL B 654 -54.74 18.33 26.50
C VAL B 654 -55.06 18.43 25.03
N GLY B 655 -55.88 17.50 24.54
CA GLY B 655 -56.29 17.50 23.15
C GLY B 655 -57.10 16.25 22.85
N ASN B 656 -57.52 16.17 21.59
CA ASN B 656 -58.39 15.09 21.13
C ASN B 656 -57.68 14.13 20.17
N THR B 657 -56.34 14.12 20.19
CA THR B 657 -55.57 13.24 19.33
C THR B 657 -54.56 12.45 20.16
N PHE B 658 -54.25 11.25 19.70
CA PHE B 658 -53.17 10.47 20.29
C PHE B 658 -51.82 11.08 19.93
N ASN B 659 -50.91 11.09 20.89
CA ASN B 659 -49.54 11.49 20.66
C ASN B 659 -48.63 10.58 21.48
N PHE B 660 -47.41 10.38 21.00
CA PHE B 660 -46.46 9.54 21.69
C PHE B 660 -45.52 10.40 22.52
N TYR B 661 -45.19 9.92 23.72
CA TYR B 661 -44.31 10.61 24.65
C TYR B 661 -43.26 9.65 25.13
N ALA B 662 -42.03 10.15 25.32
CA ALA B 662 -40.94 9.28 25.73
C ALA B 662 -39.93 10.05 26.55
N LEU B 663 -39.26 9.32 27.45
CA LEU B 663 -38.17 9.85 28.25
C LEU B 663 -37.01 8.85 28.20
N VAL B 664 -35.81 9.37 27.97
CA VAL B 664 -34.59 8.55 27.98
C VAL B 664 -33.62 9.21 28.95
N ASP B 665 -33.18 8.47 29.95
CA ASP B 665 -32.31 8.99 31.00
C ASP B 665 -31.57 7.81 31.63
N CYS B 666 -30.76 8.12 32.63
CA CYS B 666 -29.85 7.15 33.23
C CYS B 666 -30.41 6.64 34.56
N VAL B 667 -30.25 5.34 34.79
CA VAL B 667 -30.73 4.73 36.03
C VAL B 667 -29.82 5.17 37.18
N PRO B 668 -30.36 5.66 38.29
CA PRO B 668 -29.51 6.16 39.37
C PRO B 668 -29.01 5.03 40.25
N PRO B 669 -27.94 5.26 41.01
CA PRO B 669 -27.44 4.22 41.91
C PRO B 669 -28.47 3.81 42.94
N GLY B 670 -28.39 2.55 43.36
CA GLY B 670 -29.32 2.00 44.34
C GLY B 670 -30.68 1.62 43.80
N ALA B 671 -30.95 1.88 42.53
CA ALA B 671 -32.27 1.61 41.98
C ALA B 671 -32.51 0.12 41.84
N TYR B 672 -33.69 -0.32 42.27
CA TYR B 672 -34.11 -1.71 42.18
C TYR B 672 -35.36 -1.89 41.32
N ARG B 673 -36.33 -0.99 41.43
CA ARG B 673 -37.52 -1.04 40.59
C ARG B 673 -37.87 0.38 40.15
N ALA B 674 -38.34 0.49 38.91
CA ALA B 674 -38.85 1.75 38.39
C ALA B 674 -40.35 1.84 38.65
N GLU B 675 -40.80 3.01 39.08
CA GLU B 675 -42.20 3.25 39.38
C GLU B 675 -42.76 4.23 38.34
N ILE B 676 -43.69 3.75 37.51
CA ILE B 676 -44.39 4.58 36.54
C ILE B 676 -45.73 4.97 37.13
N ASN B 677 -46.04 6.26 37.15
CA ASN B 677 -47.27 6.74 37.74
C ASN B 677 -47.96 7.74 36.82
N PHE B 678 -49.28 7.61 36.72
CA PHE B 678 -50.14 8.60 36.08
C PHE B 678 -51.09 9.14 37.14
N ASN B 679 -51.01 10.44 37.39
CA ASN B 679 -51.93 11.11 38.31
C ASN B 679 -52.93 11.92 37.50
N VAL B 680 -54.22 11.60 37.67
CA VAL B 680 -55.30 12.27 36.96
C VAL B 680 -56.17 13.00 37.98
N SER B 681 -56.60 14.20 37.63
CA SER B 681 -57.36 15.05 38.57
C SER B 681 -57.83 16.30 37.86
N SER B 682 -58.58 17.13 38.62
CA SER B 682 -58.77 18.55 38.36
C SER B 682 -59.80 18.87 37.28
N ILE B 683 -59.76 18.18 36.14
CA ILE B 683 -60.59 18.53 34.99
C ILE B 683 -61.44 17.33 34.61
N VAL B 684 -62.74 17.56 34.44
CA VAL B 684 -63.65 16.50 34.01
C VAL B 684 -63.26 16.06 32.60
N GLY B 685 -63.05 14.76 32.44
CA GLY B 685 -62.61 14.20 31.19
C GLY B 685 -61.94 12.85 31.44
N GLY B 686 -60.97 12.54 30.59
CA GLY B 686 -60.27 11.28 30.75
C GLY B 686 -58.99 11.27 29.93
N ILE B 687 -58.25 10.18 30.06
CA ILE B 687 -57.04 9.96 29.30
C ILE B 687 -57.01 8.52 28.81
N ALA B 688 -56.73 8.34 27.53
CA ALA B 688 -56.49 7.02 26.95
C ALA B 688 -54.99 6.78 26.92
N ILE B 689 -54.55 5.67 27.50
CA ILE B 689 -53.14 5.33 27.61
C ILE B 689 -52.89 4.03 26.87
N HIS B 690 -51.93 4.05 25.94
CA HIS B 690 -51.72 2.95 25.01
C HIS B 690 -50.24 2.58 24.96
N ASN B 691 -49.93 1.31 25.21
CA ASN B 691 -48.60 0.73 25.00
C ASN B 691 -47.55 1.42 25.87
N VAL B 692 -47.71 1.27 27.19
CA VAL B 692 -46.71 1.75 28.13
C VAL B 692 -45.47 0.87 28.02
N ILE B 693 -44.31 1.51 27.94
CA ILE B 693 -43.05 0.83 27.64
C ILE B 693 -41.97 1.30 28.61
N TYR B 694 -41.21 0.35 29.17
CA TYR B 694 -40.02 0.67 29.95
C TYR B 694 -39.00 -0.46 29.78
N GLY B 695 -37.75 -0.09 29.57
CA GLY B 695 -36.67 -1.06 29.45
C GLY B 695 -35.33 -0.36 29.38
N LEU B 696 -34.28 -1.16 29.48
CA LEU B 696 -32.91 -0.68 29.48
C LEU B 696 -32.32 -0.78 28.07
N ILE B 697 -31.54 0.24 27.69
CA ILE B 697 -30.99 0.31 26.35
C ILE B 697 -29.47 0.45 26.36
N GLY C 1 56.52 9.25 -69.53
CA GLY C 1 57.84 8.73 -69.79
C GLY C 1 58.25 7.63 -68.82
N SER C 2 59.56 7.54 -68.56
CA SER C 2 60.10 6.54 -67.65
C SER C 2 60.35 7.13 -66.26
N GLY C 3 61.22 8.14 -66.16
CA GLY C 3 61.49 8.77 -64.88
C GLY C 3 60.36 9.65 -64.42
N SER C 4 59.57 10.17 -65.38
CA SER C 4 58.48 11.06 -65.02
C SER C 4 57.32 10.30 -64.40
N THR C 5 57.08 9.06 -64.83
CA THR C 5 56.01 8.26 -64.25
C THR C 5 56.24 8.01 -62.77
N LEU C 6 57.50 7.73 -62.38
CA LEU C 6 57.80 7.51 -60.97
C LEU C 6 57.65 8.78 -60.15
N ARG C 7 57.93 9.95 -60.74
CA ARG C 7 57.75 11.19 -60.01
C ARG C 7 56.28 11.49 -59.77
N GLU C 8 55.40 11.07 -60.68
CA GLU C 8 53.97 11.26 -60.47
C GLU C 8 53.45 10.35 -59.37
N VAL C 9 53.94 9.11 -59.32
CA VAL C 9 53.58 8.20 -58.22
C VAL C 9 54.09 8.76 -56.90
N ALA C 10 55.26 9.39 -56.91
CA ALA C 10 55.83 9.94 -55.68
C ALA C 10 54.97 11.07 -55.13
N ARG C 11 54.37 11.88 -56.00
CA ARG C 11 53.54 12.97 -55.52
C ARG C 11 52.24 12.46 -54.91
N VAL C 12 51.69 11.38 -55.45
CA VAL C 12 50.44 10.83 -54.91
C VAL C 12 50.70 10.16 -53.57
N THR C 13 51.80 9.40 -53.47
CA THR C 13 52.12 8.68 -52.24
C THR C 13 52.91 9.50 -51.24
N ASN C 14 53.35 10.70 -51.61
CA ASN C 14 54.07 11.62 -50.72
C ASN C 14 55.39 11.04 -50.24
N VAL C 15 56.12 10.38 -51.15
CA VAL C 15 57.49 9.96 -50.90
C VAL C 15 58.40 10.68 -51.90
N LYS C 16 59.70 10.55 -51.69
CA LYS C 16 60.65 11.19 -52.57
C LYS C 16 60.81 10.40 -53.87
N ASP C 17 61.26 11.10 -54.92
CA ASP C 17 61.42 10.48 -56.22
C ASP C 17 62.25 9.20 -56.15
N THR C 18 63.36 9.25 -55.42
CA THR C 18 64.27 8.11 -55.33
C THR C 18 63.69 6.95 -54.53
N GLU C 19 62.52 7.11 -53.93
CA GLU C 19 61.92 6.07 -53.10
C GLU C 19 60.84 5.28 -53.83
N VAL C 20 60.57 5.59 -55.09
CA VAL C 20 59.65 4.83 -55.93
C VAL C 20 60.47 3.99 -56.90
N ILE C 21 60.03 2.76 -57.13
CA ILE C 21 60.72 1.85 -58.04
C ILE C 21 59.69 1.06 -58.84
N TYR C 22 59.94 0.91 -60.13
CA TYR C 22 59.14 0.01 -60.94
C TYR C 22 59.31 -1.43 -60.46
N PHE C 23 58.25 -2.22 -60.61
CA PHE C 23 58.42 -3.65 -60.45
C PHE C 23 59.11 -4.23 -61.67
N SER C 24 60.04 -5.14 -61.43
CA SER C 24 60.68 -5.91 -62.48
C SER C 24 61.38 -7.08 -61.80
N VAL C 25 61.35 -8.25 -62.45
CA VAL C 25 61.95 -9.43 -61.86
C VAL C 25 63.45 -9.18 -61.65
N GLY C 26 63.92 -9.47 -60.44
CA GLY C 26 65.31 -9.24 -60.09
C GLY C 26 65.60 -7.89 -59.46
N ALA C 27 64.64 -6.97 -59.46
CA ALA C 27 64.88 -5.65 -58.89
C ALA C 27 65.01 -5.73 -57.38
N VAL C 28 65.96 -4.97 -56.84
CA VAL C 28 66.20 -4.93 -55.40
C VAL C 28 65.12 -4.06 -54.75
N LEU C 29 64.37 -4.66 -53.84
CA LEU C 29 63.24 -3.97 -53.21
C LEU C 29 63.61 -3.26 -51.92
N SER C 30 64.67 -3.70 -51.24
CA SER C 30 65.10 -3.01 -50.03
C SER C 30 65.55 -1.59 -50.35
N GLY C 31 65.30 -0.68 -49.41
CA GLY C 31 65.63 0.71 -49.59
C GLY C 31 64.58 1.55 -50.29
N TYR C 32 63.46 0.95 -50.69
CA TYR C 32 62.41 1.66 -51.39
C TYR C 32 61.11 1.56 -50.60
N LYS C 33 60.24 2.56 -50.79
CA LYS C 33 58.99 2.64 -50.07
C LYS C 33 57.77 2.29 -50.92
N VAL C 34 57.76 2.66 -52.18
CA VAL C 34 56.62 2.47 -53.07
C VAL C 34 57.07 1.72 -54.31
N ILE C 35 56.30 0.71 -54.71
CA ILE C 35 56.54 -0.03 -55.94
C ILE C 35 55.39 0.25 -56.90
N TYR C 36 55.71 0.32 -58.20
CA TYR C 36 54.73 0.62 -59.23
C TYR C 36 54.63 -0.56 -60.20
N ASP C 37 53.43 -1.07 -60.37
CA ASP C 37 53.16 -2.15 -61.31
C ASP C 37 52.82 -1.54 -62.66
N LYS C 38 53.69 -1.74 -63.65
CA LYS C 38 53.47 -1.13 -64.97
C LYS C 38 52.28 -1.76 -65.69
N VAL C 39 51.97 -3.02 -65.41
CA VAL C 39 50.89 -3.71 -66.11
C VAL C 39 49.53 -3.22 -65.61
N THR C 40 49.29 -3.33 -64.30
CA THR C 40 48.03 -2.88 -63.73
C THR C 40 47.97 -1.37 -63.54
N GLN C 41 49.12 -0.69 -63.59
CA GLN C 41 49.23 0.74 -63.34
C GLN C 41 48.68 1.09 -61.95
N ARG C 42 49.13 0.33 -60.96
CA ARG C 42 48.80 0.57 -59.56
C ARG C 42 50.10 0.68 -58.76
N SER C 43 50.05 1.46 -57.68
CA SER C 43 51.18 1.63 -56.79
C SER C 43 50.84 1.14 -55.40
N TYR C 44 51.86 0.66 -54.68
CA TYR C 44 51.68 0.12 -53.35
C TYR C 44 52.90 0.48 -52.50
N PHE C 45 52.65 0.84 -51.25
CA PHE C 45 53.74 0.86 -50.28
C PHE C 45 54.20 -0.56 -50.02
N ILE C 46 55.51 -0.72 -49.80
CA ILE C 46 56.07 -2.04 -49.54
C ILE C 46 56.68 -2.05 -48.14
N PRO C 47 56.71 -3.19 -47.47
CA PRO C 47 57.41 -3.26 -46.18
C PRO C 47 58.91 -3.11 -46.36
N GLU C 48 59.58 -2.82 -45.25
CA GLU C 48 61.04 -2.81 -45.24
C GLU C 48 61.54 -4.25 -45.27
N LEU C 49 62.02 -4.67 -46.42
CA LEU C 49 62.48 -6.04 -46.63
C LEU C 49 63.96 -6.16 -46.31
N PRO C 50 64.44 -7.38 -46.02
CA PRO C 50 65.88 -7.55 -45.73
C PRO C 50 66.72 -7.07 -46.90
N THR C 51 67.88 -6.49 -46.58
CA THR C 51 68.73 -5.89 -47.58
C THR C 51 69.12 -6.90 -48.65
N GLY C 52 68.99 -6.50 -49.92
CA GLY C 52 69.31 -7.36 -51.03
C GLY C 52 68.15 -8.19 -51.55
N THR C 53 66.99 -8.15 -50.90
CA THR C 53 65.83 -8.88 -51.38
C THR C 53 65.44 -8.41 -52.78
N THR C 54 65.24 -9.37 -53.68
CA THR C 54 64.93 -9.06 -55.08
C THR C 54 63.51 -9.50 -55.41
N ALA C 55 62.89 -8.79 -56.34
CA ALA C 55 61.53 -9.09 -56.73
C ALA C 55 61.47 -10.34 -57.59
N VAL C 56 60.43 -11.15 -57.38
CA VAL C 56 60.20 -12.36 -58.17
C VAL C 56 58.96 -12.22 -59.04
N SER C 57 57.81 -11.95 -58.43
CA SER C 57 56.58 -11.79 -59.18
C SER C 57 55.64 -10.85 -58.43
N LEU C 58 54.76 -10.19 -59.18
CA LEU C 58 53.72 -9.33 -58.63
C LEU C 58 52.43 -9.67 -59.37
N SER C 59 51.50 -10.31 -58.66
CA SER C 59 50.27 -10.78 -59.29
C SER C 59 49.25 -9.66 -59.42
N SER C 60 48.24 -9.90 -60.26
CA SER C 60 47.13 -8.96 -60.37
C SER C 60 46.34 -8.87 -59.07
N SER C 61 46.47 -9.85 -58.18
CA SER C 61 45.91 -9.79 -56.85
C SER C 61 46.78 -9.02 -55.87
N ALA C 62 47.79 -8.30 -56.37
CA ALA C 62 48.70 -7.47 -55.60
C ALA C 62 49.53 -8.27 -54.59
N ILE C 63 49.76 -9.55 -54.84
CA ILE C 63 50.65 -10.35 -54.01
C ILE C 63 52.06 -10.26 -54.59
N LEU C 64 52.99 -9.72 -53.81
CA LEU C 64 54.37 -9.53 -54.23
C LEU C 64 55.21 -10.68 -53.70
N VAL C 65 55.73 -11.51 -54.60
CA VAL C 65 56.66 -12.58 -54.25
C VAL C 65 58.08 -12.06 -54.47
N HIS C 66 58.96 -12.35 -53.51
CA HIS C 66 60.34 -11.89 -53.57
C HIS C 66 61.25 -12.98 -53.00
N SER C 67 62.55 -12.71 -52.98
CA SER C 67 63.53 -13.71 -52.59
C SER C 67 63.46 -14.09 -51.12
N ALA C 68 62.73 -13.32 -50.30
CA ALA C 68 62.59 -13.63 -48.88
C ALA C 68 61.16 -14.02 -48.52
N GLY C 69 60.36 -14.43 -49.50
CA GLY C 69 59.00 -14.82 -49.24
C GLY C 69 57.99 -14.04 -50.07
N SER C 70 56.94 -13.53 -49.44
CA SER C 70 55.93 -12.76 -50.14
C SER C 70 55.20 -11.85 -49.16
N VAL C 71 54.41 -10.95 -49.72
CA VAL C 71 53.58 -10.02 -48.94
C VAL C 71 52.41 -9.60 -49.80
N ASP C 72 51.21 -9.64 -49.22
CA ASP C 72 50.01 -9.18 -49.92
C ASP C 72 49.96 -7.66 -49.85
N LEU C 73 50.39 -7.01 -50.93
CA LEU C 73 50.46 -5.54 -50.93
C LEU C 73 49.08 -4.90 -50.84
N GLY C 74 48.06 -5.56 -51.40
CA GLY C 74 46.70 -5.05 -51.25
C GLY C 74 46.23 -5.10 -49.81
N ALA C 75 46.56 -6.18 -49.10
CA ALA C 75 46.21 -6.27 -47.68
C ALA C 75 47.00 -5.26 -46.86
N LEU C 76 48.26 -5.03 -47.21
CA LEU C 76 49.04 -4.00 -46.53
C LEU C 76 48.46 -2.62 -46.78
N ALA C 77 47.98 -2.37 -47.99
CA ALA C 77 47.33 -1.10 -48.30
C ALA C 77 46.08 -0.90 -47.46
N VAL C 78 45.35 -1.99 -47.19
CA VAL C 78 44.15 -1.89 -46.35
C VAL C 78 44.52 -1.41 -44.95
N SER C 79 45.56 -2.01 -44.37
CA SER C 79 46.00 -1.60 -43.03
C SER C 79 46.45 -0.14 -43.01
N ARG C 80 46.91 0.38 -44.15
CA ARG C 80 47.29 1.77 -44.29
C ARG C 80 46.15 2.64 -44.80
N GLU C 81 44.95 2.08 -44.94
CA GLU C 81 43.77 2.81 -45.43
C GLU C 81 44.05 3.48 -46.77
N GLU C 82 44.78 2.78 -47.63
CA GLU C 82 45.11 3.25 -48.97
C GLU C 82 44.32 2.41 -49.97
N TYR C 83 43.27 3.00 -50.54
CA TYR C 83 42.27 2.27 -51.30
C TYR C 83 42.17 2.79 -52.73
N VAL C 84 41.70 1.92 -53.61
CA VAL C 84 41.35 2.27 -54.98
C VAL C 84 39.85 2.06 -55.13
N THR C 85 39.13 3.10 -55.53
CA THR C 85 37.69 2.99 -55.78
C THR C 85 37.48 2.69 -57.25
N LEU C 86 36.98 1.50 -57.54
CA LEU C 86 36.72 1.10 -58.91
C LEU C 86 35.60 1.94 -59.52
N SER C 87 35.59 2.01 -60.85
CA SER C 87 34.48 2.64 -61.54
C SER C 87 33.23 1.78 -61.43
N GLY C 88 32.07 2.40 -61.59
CA GLY C 88 30.88 1.60 -61.49
C GLY C 88 30.46 1.36 -60.05
N THR C 89 29.47 0.47 -59.90
CA THR C 89 28.85 0.19 -58.62
C THR C 89 28.51 -1.29 -58.54
N PHE C 90 27.88 -1.68 -57.43
CA PHE C 90 27.25 -2.99 -57.36
C PHE C 90 26.17 -3.14 -58.40
N ASP C 91 25.49 -2.04 -58.74
CA ASP C 91 24.45 -2.08 -59.78
C ASP C 91 25.03 -2.41 -61.14
N SER C 92 26.14 -1.76 -61.50
CA SER C 92 26.76 -1.99 -62.80
C SER C 92 27.51 -3.31 -62.88
N GLY C 93 27.93 -3.85 -61.75
CA GLY C 93 28.84 -4.98 -61.74
C GLY C 93 30.29 -4.53 -61.87
N ALA C 94 31.19 -5.40 -61.44
CA ALA C 94 32.61 -5.12 -61.48
C ALA C 94 33.37 -6.41 -61.18
N VAL C 95 34.69 -6.33 -61.29
CA VAL C 95 35.58 -7.42 -60.92
C VAL C 95 36.59 -6.89 -59.92
N ILE C 96 36.60 -7.47 -58.72
CA ILE C 96 37.56 -7.11 -57.68
C ILE C 96 38.78 -8.01 -57.83
N ASN C 97 39.95 -7.41 -57.99
CA ASN C 97 41.18 -8.18 -58.09
C ASN C 97 42.07 -8.10 -56.86
N THR C 98 42.05 -6.99 -56.12
CA THR C 98 42.91 -6.80 -54.97
C THR C 98 42.08 -6.56 -53.72
N LYS C 99 42.76 -6.61 -52.56
CA LYS C 99 42.08 -6.41 -51.29
C LYS C 99 41.85 -4.93 -50.97
N ASN C 100 42.54 -4.01 -51.64
CA ASN C 100 42.37 -2.59 -51.39
C ASN C 100 41.52 -1.91 -52.47
N GLU C 101 40.78 -2.69 -53.26
CA GLU C 101 39.83 -2.14 -54.22
C GLU C 101 38.46 -2.03 -53.57
N LEU C 102 37.80 -0.90 -53.80
CA LEU C 102 36.49 -0.62 -53.23
C LEU C 102 35.43 -0.57 -54.32
N LEU C 103 34.25 -1.10 -54.01
CA LEU C 103 33.09 -1.02 -54.88
C LEU C 103 32.00 -0.25 -54.17
N THR C 104 31.50 0.81 -54.80
CA THR C 104 30.47 1.66 -54.20
C THR C 104 29.11 0.98 -54.31
N HIS C 105 28.37 0.96 -53.21
CA HIS C 105 27.01 0.42 -53.23
C HIS C 105 25.99 1.55 -53.24
N THR C 106 25.48 1.92 -52.06
CA THR C 106 24.51 3.00 -51.95
C THR C 106 25.02 4.09 -51.00
N ASP C 107 25.08 3.81 -49.69
CA ASP C 107 25.53 4.80 -48.72
C ASP C 107 27.03 4.72 -48.45
N GLY C 108 27.71 3.67 -48.91
CA GLY C 108 29.12 3.54 -48.63
C GLY C 108 29.81 2.63 -49.61
N LYS C 109 31.06 2.31 -49.31
CA LYS C 109 31.90 1.45 -50.13
C LYS C 109 32.20 0.16 -49.39
N TYR C 110 32.56 -0.87 -50.15
CA TYR C 110 32.89 -2.17 -49.60
C TYR C 110 34.14 -2.72 -50.27
N ARG C 111 34.92 -3.45 -49.48
CA ARG C 111 36.02 -4.25 -49.98
C ARG C 111 35.69 -5.73 -49.81
N TRP C 112 36.32 -6.56 -50.62
CA TRP C 112 36.09 -8.00 -50.60
C TRP C 112 37.17 -8.67 -49.74
N ASP C 113 36.75 -9.45 -48.76
CA ASP C 113 37.65 -10.13 -47.85
C ASP C 113 37.79 -11.62 -48.17
N GLY C 114 37.14 -12.10 -49.23
CA GLY C 114 37.19 -13.50 -49.56
C GLY C 114 38.09 -13.84 -50.73
N THR C 115 37.78 -14.93 -51.43
CA THR C 115 38.62 -15.38 -52.54
C THR C 115 38.63 -14.36 -53.66
N LEU C 116 39.82 -14.16 -54.25
CA LEU C 116 40.04 -13.27 -55.37
C LEU C 116 40.46 -14.05 -56.60
N PRO C 117 40.10 -13.57 -57.81
CA PRO C 117 39.28 -12.38 -58.03
C PRO C 117 37.81 -12.60 -57.72
N LYS C 118 37.07 -11.51 -57.53
CA LYS C 118 35.66 -11.55 -57.15
C LYS C 118 34.85 -10.89 -58.26
N THR C 119 34.05 -11.69 -58.96
CA THR C 119 33.17 -11.18 -60.00
C THR C 119 31.85 -10.77 -59.39
N VAL C 120 31.46 -9.51 -59.63
CA VAL C 120 30.17 -8.98 -59.18
C VAL C 120 29.32 -8.77 -60.42
N ALA C 121 28.20 -9.48 -60.50
CA ALA C 121 27.31 -9.33 -61.63
C ALA C 121 26.51 -8.03 -61.54
N ALA C 122 26.02 -7.57 -62.68
CA ALA C 122 25.15 -6.41 -62.70
C ALA C 122 23.91 -6.66 -61.86
N GLY C 123 23.41 -5.61 -61.22
CA GLY C 123 22.24 -5.73 -60.37
C GLY C 123 22.49 -6.42 -59.05
N SER C 124 23.72 -6.40 -58.56
CA SER C 124 24.07 -7.07 -57.32
C SER C 124 23.96 -6.12 -56.13
N THR C 125 23.92 -6.72 -54.94
CA THR C 125 24.09 -6.04 -53.67
C THR C 125 25.10 -6.84 -52.87
N PRO C 126 25.64 -6.26 -51.79
CA PRO C 126 26.50 -7.07 -50.91
C PRO C 126 25.81 -8.31 -50.35
N ALA C 127 24.52 -8.20 -50.04
CA ALA C 127 23.81 -9.33 -49.45
C ALA C 127 23.66 -10.48 -50.43
N THR C 128 23.47 -10.19 -51.72
CA THR C 128 23.25 -11.23 -52.71
C THR C 128 24.53 -11.74 -53.34
N THR C 129 25.70 -11.26 -52.90
CA THR C 129 26.97 -11.70 -53.46
C THR C 129 27.95 -12.13 -52.37
N GLY C 130 27.43 -12.64 -51.25
CA GLY C 130 28.29 -13.18 -50.22
C GLY C 130 27.96 -12.74 -48.80
N GLY C 131 27.24 -11.62 -48.69
CA GLY C 131 26.93 -11.07 -47.38
C GLY C 131 28.02 -10.14 -46.89
N VAL C 132 27.80 -9.62 -45.68
CA VAL C 132 28.71 -8.66 -45.07
C VAL C 132 29.34 -9.31 -43.84
N GLY C 133 30.67 -9.33 -43.80
CA GLY C 133 31.37 -9.89 -42.67
C GLY C 133 32.73 -10.41 -43.09
N SER C 134 33.43 -10.97 -42.11
CA SER C 134 34.75 -11.54 -42.34
C SER C 134 34.68 -12.62 -43.41
N GLY C 135 35.62 -12.58 -44.36
CA GLY C 135 35.58 -13.47 -45.50
C GLY C 135 34.63 -13.05 -46.60
N ALA C 136 33.87 -11.98 -46.40
CA ALA C 136 32.94 -11.50 -47.40
C ALA C 136 33.14 -10.00 -47.64
N TRP C 137 32.05 -9.24 -47.68
CA TRP C 137 32.13 -7.80 -47.88
C TRP C 137 32.34 -7.10 -46.54
N LEU C 138 33.19 -6.08 -46.56
CA LEU C 138 33.47 -5.26 -45.38
C LEU C 138 33.36 -3.80 -45.77
N SER C 139 32.60 -3.02 -44.99
CA SER C 139 32.38 -1.62 -45.33
C SER C 139 33.62 -0.79 -45.02
N VAL C 140 33.82 0.26 -45.82
CA VAL C 140 35.01 1.10 -45.76
C VAL C 140 34.59 2.55 -46.02
N GLY C 141 35.14 3.48 -45.25
CA GLY C 141 35.09 4.88 -45.59
C GLY C 141 34.26 5.70 -44.61
N ASP C 142 34.39 7.02 -44.74
N ASP C 142 34.41 7.02 -44.75
CA ASP C 142 33.71 7.93 -43.83
CA ASP C 142 33.72 7.96 -43.87
C ASP C 142 32.20 7.95 -44.08
C ASP C 142 32.21 7.91 -44.08
N ALA C 143 31.78 7.90 -45.34
CA ALA C 143 30.35 7.91 -45.64
C ALA C 143 29.67 6.64 -45.12
N SER C 144 30.37 5.51 -45.21
CA SER C 144 29.81 4.26 -44.69
C SER C 144 29.64 4.33 -43.17
N LEU C 145 30.64 4.87 -42.47
CA LEU C 145 30.55 4.99 -41.02
C LEU C 145 29.45 5.95 -40.60
N LYS C 146 29.39 7.12 -41.27
CA LYS C 146 28.37 8.11 -40.93
C LYS C 146 26.96 7.54 -41.13
N SER C 147 26.73 6.87 -42.26
CA SER C 147 25.41 6.33 -42.54
C SER C 147 25.09 5.13 -41.64
N ASN C 148 26.10 4.34 -41.27
CA ASN C 148 25.86 3.24 -40.33
C ASN C 148 25.41 3.78 -38.97
N LEU C 149 26.05 4.86 -38.51
CA LEU C 149 25.63 5.48 -37.25
C LEU C 149 24.22 6.03 -37.34
N ASN C 150 23.79 6.43 -38.53
CA ASN C 150 22.46 7.00 -38.74
C ASN C 150 21.41 5.96 -39.08
N LYS C 151 21.79 4.69 -39.21
CA LYS C 151 20.83 3.63 -39.45
C LYS C 151 19.95 3.43 -38.20
N PRO C 152 18.76 2.86 -38.38
CA PRO C 152 17.89 2.61 -37.22
C PRO C 152 18.55 1.83 -36.09
N ASN C 153 19.54 0.99 -36.41
CA ASN C 153 20.32 0.26 -35.40
C ASN C 153 21.67 0.93 -35.15
N GLY C 154 21.75 2.25 -35.32
CA GLY C 154 23.03 2.93 -35.26
C GLY C 154 23.73 2.82 -33.92
N LEU C 155 22.95 2.65 -32.83
CA LEU C 155 23.57 2.55 -31.51
C LEU C 155 24.46 1.32 -31.38
N SER C 156 24.18 0.27 -32.16
CA SER C 156 24.97 -0.95 -32.08
C SER C 156 26.41 -0.76 -32.50
N TYR C 157 26.76 0.37 -33.11
CA TYR C 157 28.14 0.68 -33.48
C TYR C 157 28.90 1.36 -32.35
N ILE C 158 28.25 1.64 -31.22
CA ILE C 158 28.90 2.18 -30.03
C ILE C 158 29.30 1.02 -29.12
N GLY C 159 30.52 1.07 -28.61
CA GLY C 159 31.00 0.01 -27.75
C GLY C 159 30.36 0.06 -26.37
N THR C 160 30.35 -1.09 -25.71
CA THR C 160 29.72 -1.26 -24.42
C THR C 160 30.62 -2.08 -23.50
N VAL C 161 30.33 -2.02 -22.20
CA VAL C 161 31.00 -2.84 -21.20
C VAL C 161 30.07 -4.00 -20.86
N SER C 162 30.62 -5.22 -20.89
CA SER C 162 29.79 -6.41 -20.81
C SER C 162 29.30 -6.72 -19.40
N SER C 163 30.07 -6.36 -18.37
CA SER C 163 29.72 -6.79 -17.02
C SER C 163 30.40 -5.89 -16.00
N VAL C 164 29.94 -6.00 -14.76
CA VAL C 164 30.58 -5.30 -13.65
C VAL C 164 32.01 -5.78 -13.46
N SER C 165 32.27 -7.06 -13.70
CA SER C 165 33.64 -7.58 -13.58
C SER C 165 34.57 -6.90 -14.58
N GLU C 166 34.11 -6.73 -15.83
CA GLU C 166 34.92 -6.01 -16.81
C GLU C 166 35.03 -4.53 -16.44
N LEU C 167 33.99 -3.97 -15.84
CA LEU C 167 33.97 -2.55 -15.52
C LEU C 167 35.13 -2.15 -14.61
N SER C 168 35.60 -3.08 -13.77
CA SER C 168 36.69 -2.78 -12.85
C SER C 168 37.98 -2.40 -13.58
N SER C 169 38.15 -2.83 -14.82
CA SER C 169 39.33 -2.52 -15.60
C SER C 169 39.13 -1.36 -16.57
N ILE C 170 37.96 -0.73 -16.56
CA ILE C 170 37.66 0.37 -17.47
C ILE C 170 38.03 1.68 -16.78
N ALA C 171 38.88 2.47 -17.44
CA ALA C 171 39.28 3.78 -16.94
C ALA C 171 38.50 4.87 -17.66
N GLY C 172 38.63 6.09 -17.16
CA GLY C 172 37.96 7.22 -17.79
C GLY C 172 38.20 8.50 -17.02
N LEU C 173 37.85 9.60 -17.66
CA LEU C 173 37.90 10.91 -17.02
C LEU C 173 36.62 11.16 -16.24
N ILE C 174 36.71 12.03 -15.23
CA ILE C 174 35.54 12.37 -14.43
C ILE C 174 34.47 12.94 -15.34
N GLY C 175 33.28 12.33 -15.30
CA GLY C 175 32.17 12.74 -16.13
C GLY C 175 31.96 11.89 -17.37
N ASP C 176 32.93 11.03 -17.71
CA ASP C 176 32.76 10.14 -18.85
C ASP C 176 31.58 9.20 -18.61
N SER C 177 30.80 8.97 -19.66
CA SER C 177 29.63 8.10 -19.60
C SER C 177 29.89 6.87 -20.47
N ILE C 178 29.57 5.69 -19.94
CA ILE C 178 29.75 4.43 -20.65
C ILE C 178 28.46 3.62 -20.54
N ILE C 179 28.32 2.65 -21.43
CA ILE C 179 27.17 1.76 -21.44
C ILE C 179 27.57 0.45 -20.78
N LEU C 180 26.85 0.07 -19.73
CA LEU C 180 26.99 -1.24 -19.10
C LEU C 180 25.85 -2.12 -19.59
N ASP C 181 26.19 -3.24 -20.23
CA ASP C 181 25.17 -4.11 -20.80
C ASP C 181 24.39 -4.84 -19.72
N SER C 182 25.08 -5.26 -18.66
CA SER C 182 24.49 -6.14 -17.66
C SER C 182 25.43 -6.19 -16.46
N TYR C 183 24.87 -6.58 -15.31
CA TYR C 183 25.71 -6.82 -14.14
C TYR C 183 26.59 -8.04 -14.36
N VAL C 184 25.98 -9.15 -14.74
CA VAL C 184 26.70 -10.38 -15.07
C VAL C 184 26.65 -10.57 -16.57
N ASP C 185 27.76 -11.03 -17.14
CA ASP C 185 27.92 -11.09 -18.59
C ASP C 185 26.83 -11.92 -19.25
N GLY C 186 26.17 -11.33 -20.25
CA GLY C 186 25.26 -12.04 -21.11
C GLY C 186 23.82 -12.14 -20.66
N PHE C 187 23.47 -11.60 -19.50
CA PHE C 187 22.13 -11.77 -18.95
C PHE C 187 21.19 -10.60 -19.26
N ASN C 188 21.71 -9.47 -19.72
CA ASN C 188 20.89 -8.29 -20.04
C ASN C 188 20.07 -7.82 -18.84
N LEU C 189 20.68 -7.86 -17.66
CA LEU C 189 20.02 -7.48 -16.42
C LEU C 189 20.95 -6.59 -15.59
N GLY C 190 20.37 -5.54 -15.02
CA GLY C 190 21.13 -4.70 -14.10
C GLY C 190 22.14 -3.79 -14.74
N GLY C 191 22.08 -3.60 -16.06
CA GLY C 191 22.95 -2.68 -16.74
C GLY C 191 22.49 -1.25 -16.61
N GLY C 192 23.08 -0.39 -17.43
CA GLY C 192 22.69 1.00 -17.47
C GLY C 192 23.86 1.88 -17.87
N VAL C 193 23.54 3.16 -18.05
CA VAL C 193 24.57 4.16 -18.33
C VAL C 193 25.30 4.49 -17.03
N MET C 194 26.62 4.38 -17.07
CA MET C 194 27.47 4.65 -15.91
C MET C 194 28.28 5.91 -16.17
N VAL C 195 28.53 6.68 -15.11
CA VAL C 195 29.31 7.90 -15.19
C VAL C 195 30.46 7.82 -14.21
N ALA C 196 31.63 8.29 -14.63
CA ALA C 196 32.84 8.19 -13.83
C ALA C 196 32.85 9.26 -12.75
N VAL C 197 33.02 8.84 -11.50
CA VAL C 197 33.10 9.75 -10.37
C VAL C 197 34.43 9.58 -9.66
N ASN C 198 34.64 10.34 -8.58
CA ASN C 198 35.93 10.37 -7.92
C ASN C 198 36.32 8.97 -7.42
N SER C 199 37.62 8.67 -7.52
CA SER C 199 38.10 7.34 -7.17
C SER C 199 37.95 7.00 -5.70
N ASP C 200 37.72 8.00 -4.84
CA ASP C 200 37.51 7.76 -3.42
C ASP C 200 36.05 7.53 -3.07
N THR C 201 35.17 7.48 -4.07
CA THR C 201 33.74 7.26 -3.82
C THR C 201 33.53 5.87 -3.23
N VAL C 202 32.61 5.78 -2.26
CA VAL C 202 32.29 4.50 -1.64
C VAL C 202 31.64 3.59 -2.66
N VAL C 203 32.15 2.37 -2.78
CA VAL C 203 31.63 1.36 -3.70
C VAL C 203 30.69 0.45 -2.92
N ASP C 204 29.44 0.35 -3.37
CA ASP C 204 28.47 -0.55 -2.75
C ASP C 204 28.00 -1.67 -3.66
N ASN C 205 28.48 -1.72 -4.90
CA ASN C 205 28.14 -2.77 -5.86
C ASN C 205 26.64 -2.82 -6.12
N ILE C 206 25.96 -1.68 -6.00
CA ILE C 206 24.57 -1.53 -6.37
C ILE C 206 24.46 -0.29 -7.25
N VAL C 207 24.90 0.85 -6.71
CA VAL C 207 24.90 2.12 -7.43
C VAL C 207 26.29 2.48 -7.92
N THR C 208 27.30 2.26 -7.10
CA THR C 208 28.68 2.57 -7.44
C THR C 208 29.48 1.28 -7.58
N PHE C 209 30.41 1.27 -8.54
CA PHE C 209 31.21 0.09 -8.84
C PHE C 209 32.66 0.51 -9.07
N GLN C 210 33.57 -0.40 -8.77
CA GLN C 210 34.99 -0.10 -8.91
C GLN C 210 35.37 0.04 -10.37
N GLY C 211 36.23 1.01 -10.66
CA GLY C 211 36.79 1.19 -11.98
C GLY C 211 38.31 1.23 -11.94
N ASN C 212 38.91 1.46 -13.10
CA ASN C 212 40.36 1.53 -13.23
C ASN C 212 40.79 2.97 -13.03
N GLY C 213 41.10 3.32 -11.78
CA GLY C 213 41.47 4.67 -11.43
C GLY C 213 40.30 5.60 -11.14
N VAL C 214 39.07 5.13 -11.32
CA VAL C 214 37.86 5.89 -11.03
C VAL C 214 36.84 4.96 -10.40
N VAL C 215 35.68 5.52 -10.04
CA VAL C 215 34.52 4.76 -9.63
C VAL C 215 33.41 5.04 -10.63
N TRP C 216 32.64 4.01 -10.96
CA TRP C 216 31.55 4.11 -11.92
C TRP C 216 30.22 4.12 -11.17
N LYS C 217 29.44 5.17 -11.38
CA LYS C 217 28.15 5.34 -10.72
C LYS C 217 27.03 5.30 -11.76
N ARG C 218 25.91 4.68 -11.38
CA ARG C 218 24.73 4.67 -12.24
C ARG C 218 24.30 6.11 -12.51
N LYS C 219 24.29 6.49 -13.79
CA LYS C 219 24.07 7.88 -14.15
C LYS C 219 22.64 8.32 -13.85
N LEU C 220 21.68 7.42 -14.00
CA LEU C 220 20.26 7.76 -13.91
C LEU C 220 19.56 7.03 -12.77
N PHE C 221 20.28 6.75 -11.69
CA PHE C 221 19.68 6.03 -10.57
C PHE C 221 18.72 6.93 -9.82
N ASN C 222 17.49 6.44 -9.60
CA ASN C 222 16.43 7.23 -9.00
C ASN C 222 16.24 6.97 -7.52
N GLY C 223 17.15 6.23 -6.89
CA GLY C 223 17.03 5.89 -5.49
C GLY C 223 16.32 4.59 -5.20
N VAL C 224 15.73 3.95 -6.21
CA VAL C 224 14.98 2.71 -6.03
C VAL C 224 15.86 1.57 -6.51
N ALA C 225 16.26 0.69 -5.58
CA ALA C 225 17.14 -0.41 -5.89
C ALA C 225 16.35 -1.71 -6.00
N ASP C 226 16.56 -2.43 -7.11
CA ASP C 226 15.99 -3.75 -7.31
C ASP C 226 17.09 -4.79 -7.33
N VAL C 227 16.70 -6.06 -7.26
CA VAL C 227 17.68 -7.14 -7.13
C VAL C 227 18.53 -7.27 -8.39
N TYR C 228 17.98 -6.91 -9.56
CA TYR C 228 18.77 -6.96 -10.78
C TYR C 228 19.99 -6.04 -10.69
N GLU C 229 19.80 -4.84 -10.17
CA GLU C 229 20.89 -3.88 -10.02
C GLU C 229 21.94 -4.33 -9.01
N ALA C 230 21.64 -5.34 -8.20
CA ALA C 230 22.58 -5.87 -7.23
C ALA C 230 23.27 -7.15 -7.70
N GLY C 231 22.87 -7.70 -8.84
CA GLY C 231 23.54 -8.84 -9.43
C GLY C 231 22.67 -10.07 -9.65
N TYR C 232 21.36 -10.01 -9.42
CA TYR C 232 20.51 -11.18 -9.64
C TYR C 232 20.32 -11.41 -11.14
N THR C 233 20.45 -12.67 -11.56
CA THR C 233 20.43 -13.02 -12.97
C THR C 233 19.20 -13.81 -13.39
N GLY C 234 18.25 -14.03 -12.49
CA GLY C 234 17.08 -14.83 -12.80
C GLY C 234 17.12 -16.23 -12.23
N THR C 235 18.28 -16.70 -11.79
CA THR C 235 18.41 -17.97 -11.08
C THR C 235 19.32 -17.75 -9.88
N GLY C 236 19.36 -18.74 -9.00
CA GLY C 236 20.19 -18.64 -7.83
C GLY C 236 19.44 -18.11 -6.61
N ASP C 237 20.22 -17.84 -5.57
CA ASP C 237 19.69 -17.52 -4.25
C ASP C 237 19.30 -16.04 -4.21
N LEU C 238 17.99 -15.78 -4.29
CA LEU C 238 17.50 -14.40 -4.23
C LEU C 238 17.80 -13.78 -2.87
N ALA C 239 17.93 -14.60 -1.82
CA ALA C 239 18.18 -14.07 -0.49
C ALA C 239 19.52 -13.34 -0.41
N ILE C 240 20.49 -13.77 -1.21
CA ILE C 240 21.80 -13.10 -1.23
C ILE C 240 21.64 -11.63 -1.59
N PHE C 241 20.79 -11.35 -2.56
CA PHE C 241 20.64 -9.98 -3.07
C PHE C 241 19.64 -9.16 -2.25
N ILE C 242 18.67 -9.81 -1.62
CA ILE C 242 17.86 -9.11 -0.61
C ILE C 242 18.74 -8.65 0.55
N ASN C 243 19.58 -9.56 1.06
CA ASN C 243 20.49 -9.20 2.14
C ASN C 243 21.43 -8.07 1.72
N LYS C 244 21.98 -8.16 0.51
CA LYS C 244 22.95 -7.17 0.05
C LYS C 244 22.32 -5.79 -0.04
N ILE C 245 21.14 -5.69 -0.65
CA ILE C 245 20.50 -4.38 -0.80
C ILE C 245 20.10 -3.81 0.55
N ASN C 246 19.53 -4.64 1.43
CA ASN C 246 19.14 -4.15 2.75
C ASN C 246 20.35 -3.72 3.56
N ALA C 247 21.44 -4.48 3.48
CA ALA C 247 22.63 -4.15 4.26
C ALA C 247 23.22 -2.80 3.85
N VAL C 248 23.08 -2.42 2.59
CA VAL C 248 23.62 -1.13 2.14
C VAL C 248 22.75 0.03 2.61
N GLY C 249 21.44 -0.16 2.66
CA GLY C 249 20.56 0.88 3.17
C GLY C 249 19.58 1.43 2.15
N PHE C 250 19.04 0.54 1.31
CA PHE C 250 17.99 0.89 0.37
C PHE C 250 16.77 0.01 0.63
N ASP C 251 15.60 0.51 0.25
CA ASP C 251 14.47 -0.38 0.03
C ASP C 251 14.86 -1.43 -0.99
N CYS C 252 14.46 -2.67 -0.73
CA CYS C 252 14.78 -3.79 -1.63
C CYS C 252 13.52 -4.15 -2.40
N ILE C 253 13.55 -3.93 -3.71
CA ILE C 253 12.43 -4.24 -4.58
C ILE C 253 12.72 -5.57 -5.27
N VAL C 254 11.81 -6.52 -5.13
CA VAL C 254 11.95 -7.84 -5.74
C VAL C 254 10.83 -8.03 -6.75
N PRO C 255 11.05 -7.65 -8.02
CA PRO C 255 9.95 -7.73 -9.00
C PRO C 255 9.92 -9.07 -9.71
N VAL C 256 10.32 -10.13 -9.03
CA VAL C 256 10.49 -11.43 -9.66
C VAL C 256 10.35 -12.51 -8.59
N SER C 257 9.94 -13.71 -9.03
CA SER C 257 9.90 -14.87 -8.16
C SER C 257 11.18 -15.69 -8.33
N GLY C 258 11.48 -16.48 -7.32
CA GLY C 258 12.68 -17.30 -7.35
C GLY C 258 12.81 -18.12 -6.10
N GLU C 259 14.04 -18.56 -5.83
CA GLU C 259 14.33 -19.42 -4.69
C GLU C 259 15.19 -18.68 -3.67
N ILE C 260 15.07 -19.09 -2.41
CA ILE C 260 15.89 -18.56 -1.33
C ILE C 260 16.55 -19.73 -0.60
N THR C 261 17.78 -19.52 -0.15
CA THR C 261 18.54 -20.56 0.52
C THR C 261 19.20 -20.02 1.79
N THR C 262 20.13 -19.07 1.63
CA THR C 262 20.75 -18.45 2.80
C THR C 262 19.70 -17.66 3.57
N PRO C 263 19.77 -17.65 4.90
CA PRO C 263 18.75 -16.94 5.69
C PRO C 263 18.75 -15.45 5.38
N ILE C 264 17.55 -14.88 5.29
CA ILE C 264 17.41 -13.45 5.08
C ILE C 264 17.50 -12.73 6.41
N ILE C 265 18.26 -11.63 6.43
CA ILE C 265 18.32 -10.74 7.58
C ILE C 265 17.77 -9.40 7.12
N PHE C 266 16.56 -9.08 7.57
CA PHE C 266 15.84 -7.88 7.14
C PHE C 266 15.90 -6.85 8.26
N ASP C 267 16.69 -5.80 8.05
CA ASP C 267 16.89 -4.74 9.03
C ASP C 267 15.97 -3.58 8.67
N ILE C 268 14.96 -3.34 9.51
CA ILE C 268 14.01 -2.27 9.25
C ILE C 268 14.62 -0.89 9.38
N ALA C 269 15.80 -0.77 9.98
CA ALA C 269 16.48 0.52 10.05
C ALA C 269 17.07 0.91 8.71
N LYS C 270 17.23 -0.03 7.79
CA LYS C 270 17.91 0.21 6.52
C LYS C 270 16.97 0.42 5.35
N GLY C 271 15.77 -0.15 5.38
CA GLY C 271 14.84 0.01 4.29
C GLY C 271 13.73 -1.01 4.36
N ALA C 272 12.82 -0.90 3.41
CA ALA C 272 11.68 -1.79 3.29
C ALA C 272 12.01 -2.97 2.39
N LEU C 273 11.10 -3.95 2.38
CA LEU C 273 11.19 -5.11 1.50
C LEU C 273 9.88 -5.19 0.72
N ILE C 274 9.97 -5.08 -0.60
CA ILE C 274 8.81 -4.88 -1.46
C ILE C 274 8.84 -5.89 -2.58
N GLY C 275 7.83 -6.75 -2.64
CA GLY C 275 7.68 -7.73 -3.71
C GLY C 275 6.67 -7.24 -4.74
N LYS C 276 6.95 -7.55 -6.01
CA LYS C 276 6.09 -7.15 -7.12
C LYS C 276 5.90 -8.33 -8.06
N ASN C 277 4.87 -8.22 -8.92
CA ASN C 277 4.58 -9.20 -9.95
C ASN C 277 4.37 -10.60 -9.37
N LYS C 278 3.47 -10.69 -8.39
CA LYS C 278 3.16 -11.95 -7.70
C LYS C 278 4.44 -12.59 -7.15
N CYS C 279 5.24 -11.79 -6.44
CA CYS C 279 6.54 -12.25 -5.96
C CYS C 279 6.38 -13.47 -5.05
N THR C 280 7.03 -14.56 -5.43
CA THR C 280 6.96 -15.82 -4.71
C THR C 280 8.37 -16.31 -4.45
N LEU C 281 8.72 -16.48 -3.18
CA LEU C 281 10.05 -16.94 -2.78
C LEU C 281 9.92 -18.37 -2.25
N ILE C 282 10.42 -19.32 -3.02
CA ILE C 282 10.29 -20.74 -2.69
C ILE C 282 11.61 -21.23 -2.10
N GLU C 283 11.56 -21.69 -0.85
CA GLU C 283 12.76 -22.18 -0.17
C GLU C 283 13.30 -23.42 -0.88
N SER C 284 14.61 -23.42 -1.12
CA SER C 284 15.24 -24.55 -1.79
C SER C 284 15.31 -25.76 -0.85
N ALA C 285 15.48 -26.93 -1.46
CA ALA C 285 15.55 -28.16 -0.68
C ALA C 285 16.81 -28.21 0.18
N SER C 286 17.88 -27.53 -0.25
CA SER C 286 19.15 -27.56 0.47
C SER C 286 19.22 -26.53 1.60
N ALA C 287 18.24 -25.63 1.70
CA ALA C 287 18.29 -24.59 2.71
C ALA C 287 18.31 -25.18 4.11
N THR C 288 19.27 -24.74 4.91
CA THR C 288 19.47 -25.25 6.27
C THR C 288 19.31 -24.12 7.28
N GLY C 289 19.41 -24.47 8.55
CA GLY C 289 19.15 -23.54 9.62
C GLY C 289 17.71 -23.61 10.11
N ASP C 290 17.44 -22.89 11.19
CA ASP C 290 16.10 -22.85 11.77
C ASP C 290 15.26 -21.70 11.25
N TYR C 291 15.86 -20.74 10.56
CA TYR C 291 15.17 -19.53 10.14
C TYR C 291 15.48 -19.21 8.70
N TYR C 292 14.43 -18.87 7.93
CA TYR C 292 14.60 -18.36 6.58
C TYR C 292 14.59 -16.85 6.52
N LEU C 293 14.07 -16.18 7.55
CA LEU C 293 13.98 -14.72 7.58
C LEU C 293 13.98 -14.27 9.02
N THR C 294 14.84 -13.31 9.34
CA THR C 294 14.88 -12.69 10.66
C THR C 294 14.75 -11.19 10.49
N ILE C 295 13.81 -10.58 11.19
CA ILE C 295 13.53 -9.15 11.10
C ILE C 295 14.11 -8.48 12.34
N VAL C 296 15.07 -7.56 12.11
CA VAL C 296 15.82 -6.93 13.19
C VAL C 296 15.79 -5.43 13.02
N ASN C 297 16.37 -4.73 14.00
CA ASN C 297 16.54 -3.28 13.96
C ASN C 297 17.89 -2.99 14.60
N THR C 298 18.90 -2.75 13.77
CA THR C 298 20.24 -2.51 14.30
C THR C 298 20.37 -1.16 14.99
N ASP C 299 19.36 -0.30 14.90
CA ASP C 299 19.36 0.97 15.61
C ASP C 299 18.79 0.72 17.01
N THR C 300 19.64 0.81 18.03
CA THR C 300 19.23 0.61 19.41
C THR C 300 18.99 1.94 20.13
N ASP C 301 18.99 3.05 19.41
CA ASP C 301 18.85 4.37 19.99
C ASP C 301 17.37 4.73 20.13
N TYR C 302 17.01 5.34 21.27
CA TYR C 302 15.62 5.71 21.51
C TYR C 302 15.15 6.79 20.54
N THR C 303 15.99 7.81 20.31
CA THR C 303 15.58 8.95 19.50
C THR C 303 15.19 8.50 18.10
N ASN C 304 15.93 7.55 17.53
CA ASN C 304 15.68 7.11 16.16
C ASN C 304 14.59 6.05 16.05
N ARG C 305 14.13 5.48 17.17
CA ARG C 305 13.20 4.35 17.09
C ARG C 305 11.90 4.74 16.39
N ASP C 306 11.24 5.81 16.86
CA ASP C 306 9.97 6.21 16.27
C ASP C 306 10.16 6.64 14.82
N VAL C 307 11.26 7.31 14.51
CA VAL C 307 11.53 7.74 13.15
C VAL C 307 11.67 6.53 12.23
N ILE C 308 12.35 5.50 12.70
CA ILE C 308 12.61 4.33 11.85
C ILE C 308 11.37 3.45 11.75
N ASN C 309 10.71 3.20 12.88
CA ASN C 309 9.61 2.25 12.91
C ASN C 309 8.33 2.79 12.26
N ALA C 310 8.20 4.10 12.12
CA ALA C 310 7.00 4.67 11.50
C ALA C 310 6.84 4.19 10.07
N THR C 311 7.95 4.06 9.33
CA THR C 311 7.92 3.69 7.93
C THR C 311 8.23 2.21 7.69
N ALA C 312 8.45 1.43 8.74
CA ALA C 312 8.88 0.04 8.58
C ALA C 312 7.83 -0.77 7.82
N LEU C 313 8.27 -1.48 6.79
CA LEU C 313 7.34 -2.09 5.85
C LEU C 313 7.95 -3.32 5.19
N MET C 314 7.18 -4.41 5.14
CA MET C 314 7.43 -5.55 4.26
C MET C 314 6.12 -5.89 3.59
N THR C 315 6.10 -5.93 2.26
CA THR C 315 4.84 -6.09 1.56
C THR C 315 5.03 -6.84 0.25
N GLY C 316 3.99 -7.60 -0.13
CA GLY C 316 3.90 -8.16 -1.46
C GLY C 316 4.73 -9.39 -1.74
N VAL C 317 5.03 -10.21 -0.72
CA VAL C 317 5.88 -11.37 -0.88
C VAL C 317 5.19 -12.60 -0.32
N SER C 318 5.13 -13.67 -1.10
CA SER C 318 4.65 -14.96 -0.64
C SER C 318 5.86 -15.87 -0.40
N PHE C 319 6.08 -16.25 0.85
CA PHE C 319 7.13 -17.19 1.20
C PHE C 319 6.55 -18.60 1.22
N VAL C 320 7.17 -19.51 0.47
CA VAL C 320 6.75 -20.91 0.41
C VAL C 320 7.90 -21.74 0.95
N GLY C 321 7.76 -22.22 2.19
CA GLY C 321 8.78 -23.02 2.83
C GLY C 321 8.61 -24.50 2.52
N LYS C 322 9.46 -25.30 3.16
CA LYS C 322 9.34 -26.76 3.10
C LYS C 322 9.10 -27.35 4.49
N GLY C 323 8.65 -26.53 5.44
CA GLY C 323 8.25 -27.01 6.75
C GLY C 323 9.35 -27.12 7.77
N THR C 324 10.55 -26.60 7.50
CA THR C 324 11.68 -26.77 8.41
C THR C 324 12.16 -25.47 9.04
N ARG C 325 11.89 -24.32 8.44
CA ARG C 325 12.48 -23.06 8.88
C ARG C 325 11.39 -22.07 9.25
N LYS C 326 11.71 -21.20 10.21
CA LYS C 326 10.78 -20.26 10.79
C LYS C 326 11.12 -18.83 10.39
N LEU C 327 10.19 -17.93 10.71
CA LEU C 327 10.41 -16.50 10.60
C LEU C 327 10.56 -15.94 12.01
N ALA C 328 11.66 -15.23 12.25
CA ALA C 328 11.96 -14.66 13.54
C ALA C 328 11.81 -13.14 13.51
N ILE C 329 11.21 -12.59 14.57
CA ILE C 329 11.00 -11.15 14.69
C ILE C 329 11.64 -10.70 15.99
N GLY C 330 12.61 -9.80 15.88
CA GLY C 330 13.29 -9.28 17.05
C GLY C 330 14.59 -9.98 17.36
N GLY C 331 14.99 -9.97 18.62
CA GLY C 331 16.23 -10.57 19.06
C GLY C 331 16.75 -9.84 20.29
N SER C 332 17.47 -10.57 21.13
CA SER C 332 17.99 -10.00 22.37
C SER C 332 19.00 -8.90 22.11
N THR C 333 19.72 -8.98 20.99
CA THR C 333 20.70 -7.96 20.61
C THR C 333 20.11 -6.93 19.65
N SER C 334 18.87 -7.10 19.22
CA SER C 334 18.26 -6.17 18.28
C SER C 334 17.64 -4.99 19.01
N GLY C 335 17.57 -3.86 18.30
CA GLY C 335 16.72 -2.78 18.73
C GLY C 335 15.25 -3.18 18.63
N GLU C 336 14.39 -2.32 19.15
CA GLU C 336 12.98 -2.65 19.20
C GLU C 336 12.39 -2.73 17.79
N VAL C 337 11.84 -3.89 17.45
CA VAL C 337 11.15 -4.10 16.19
C VAL C 337 9.66 -3.92 16.48
N SER C 338 9.14 -2.75 16.14
CA SER C 338 7.75 -2.43 16.44
C SER C 338 7.19 -1.54 15.34
N GLU C 339 5.87 -1.42 15.32
CA GLU C 339 5.15 -0.65 14.30
C GLU C 339 5.52 -1.10 12.89
N LEU C 340 5.87 -2.37 12.74
CA LEU C 340 6.20 -2.93 11.44
C LEU C 340 4.92 -3.39 10.75
N ARG C 341 4.68 -2.88 9.55
CA ARG C 341 3.56 -3.34 8.74
C ARG C 341 4.03 -4.46 7.83
N ILE C 342 3.45 -5.64 8.00
CA ILE C 342 3.62 -6.76 7.10
C ILE C 342 2.29 -6.93 6.37
N SER C 343 2.24 -6.49 5.12
CA SER C 343 0.99 -6.40 4.38
C SER C 343 1.08 -7.20 3.09
N ASN C 344 -0.03 -7.84 2.72
CA ASN C 344 -0.15 -8.56 1.45
C ASN C 344 0.97 -9.59 1.30
N CYS C 345 1.27 -10.31 2.37
CA CYS C 345 2.34 -11.29 2.38
C CYS C 345 1.79 -12.68 2.70
N GLY C 346 2.49 -13.69 2.24
CA GLY C 346 2.11 -15.08 2.49
C GLY C 346 3.23 -15.81 3.21
N PHE C 347 2.85 -16.62 4.19
CA PHE C 347 3.77 -17.46 4.95
C PHE C 347 3.19 -18.86 4.93
N ILE C 348 3.57 -19.62 3.90
CA ILE C 348 2.88 -20.84 3.51
C ILE C 348 3.86 -22.00 3.59
N SER C 349 3.45 -23.07 4.27
CA SER C 349 4.24 -24.29 4.41
C SER C 349 5.58 -24.02 5.10
N THR C 350 5.61 -23.04 6.01
CA THR C 350 6.77 -22.77 6.82
C THR C 350 6.67 -23.52 8.14
N ALA C 351 7.67 -23.32 9.01
CA ALA C 351 7.66 -23.89 10.35
C ALA C 351 7.16 -22.90 11.40
N GLY C 352 6.59 -21.78 10.97
CA GLY C 352 5.91 -20.86 11.88
C GLY C 352 6.59 -19.52 11.95
N ILE C 353 5.95 -18.63 12.73
CA ILE C 353 6.46 -17.29 13.01
C ILE C 353 6.80 -17.26 14.50
N GLU C 354 8.04 -16.90 14.80
CA GLU C 354 8.54 -16.88 16.17
C GLU C 354 8.88 -15.46 16.60
N PHE C 355 8.32 -15.04 17.73
CA PHE C 355 8.62 -13.74 18.30
C PHE C 355 9.78 -13.89 19.29
N LEU C 356 10.79 -13.04 19.14
CA LEU C 356 11.92 -13.00 20.05
C LEU C 356 11.80 -11.76 20.94
N ASP C 357 12.89 -11.42 21.62
CA ASP C 357 12.89 -10.22 22.46
C ASP C 357 12.69 -8.97 21.61
N ASN C 358 12.07 -7.96 22.23
CA ASN C 358 11.98 -6.62 21.65
C ASN C 358 11.15 -6.59 20.38
N ALA C 359 10.03 -7.34 20.36
CA ALA C 359 9.14 -7.39 19.22
C ALA C 359 7.71 -7.18 19.69
N TYR C 360 7.10 -6.06 19.30
CA TYR C 360 5.74 -5.78 19.74
C TYR C 360 5.07 -4.87 18.73
N ARG C 361 3.75 -4.81 18.82
CA ARG C 361 2.92 -3.96 17.96
C ARG C 361 3.25 -4.19 16.48
N ILE C 362 3.39 -5.47 16.12
CA ILE C 362 3.52 -5.87 14.73
C ILE C 362 2.14 -5.92 14.10
N LEU C 363 2.01 -5.40 12.88
CA LEU C 363 0.74 -5.38 12.17
C LEU C 363 0.83 -6.30 10.96
N PHE C 364 0.19 -7.45 11.04
CA PHE C 364 0.03 -8.36 9.90
C PHE C 364 -1.22 -7.92 9.16
N ASP C 365 -1.04 -7.19 8.06
CA ASP C 365 -2.12 -6.49 7.38
C ASP C 365 -2.50 -7.27 6.12
N LYS C 366 -3.52 -8.13 6.26
CA LYS C 366 -3.98 -9.03 5.21
C LYS C 366 -2.87 -9.98 4.77
N CYS C 367 -2.61 -11.01 5.57
CA CYS C 367 -1.57 -11.99 5.27
C CYS C 367 -2.15 -13.40 5.35
N ALA C 368 -1.46 -14.33 4.71
CA ALA C 368 -1.77 -15.74 4.82
C ALA C 368 -0.72 -16.40 5.71
N LEU C 369 -1.19 -17.18 6.68
CA LEU C 369 -0.34 -18.04 7.51
C LEU C 369 -1.01 -19.40 7.50
N SER C 370 -0.62 -20.25 6.55
CA SER C 370 -1.33 -21.49 6.29
C SER C 370 -0.35 -22.63 6.04
N ARG C 371 -0.84 -23.85 6.25
CA ARG C 371 -0.10 -25.08 5.95
C ARG C 371 1.21 -25.17 6.74
N SER C 372 1.24 -24.54 7.91
CA SER C 372 2.45 -24.53 8.73
C SER C 372 2.75 -25.92 9.29
N PHE C 373 4.03 -26.21 9.45
CA PHE C 373 4.49 -27.45 10.04
C PHE C 373 4.95 -27.21 11.46
N THR C 374 4.49 -28.06 12.39
CA THR C 374 4.97 -28.13 13.77
C THR C 374 4.53 -26.93 14.62
N ASN C 375 4.67 -25.71 14.10
CA ASN C 375 4.22 -24.53 14.81
C ASN C 375 3.66 -23.53 13.81
N SER C 376 2.68 -22.75 14.27
CA SER C 376 2.12 -21.64 13.48
C SER C 376 2.66 -20.29 13.96
N VAL C 377 2.44 -19.97 15.23
CA VAL C 377 3.00 -18.79 15.87
C VAL C 377 3.59 -19.20 17.20
N ILE C 378 4.82 -18.78 17.46
CA ILE C 378 5.51 -19.08 18.71
C ILE C 378 5.70 -17.77 19.46
N PHE C 379 5.02 -17.62 20.60
CA PHE C 379 5.23 -16.52 21.52
C PHE C 379 5.49 -17.15 22.89
N ASN C 380 6.73 -17.51 23.16
CA ASN C 380 7.11 -18.12 24.43
C ASN C 380 7.54 -17.05 25.44
N SER C 381 6.63 -16.12 25.68
CA SER C 381 6.78 -15.00 26.61
C SER C 381 8.18 -14.35 26.52
N PRO C 382 8.59 -13.88 25.35
CA PRO C 382 9.89 -13.21 25.24
C PRO C 382 9.88 -11.86 25.92
N ALA C 383 11.08 -11.41 26.31
CA ALA C 383 11.20 -10.18 27.07
C ALA C 383 10.96 -8.97 26.18
N ASN C 384 10.25 -7.97 26.73
CA ASN C 384 9.98 -6.71 26.05
C ASN C 384 9.24 -6.93 24.73
N SER C 385 8.26 -7.83 24.76
CA SER C 385 7.54 -8.23 23.56
C SER C 385 6.07 -8.50 23.90
N GLY C 386 5.22 -8.37 22.89
CA GLY C 386 3.85 -8.85 22.97
C GLY C 386 2.76 -7.79 22.94
N GLU C 387 3.10 -6.50 23.04
CA GLU C 387 2.08 -5.47 23.08
C GLU C 387 1.36 -5.38 21.73
N VAL C 388 0.03 -5.33 21.79
CA VAL C 388 -0.89 -5.17 20.65
C VAL C 388 -0.33 -5.77 19.36
N ILE C 389 -0.29 -7.09 19.27
CA ILE C 389 0.07 -7.76 18.02
C ILE C 389 -1.23 -8.10 17.29
N LYS C 390 -1.36 -7.55 16.09
CA LYS C 390 -2.65 -7.53 15.39
C LYS C 390 -2.56 -8.29 14.08
N PHE C 391 -3.49 -9.21 13.87
CA PHE C 391 -3.70 -9.87 12.59
C PHE C 391 -4.95 -9.27 11.97
N ASN C 392 -4.79 -8.52 10.89
CA ASN C 392 -5.91 -7.86 10.23
C ASN C 392 -6.24 -8.59 8.94
N HIS C 393 -7.46 -9.12 8.85
CA HIS C 393 -7.97 -9.78 7.64
C HIS C 393 -7.02 -10.87 7.17
N CYS C 394 -6.61 -11.73 8.10
CA CYS C 394 -5.64 -12.77 7.81
C CYS C 394 -6.31 -14.11 7.57
N TRP C 395 -5.72 -14.88 6.65
CA TRP C 395 -6.21 -16.18 6.23
C TRP C 395 -5.28 -17.23 6.83
N MET C 396 -5.77 -17.96 7.83
CA MET C 396 -4.96 -18.87 8.65
C MET C 396 -5.63 -20.23 8.68
N VAL C 397 -5.30 -21.09 7.72
CA VAL C 397 -6.00 -22.35 7.52
C VAL C 397 -5.02 -23.49 7.32
N ASP C 398 -5.50 -24.72 7.58
CA ASP C 398 -4.78 -25.94 7.26
C ASP C 398 -3.43 -26.04 7.93
N ASN C 399 -3.29 -25.44 9.12
CA ASN C 399 -2.01 -25.43 9.80
C ASN C 399 -1.78 -26.72 10.57
N GLY C 400 -0.51 -27.02 10.84
CA GLY C 400 -0.15 -28.25 11.53
C GLY C 400 0.65 -28.01 12.79
N GLY C 401 0.36 -26.89 13.46
CA GLY C 401 1.04 -26.53 14.68
C GLY C 401 0.29 -25.43 15.41
N PRO C 402 0.48 -25.33 16.72
CA PRO C 402 -0.33 -24.42 17.51
C PRO C 402 0.11 -22.96 17.42
N PHE C 403 -0.80 -22.09 17.83
CA PHE C 403 -0.51 -20.68 18.13
C PHE C 403 -0.26 -20.62 19.63
N THR C 404 1.01 -20.58 20.03
CA THR C 404 1.37 -20.60 21.44
C THR C 404 1.47 -19.17 21.94
N PHE C 405 0.47 -18.75 22.71
CA PHE C 405 0.42 -17.41 23.30
C PHE C 405 0.65 -17.54 24.81
N LYS C 406 1.91 -17.65 25.21
CA LYS C 406 2.29 -17.58 26.62
C LYS C 406 2.53 -16.10 26.93
N ASN C 407 1.55 -15.47 27.57
CA ASN C 407 1.49 -14.02 27.72
C ASN C 407 1.36 -13.35 26.35
N GLY C 408 1.41 -12.03 26.31
CA GLY C 408 1.21 -11.29 25.08
C GLY C 408 -0.23 -10.82 24.91
N GLN C 409 -0.41 -9.90 23.97
CA GLN C 409 -1.72 -9.33 23.66
C GLN C 409 -1.95 -9.42 22.16
N PHE C 410 -2.91 -10.24 21.75
CA PHE C 410 -3.11 -10.55 20.35
C PHE C 410 -4.51 -10.15 19.90
N ILE C 411 -4.59 -9.59 18.70
CA ILE C 411 -5.83 -9.09 18.12
C ILE C 411 -6.05 -9.78 16.78
N PHE C 412 -7.18 -10.47 16.64
CA PHE C 412 -7.64 -10.99 15.36
C PHE C 412 -8.82 -10.14 14.90
N ASP C 413 -8.70 -9.54 13.73
CA ASP C 413 -9.74 -8.66 13.19
C ASP C 413 -10.07 -9.10 11.76
N SER C 414 -11.29 -9.59 11.56
CA SER C 414 -11.77 -10.08 10.27
C SER C 414 -10.86 -11.19 9.72
N CYS C 415 -10.37 -12.03 10.63
CA CYS C 415 -9.61 -13.20 10.24
C CYS C 415 -10.53 -14.42 10.07
N SER C 416 -10.01 -15.43 9.39
CA SER C 416 -10.70 -16.72 9.25
C SER C 416 -9.75 -17.83 9.62
N LEU C 417 -10.25 -18.79 10.39
CA LEU C 417 -9.45 -19.91 10.88
C LEU C 417 -10.41 -20.93 11.51
N PRO C 418 -9.98 -22.20 11.66
CA PRO C 418 -8.74 -22.80 11.16
C PRO C 418 -8.97 -23.64 9.91
N ALA C 419 -10.23 -23.80 9.53
CA ALA C 419 -10.65 -24.64 8.40
C ALA C 419 -10.34 -26.12 8.67
N GLY C 420 -9.09 -26.44 8.90
CA GLY C 420 -8.69 -27.81 9.19
C GLY C 420 -7.25 -27.84 9.64
N LYS C 421 -6.77 -29.05 9.91
CA LYS C 421 -5.40 -29.27 10.35
C LYS C 421 -4.61 -30.02 9.29
N LYS C 422 -3.30 -29.84 9.32
CA LYS C 422 -2.42 -30.62 8.46
C LYS C 422 -2.46 -32.08 8.92
N SER C 423 -2.80 -32.98 7.99
CA SER C 423 -2.97 -34.38 8.33
C SER C 423 -1.67 -34.96 8.88
N GLY C 424 -1.77 -35.64 10.02
CA GLY C 424 -0.62 -36.27 10.64
C GLY C 424 0.20 -35.37 11.55
N TYR C 425 -0.21 -34.13 11.75
CA TYR C 425 0.52 -33.19 12.58
C TYR C 425 -0.35 -32.78 13.77
N PHE C 426 0.07 -31.74 14.47
CA PHE C 426 -0.60 -31.30 15.68
C PHE C 426 -1.73 -30.33 15.37
N ASP C 427 -2.67 -30.23 16.30
CA ASP C 427 -3.80 -29.34 16.14
C ASP C 427 -3.31 -27.89 16.07
N PRO C 428 -3.79 -27.10 15.11
CA PRO C 428 -3.49 -25.65 15.10
C PRO C 428 -4.32 -24.88 16.11
N VAL C 429 -4.21 -25.27 17.37
CA VAL C 429 -4.98 -24.65 18.44
C VAL C 429 -4.38 -23.29 18.78
N VAL C 430 -5.24 -22.33 19.07
CA VAL C 430 -4.82 -21.04 19.61
C VAL C 430 -4.78 -21.20 21.13
N ALA C 431 -3.58 -21.38 21.68
CA ALA C 431 -3.39 -21.78 23.06
C ALA C 431 -2.90 -20.60 23.89
N LEU C 432 -3.79 -20.06 24.73
CA LEU C 432 -3.45 -18.98 25.63
C LEU C 432 -3.04 -19.54 26.99
N SER C 433 -1.91 -19.07 27.52
CA SER C 433 -1.44 -19.50 28.83
C SER C 433 -0.78 -18.32 29.52
N ASP C 434 -0.57 -18.48 30.83
CA ASP C 434 -0.04 -17.44 31.72
C ASP C 434 -1.04 -16.29 31.71
N ASN C 435 -0.68 -15.09 31.28
CA ASN C 435 -1.57 -13.93 31.33
C ASN C 435 -1.75 -13.35 29.94
N ALA C 436 -1.98 -14.21 28.95
CA ALA C 436 -2.20 -13.74 27.60
C ALA C 436 -3.64 -13.31 27.41
N THR C 437 -3.84 -12.34 26.51
CA THR C 437 -5.17 -11.95 26.08
C THR C 437 -5.27 -12.13 24.58
N THR C 438 -6.48 -12.38 24.10
CA THR C 438 -6.73 -12.53 22.67
C THR C 438 -8.11 -11.99 22.35
N VAL C 439 -8.17 -11.10 21.35
CA VAL C 439 -9.42 -10.58 20.82
C VAL C 439 -9.63 -11.18 19.44
N PHE C 440 -10.83 -11.70 19.20
CA PHE C 440 -11.23 -12.20 17.88
C PHE C 440 -12.54 -11.52 17.51
N THR C 441 -12.47 -10.59 16.57
CA THR C 441 -13.62 -9.76 16.23
C THR C 441 -13.81 -9.71 14.72
N ASN C 442 -15.08 -9.56 14.31
CA ASN C 442 -15.46 -9.32 12.92
C ASN C 442 -15.00 -10.44 11.99
N GLY C 443 -14.85 -11.66 12.53
CA GLY C 443 -14.28 -12.73 11.75
C GLY C 443 -15.09 -14.01 11.69
N ASN C 444 -14.42 -15.11 11.37
CA ASN C 444 -15.07 -16.39 11.14
C ASN C 444 -14.23 -17.50 11.74
N ILE C 445 -14.84 -18.30 12.62
CA ILE C 445 -14.23 -19.52 13.15
C ILE C 445 -14.99 -20.69 12.53
N GLU C 446 -14.36 -21.35 11.57
CA GLU C 446 -15.05 -22.37 10.78
C GLU C 446 -14.17 -23.60 10.61
N TYR C 447 -14.80 -24.77 10.68
CA TYR C 447 -14.17 -26.05 10.40
C TYR C 447 -14.79 -26.66 9.15
N GLN C 448 -13.95 -27.26 8.31
CA GLN C 448 -14.45 -27.97 7.15
C GLN C 448 -15.08 -29.30 7.57
N PRO C 449 -15.93 -29.87 6.72
CA PRO C 449 -16.45 -31.21 7.01
C PRO C 449 -15.32 -32.21 7.20
N GLY C 450 -15.44 -33.05 8.23
CA GLY C 450 -14.43 -34.01 8.56
C GLY C 450 -13.37 -33.50 9.53
N GLN C 451 -13.37 -32.22 9.85
CA GLN C 451 -12.41 -31.63 10.77
C GLN C 451 -13.07 -31.40 12.12
N SER C 452 -12.42 -31.86 13.19
CA SER C 452 -12.98 -31.74 14.54
C SER C 452 -11.83 -31.72 15.53
N PHE C 453 -11.57 -30.56 16.11
CA PHE C 453 -10.56 -30.41 17.16
C PHE C 453 -10.80 -29.09 17.87
N VAL C 454 -10.20 -28.95 19.05
CA VAL C 454 -10.33 -27.73 19.83
C VAL C 454 -9.53 -26.61 19.17
N GLY C 455 -10.18 -25.46 18.98
CA GLY C 455 -9.54 -24.35 18.29
C GLY C 455 -8.91 -23.33 19.22
N PHE C 456 -9.46 -23.17 20.42
CA PHE C 456 -8.97 -22.22 21.40
C PHE C 456 -8.90 -22.90 22.76
N THR C 457 -7.78 -22.72 23.46
CA THR C 457 -7.66 -23.13 24.85
C THR C 457 -7.18 -21.93 25.68
N VAL C 458 -7.79 -21.75 26.85
CA VAL C 458 -7.47 -20.65 27.74
C VAL C 458 -7.03 -21.25 29.07
N ASP C 459 -5.79 -20.95 29.47
CA ASP C 459 -5.19 -21.50 30.68
C ASP C 459 -4.63 -20.38 31.54
N GLY C 460 -4.34 -20.72 32.80
CA GLY C 460 -3.79 -19.75 33.73
C GLY C 460 -4.75 -18.60 33.95
N SER C 461 -4.21 -17.38 33.89
CA SER C 461 -5.03 -16.18 33.99
C SER C 461 -5.13 -15.49 32.65
N SER C 462 -5.41 -16.27 31.60
CA SER C 462 -5.59 -15.73 30.26
C SER C 462 -7.06 -15.40 30.01
N ARG C 463 -7.30 -14.60 28.98
CA ARG C 463 -8.64 -14.11 28.68
C ARG C 463 -8.85 -14.08 27.18
N LEU C 464 -10.01 -14.57 26.73
CA LEU C 464 -10.38 -14.61 25.33
C LEU C 464 -11.71 -13.87 25.14
N SER C 465 -11.76 -13.00 24.13
CA SER C 465 -12.95 -12.22 23.83
C SER C 465 -13.26 -12.38 22.35
N ILE C 466 -14.47 -12.85 22.04
CA ILE C 466 -14.91 -13.07 20.67
C ILE C 466 -16.14 -12.18 20.44
N SER C 467 -16.12 -11.42 19.35
CA SER C 467 -17.15 -10.43 19.09
CA SER C 467 -17.16 -10.43 19.09
C SER C 467 -17.49 -10.36 17.61
N ASP C 468 -18.78 -10.14 17.32
CA ASP C 468 -19.28 -9.89 15.97
C ASP C 468 -18.72 -10.87 14.95
N SER C 469 -18.68 -12.16 15.32
CA SER C 469 -18.09 -13.18 14.49
C SER C 469 -19.06 -14.34 14.33
N THR C 470 -18.76 -15.21 13.37
CA THR C 470 -19.49 -16.45 13.15
C THR C 470 -18.64 -17.63 13.58
N ILE C 471 -19.28 -18.64 14.16
CA ILE C 471 -18.64 -19.90 14.50
C ILE C 471 -19.39 -21.00 13.76
N LEU C 472 -18.75 -21.60 12.77
CA LEU C 472 -19.38 -22.56 11.87
C LEU C 472 -18.77 -23.94 12.10
N LEU C 473 -19.60 -24.89 12.50
CA LEU C 473 -19.16 -26.25 12.77
C LEU C 473 -19.85 -27.22 11.82
N PRO C 474 -19.13 -28.14 11.20
CA PRO C 474 -19.77 -29.13 10.32
C PRO C 474 -20.62 -30.10 11.12
N ASN C 475 -21.39 -30.92 10.38
CA ASN C 475 -22.35 -31.80 11.01
C ASN C 475 -21.67 -32.86 11.89
N ASP C 476 -20.49 -33.31 11.51
CA ASP C 476 -19.81 -34.38 12.23
C ASP C 476 -18.85 -33.87 13.31
N TYR C 477 -18.84 -32.57 13.57
CA TYR C 477 -18.00 -32.01 14.63
C TYR C 477 -18.43 -32.56 15.99
N SER C 478 -17.48 -33.14 16.72
CA SER C 478 -17.82 -33.90 17.93
C SER C 478 -17.08 -33.44 19.18
N THR C 479 -16.32 -32.33 19.12
CA THR C 479 -15.71 -31.78 20.32
C THR C 479 -16.22 -30.37 20.56
N VAL C 480 -15.43 -29.52 21.21
CA VAL C 480 -15.82 -28.12 21.41
C VAL C 480 -14.77 -27.21 20.78
N PRO C 481 -15.17 -26.05 20.25
CA PRO C 481 -14.18 -25.13 19.67
C PRO C 481 -13.37 -24.37 20.71
N ILE C 482 -13.88 -24.20 21.93
CA ILE C 482 -13.21 -23.41 22.96
C ILE C 482 -13.19 -24.22 24.25
N VAL C 483 -12.04 -24.23 24.93
CA VAL C 483 -11.90 -24.86 26.23
C VAL C 483 -11.33 -23.83 27.20
N ASN C 484 -11.98 -23.65 28.33
CA ASN C 484 -11.63 -22.62 29.31
C ASN C 484 -11.22 -23.29 30.61
N ASN C 485 -9.95 -23.17 30.96
CA ASN C 485 -9.38 -23.83 32.15
C ASN C 485 -8.87 -22.78 33.14
N GLY C 486 -8.56 -23.25 34.34
CA GLY C 486 -7.87 -22.44 35.33
C GLY C 486 -8.66 -21.19 35.71
N ASP C 487 -7.97 -20.05 35.69
CA ASP C 487 -8.58 -18.75 35.91
C ASP C 487 -8.96 -18.07 34.60
N GLY C 488 -9.17 -18.84 33.55
CA GLY C 488 -9.42 -18.26 32.24
C GLY C 488 -10.79 -17.64 32.13
N VAL C 489 -10.90 -16.65 31.26
CA VAL C 489 -12.14 -15.95 30.97
C VAL C 489 -12.44 -16.08 29.48
N VAL C 490 -13.69 -16.39 29.15
CA VAL C 490 -14.16 -16.40 27.77
C VAL C 490 -15.42 -15.56 27.69
N SER C 491 -15.45 -14.63 26.73
CA SER C 491 -16.56 -13.71 26.56
C SER C 491 -17.00 -13.72 25.10
N LEU C 492 -18.29 -13.97 24.88
CA LEU C 492 -18.88 -13.97 23.54
C LEU C 492 -19.82 -12.79 23.41
N ASN C 493 -19.75 -12.09 22.28
CA ASN C 493 -20.49 -10.84 22.09
C ASN C 493 -21.06 -10.79 20.67
N ASN C 494 -22.39 -10.90 20.57
CA ASN C 494 -23.10 -10.75 19.29
C ASN C 494 -22.55 -11.69 18.22
N CYS C 495 -22.42 -12.96 18.59
CA CYS C 495 -21.82 -13.97 17.71
C CYS C 495 -22.89 -14.92 17.19
N SER C 496 -22.71 -15.34 15.94
CA SER C 496 -23.54 -16.37 15.34
C SER C 496 -23.02 -17.74 15.76
N LEU C 497 -23.86 -18.51 16.45
CA LEU C 497 -23.39 -19.73 17.08
C LEU C 497 -24.16 -20.95 16.56
N PRO C 498 -23.50 -22.12 16.51
CA PRO C 498 -24.16 -23.36 16.05
C PRO C 498 -24.88 -24.10 17.17
N LEU C 499 -26.04 -23.58 17.55
CA LEU C 499 -26.77 -24.07 18.72
C LEU C 499 -27.92 -24.99 18.36
N TYR C 500 -28.15 -25.22 17.06
CA TYR C 500 -29.20 -26.12 16.60
C TYR C 500 -28.70 -27.03 15.50
N GLY C 501 -29.02 -28.33 15.62
CA GLY C 501 -28.90 -29.26 14.54
C GLY C 501 -28.10 -30.52 14.88
N SER C 502 -27.19 -30.42 15.82
CA SER C 502 -26.21 -31.47 16.08
C SER C 502 -26.54 -32.21 17.37
N THR C 503 -26.33 -33.52 17.34
CA THR C 503 -26.39 -34.36 18.53
C THR C 503 -25.03 -34.93 18.91
N THR C 504 -23.95 -34.47 18.26
CA THR C 504 -22.61 -34.98 18.53
C THR C 504 -21.63 -33.93 19.02
N ILE C 505 -21.99 -32.64 18.99
CA ILE C 505 -21.13 -31.61 19.55
C ILE C 505 -20.84 -31.91 21.01
N ALA C 506 -19.58 -31.69 21.42
CA ALA C 506 -19.17 -31.80 22.80
C ALA C 506 -19.37 -33.23 23.33
N THR C 507 -19.06 -34.21 22.50
CA THR C 507 -19.11 -35.59 22.95
C THR C 507 -18.12 -35.81 24.08
N GLY C 508 -18.60 -36.34 25.21
CA GLY C 508 -17.76 -36.59 26.36
C GLY C 508 -17.58 -35.42 27.29
N PHE C 509 -18.24 -34.28 27.04
CA PHE C 509 -18.18 -33.16 27.94
C PHE C 509 -19.38 -33.20 28.89
N ALA C 510 -19.43 -32.26 29.82
CA ALA C 510 -20.48 -32.27 30.84
C ALA C 510 -21.86 -32.18 30.20
N THR C 511 -22.02 -31.32 29.21
CA THR C 511 -23.26 -31.15 28.47
C THR C 511 -22.92 -30.98 27.00
N ARG C 512 -23.94 -30.89 26.15
CA ARG C 512 -23.73 -30.46 24.77
C ARG C 512 -23.54 -28.95 24.82
N GLN C 513 -22.28 -28.52 24.87
CA GLN C 513 -21.93 -27.13 25.13
C GLN C 513 -20.87 -26.68 24.14
N LEU C 514 -20.84 -25.37 23.89
CA LEU C 514 -19.86 -24.83 22.94
C LEU C 514 -18.51 -24.57 23.59
N ILE C 515 -18.47 -24.32 24.90
CA ILE C 515 -17.24 -24.02 25.61
C ILE C 515 -17.00 -25.11 26.63
N GLY C 516 -15.86 -25.79 26.50
CA GLY C 516 -15.46 -26.81 27.45
C GLY C 516 -14.62 -26.23 28.57
N GLY C 517 -14.04 -27.13 29.35
CA GLY C 517 -13.24 -26.74 30.49
C GLY C 517 -14.09 -26.46 31.72
N LEU C 518 -13.41 -26.29 32.86
CA LEU C 518 -14.06 -26.18 34.15
C LEU C 518 -14.10 -24.75 34.68
N SER C 519 -13.46 -23.80 34.00
CA SER C 519 -13.51 -22.41 34.44
C SER C 519 -14.91 -21.85 34.27
N LYS C 520 -15.48 -21.34 35.36
CA LYS C 520 -16.86 -20.82 35.34
C LYS C 520 -16.95 -19.38 34.87
N LYS C 521 -15.84 -18.77 34.47
CA LYS C 521 -15.85 -17.37 34.04
C LYS C 521 -16.22 -17.31 32.57
N ILE C 522 -17.52 -17.38 32.31
CA ILE C 522 -18.07 -17.43 30.96
C ILE C 522 -19.12 -16.33 30.83
N MET C 523 -19.00 -15.53 29.78
CA MET C 523 -19.96 -14.46 29.51
C MET C 523 -20.39 -14.51 28.05
N SER C 524 -21.68 -14.25 27.81
CA SER C 524 -22.22 -14.24 26.46
C SER C 524 -23.41 -13.29 26.42
N ARG C 525 -23.37 -12.32 25.50
CA ARG C 525 -24.47 -11.41 25.31
C ARG C 525 -24.66 -11.15 23.82
N GLY C 526 -25.90 -11.25 23.35
CA GLY C 526 -26.22 -11.00 21.97
C GLY C 526 -26.00 -12.15 21.02
N CYS C 527 -25.59 -13.31 21.52
CA CYS C 527 -25.41 -14.46 20.67
C CYS C 527 -26.76 -15.10 20.33
N TYR C 528 -26.77 -15.87 19.25
CA TYR C 528 -28.02 -16.37 18.68
C TYR C 528 -27.71 -17.61 17.87
N PRO C 529 -28.70 -18.48 17.67
CA PRO C 529 -28.51 -19.61 16.74
C PRO C 529 -28.37 -19.08 15.32
N ARG C 530 -27.44 -19.69 14.57
CA ARG C 530 -27.05 -19.18 13.27
C ARG C 530 -28.26 -18.84 12.40
N ALA C 531 -29.12 -19.81 12.14
CA ALA C 531 -30.26 -19.64 11.25
C ALA C 531 -31.57 -19.99 11.95
N GLY C 532 -31.66 -19.74 13.24
CA GLY C 532 -32.87 -20.01 13.99
C GLY C 532 -32.82 -21.33 14.73
N PHE C 533 -33.98 -21.73 15.22
CA PHE C 533 -34.10 -22.89 16.10
C PHE C 533 -35.52 -23.44 15.97
N ILE C 534 -35.63 -24.73 15.65
CA ILE C 534 -36.92 -25.40 15.60
C ILE C 534 -37.30 -25.76 17.03
N THR C 535 -38.23 -25.02 17.62
CA THR C 535 -38.50 -25.11 19.05
C THR C 535 -39.15 -26.43 19.47
N SER C 536 -39.49 -27.32 18.54
CA SER C 536 -40.07 -28.61 18.89
C SER C 536 -39.02 -29.71 18.93
N ASN C 537 -37.76 -29.39 18.66
CA ASN C 537 -36.68 -30.37 18.56
C ASN C 537 -35.59 -30.02 19.56
N TRP C 538 -35.92 -30.09 20.86
CA TRP C 538 -34.92 -29.84 21.88
C TRP C 538 -33.81 -30.88 21.85
N ASN C 539 -34.05 -32.03 21.21
CA ASN C 539 -33.02 -33.06 21.09
C ASN C 539 -31.86 -32.62 20.21
N LEU C 540 -32.05 -31.58 19.40
CA LEU C 540 -31.01 -31.08 18.51
C LEU C 540 -30.39 -29.77 19.02
N GLY C 541 -30.60 -29.45 20.29
CA GLY C 541 -30.14 -28.19 20.84
C GLY C 541 -28.78 -28.28 21.53
N CYS C 542 -28.06 -27.18 21.49
CA CYS C 542 -26.76 -27.03 22.12
C CYS C 542 -26.75 -25.72 22.90
N ILE C 543 -26.13 -25.74 24.08
CA ILE C 543 -26.04 -24.55 24.90
C ILE C 543 -24.64 -23.93 24.73
N VAL C 544 -24.50 -22.69 25.18
CA VAL C 544 -23.20 -22.03 25.14
C VAL C 544 -22.27 -22.61 26.20
N SER C 545 -22.75 -22.68 27.44
CA SER C 545 -21.93 -23.14 28.56
C SER C 545 -22.82 -23.56 29.70
N PRO C 546 -22.48 -24.62 30.44
CA PRO C 546 -23.29 -25.00 31.60
C PRO C 546 -23.10 -24.07 32.79
N TYR C 547 -22.14 -23.15 32.73
CA TYR C 547 -21.89 -22.23 33.83
C TYR C 547 -22.66 -20.92 33.70
N ILE C 548 -23.23 -20.64 32.53
CA ILE C 548 -24.23 -19.58 32.41
C ILE C 548 -25.55 -20.15 32.91
N ASN C 549 -25.70 -20.21 34.24
CA ASN C 549 -26.83 -20.91 34.84
C ASN C 549 -27.27 -20.17 36.09
N SER C 550 -28.50 -19.65 36.07
CA SER C 550 -29.11 -19.06 37.25
C SER C 550 -30.07 -20.01 37.95
N VAL C 551 -30.31 -21.20 37.39
CA VAL C 551 -30.94 -22.27 38.14
C VAL C 551 -30.05 -22.63 39.32
N SER C 552 -30.68 -22.94 40.45
CA SER C 552 -29.97 -23.43 41.63
C SER C 552 -30.51 -24.80 42.00
N ASN C 553 -29.60 -25.65 42.49
CA ASN C 553 -29.93 -27.04 42.80
C ASN C 553 -30.57 -27.72 41.59
N GLY C 554 -30.03 -27.44 40.41
CA GLY C 554 -30.55 -27.96 39.17
C GLY C 554 -30.24 -29.41 38.87
N SER C 555 -29.44 -30.06 39.73
CA SER C 555 -29.09 -31.46 39.56
C SER C 555 -29.25 -32.25 40.86
N GLY C 556 -29.99 -31.69 41.83
CA GLY C 556 -30.16 -32.37 43.10
C GLY C 556 -28.93 -32.40 43.98
N GLN C 557 -27.93 -31.56 43.70
CA GLN C 557 -26.69 -31.58 44.45
C GLN C 557 -26.90 -31.19 45.92
N PHE C 558 -27.99 -30.52 46.24
CA PHE C 558 -28.29 -30.21 47.64
C PHE C 558 -28.77 -31.41 48.42
N GLU C 559 -29.00 -32.55 47.76
CA GLU C 559 -29.61 -33.73 48.36
C GLU C 559 -31.02 -33.44 48.89
N ASN C 560 -31.68 -32.45 48.29
CA ASN C 560 -33.08 -32.15 48.55
C ASN C 560 -33.64 -31.49 47.30
N ILE C 561 -34.89 -31.01 47.38
CA ILE C 561 -35.52 -30.41 46.21
C ILE C 561 -35.73 -28.92 46.44
N SER C 562 -34.88 -28.31 47.26
CA SER C 562 -34.93 -26.86 47.44
C SER C 562 -34.77 -26.16 46.11
N ASN C 563 -35.56 -25.10 45.91
CA ASN C 563 -35.74 -24.31 44.69
C ASN C 563 -36.71 -25.01 43.73
N TRP C 564 -37.21 -26.20 44.05
CA TRP C 564 -38.21 -26.88 43.25
C TRP C 564 -39.47 -27.11 44.07
N THR C 565 -40.61 -27.17 43.37
CA THR C 565 -41.87 -27.57 43.97
C THR C 565 -42.46 -28.71 43.14
N LEU C 566 -43.06 -29.67 43.83
CA LEU C 566 -43.73 -30.79 43.19
C LEU C 566 -45.22 -30.70 43.53
N SER C 567 -46.04 -30.42 42.53
CA SER C 567 -47.47 -30.22 42.70
C SER C 567 -48.21 -31.41 42.11
N GLN C 568 -48.87 -32.19 42.95
CA GLN C 568 -49.63 -33.35 42.49
C GLN C 568 -50.87 -32.91 41.74
N THR C 569 -51.20 -33.66 40.67
CA THR C 569 -52.39 -33.37 39.87
C THR C 569 -53.27 -34.58 39.59
N GLY C 570 -52.83 -35.79 39.96
CA GLY C 570 -53.60 -36.99 39.74
C GLY C 570 -54.17 -37.57 41.01
N THR C 571 -54.54 -38.86 40.95
CA THR C 571 -55.13 -39.54 42.09
C THR C 571 -54.06 -40.11 43.03
N ASP C 572 -52.99 -40.67 42.49
N ASP C 572 -52.99 -40.67 42.49
CA ASP C 572 -51.87 -41.16 43.28
CA ASP C 572 -51.88 -41.16 43.30
C ASP C 572 -50.76 -40.12 43.31
C ASP C 572 -50.77 -40.12 43.33
N VAL C 573 -49.75 -40.39 44.14
CA VAL C 573 -48.69 -39.44 44.42
C VAL C 573 -47.45 -39.79 43.60
N VAL C 574 -46.97 -38.81 42.84
CA VAL C 574 -45.65 -38.87 42.23
C VAL C 574 -44.60 -38.57 43.30
N THR C 575 -43.55 -39.36 43.34
CA THR C 575 -42.47 -39.16 44.30
C THR C 575 -41.24 -38.58 43.59
N VAL C 576 -40.42 -37.89 44.37
CA VAL C 576 -39.17 -37.31 43.89
C VAL C 576 -38.07 -37.61 44.89
N THR C 577 -36.89 -37.92 44.37
CA THR C 577 -35.72 -38.16 45.21
C THR C 577 -34.49 -37.69 44.45
N THR C 578 -33.36 -37.66 45.16
CA THR C 578 -32.06 -37.37 44.55
C THR C 578 -31.22 -38.63 44.61
N GLY C 579 -30.71 -39.06 43.46
CA GLY C 579 -29.93 -40.27 43.36
C GLY C 579 -28.60 -40.01 42.67
N ASN C 580 -27.85 -41.10 42.46
CA ASN C 580 -26.51 -41.04 41.89
C ASN C 580 -26.47 -41.53 40.44
N ASP C 581 -27.63 -41.63 39.78
CA ASP C 581 -27.71 -42.07 38.40
C ASP C 581 -27.51 -40.84 37.51
N VAL C 582 -26.32 -40.74 36.92
CA VAL C 582 -25.95 -39.55 36.14
C VAL C 582 -25.39 -39.99 34.81
N PRO C 583 -25.45 -39.13 33.78
CA PRO C 583 -24.77 -39.45 32.52
C PRO C 583 -23.26 -39.36 32.66
N ASN C 584 -22.77 -38.42 33.47
CA ASN C 584 -21.36 -38.28 33.79
C ASN C 584 -21.27 -37.44 35.06
N ASP C 585 -20.12 -37.52 35.72
CA ASP C 585 -19.91 -36.78 36.97
C ASP C 585 -18.92 -35.63 36.78
N LEU C 586 -18.85 -35.08 35.57
CA LEU C 586 -17.92 -33.98 35.30
C LEU C 586 -18.29 -32.72 36.06
N MET C 587 -19.57 -32.53 36.36
CA MET C 587 -20.02 -31.39 37.16
C MET C 587 -20.80 -31.80 38.41
N PHE C 588 -21.71 -32.76 38.30
CA PHE C 588 -22.50 -33.20 39.43
C PHE C 588 -22.55 -34.73 39.46
N SER C 589 -22.65 -35.27 40.67
CA SER C 589 -22.79 -36.70 40.88
C SER C 589 -24.22 -37.10 41.25
N THR C 590 -25.17 -36.18 41.12
CA THR C 590 -26.54 -36.42 41.53
C THR C 590 -27.50 -36.11 40.40
N SER C 591 -28.73 -36.62 40.54
CA SER C 591 -29.81 -36.31 39.62
C SER C 591 -31.12 -36.36 40.40
N PHE C 592 -32.12 -35.63 39.90
CA PHE C 592 -33.48 -35.81 40.38
C PHE C 592 -34.08 -37.04 39.72
N VAL C 593 -34.91 -37.77 40.45
CA VAL C 593 -35.63 -38.91 39.92
C VAL C 593 -37.09 -38.75 40.31
N LEU C 594 -37.94 -38.48 39.31
CA LEU C 594 -39.39 -38.45 39.49
C LEU C 594 -39.94 -39.84 39.18
N SER C 595 -40.81 -40.35 40.04
CA SER C 595 -41.36 -41.70 39.90
C SER C 595 -42.86 -41.65 39.78
N VAL C 596 -43.40 -42.32 38.77
CA VAL C 596 -44.85 -42.42 38.55
C VAL C 596 -45.27 -43.84 38.89
N PRO C 597 -45.83 -44.08 40.08
CA PRO C 597 -46.10 -45.46 40.51
C PRO C 597 -47.32 -46.09 39.86
N THR C 598 -48.32 -45.28 39.50
CA THR C 598 -49.54 -45.78 38.88
C THR C 598 -49.88 -44.92 37.67
N VAL C 599 -50.82 -45.42 36.85
CA VAL C 599 -51.28 -44.66 35.70
C VAL C 599 -52.06 -43.43 36.13
N GLY C 600 -52.51 -43.38 37.39
CA GLY C 600 -53.24 -42.23 37.89
C GLY C 600 -52.40 -41.15 38.53
N ALA C 601 -51.10 -41.39 38.69
CA ALA C 601 -50.22 -40.41 39.28
C ALA C 601 -49.76 -39.38 38.25
N ALA C 602 -49.72 -38.12 38.64
CA ALA C 602 -49.31 -37.04 37.77
C ALA C 602 -48.89 -35.85 38.62
N ALA C 603 -47.87 -35.13 38.18
CA ALA C 603 -47.37 -34.00 38.97
C ALA C 603 -46.56 -33.06 38.09
N ASN C 604 -46.37 -31.85 38.61
CA ASN C 604 -45.55 -30.82 37.99
C ASN C 604 -44.32 -30.56 38.86
N PHE C 605 -43.14 -30.64 38.24
CA PHE C 605 -41.87 -30.39 38.92
C PHE C 605 -41.33 -29.06 38.38
N THR C 606 -41.27 -28.05 39.23
CA THR C 606 -41.16 -26.67 38.77
C THR C 606 -40.09 -25.89 39.53
N GLN C 607 -39.31 -25.11 38.80
CA GLN C 607 -38.46 -24.06 39.37
C GLN C 607 -38.60 -22.81 38.51
N THR C 608 -38.67 -21.66 39.16
CA THR C 608 -38.70 -20.38 38.47
C THR C 608 -37.41 -19.63 38.71
N ILE C 609 -36.98 -18.87 37.70
CA ILE C 609 -35.70 -18.17 37.72
C ILE C 609 -35.95 -16.71 37.35
N ILE C 610 -35.67 -15.81 38.29
CA ILE C 610 -35.81 -14.37 38.05
C ILE C 610 -34.57 -13.88 37.31
N ASP C 611 -34.58 -14.02 35.99
CA ASP C 611 -33.43 -13.68 35.15
C ASP C 611 -33.89 -13.55 33.70
N CYS C 612 -34.51 -12.42 33.37
CA CYS C 612 -35.14 -12.25 32.07
C CYS C 612 -34.85 -10.86 31.52
N GLU C 613 -34.45 -10.80 30.26
CA GLU C 613 -34.23 -9.54 29.55
C GLU C 613 -34.94 -9.66 28.21
N PRO C 614 -36.11 -9.05 28.06
CA PRO C 614 -36.89 -9.20 26.82
C PRO C 614 -36.08 -8.80 25.59
N GLY C 615 -36.22 -9.57 24.52
CA GLY C 615 -35.49 -9.36 23.31
C GLY C 615 -34.14 -10.04 23.24
N ARG C 616 -33.67 -10.61 24.35
CA ARG C 616 -32.40 -11.33 24.40
C ARG C 616 -32.65 -12.83 24.36
N TYR C 617 -31.72 -13.55 23.74
CA TYR C 617 -31.82 -15.01 23.70
C TYR C 617 -31.48 -15.61 25.05
N PHE C 618 -32.16 -16.71 25.37
CA PHE C 618 -31.84 -17.51 26.55
C PHE C 618 -31.42 -18.90 26.10
N GLN C 619 -30.72 -19.60 26.99
CA GLN C 619 -30.42 -21.01 26.82
C GLN C 619 -31.12 -21.80 27.90
N LEU C 620 -31.68 -22.94 27.52
CA LEU C 620 -32.28 -23.89 28.46
C LEU C 620 -31.78 -25.28 28.09
N GLY C 621 -31.32 -26.02 29.09
CA GLY C 621 -30.76 -27.34 28.83
C GLY C 621 -30.86 -28.25 30.04
N PHE C 622 -30.80 -29.55 29.77
CA PHE C 622 -30.85 -30.58 30.81
C PHE C 622 -30.60 -31.94 30.18
N TRP C 623 -30.03 -32.85 30.98
CA TRP C 623 -29.99 -34.27 30.67
C TRP C 623 -31.27 -34.93 31.19
N ALA C 624 -31.72 -35.96 30.48
CA ALA C 624 -32.92 -36.67 30.89
C ALA C 624 -32.87 -38.11 30.41
N LYS C 625 -33.38 -39.02 31.24
CA LYS C 625 -33.62 -40.42 30.89
C LYS C 625 -35.03 -40.75 31.34
N ASN C 626 -35.94 -40.92 30.38
CA ASN C 626 -37.37 -40.92 30.64
C ASN C 626 -37.99 -42.26 30.29
N THR C 627 -38.75 -42.83 31.24
CA THR C 627 -39.57 -44.01 30.98
C THR C 627 -41.05 -43.78 31.27
N THR C 628 -41.45 -42.56 31.64
CA THR C 628 -42.84 -42.20 31.76
C THR C 628 -43.18 -41.22 30.63
N THR C 629 -44.29 -40.51 30.78
CA THR C 629 -44.69 -39.46 29.84
C THR C 629 -44.36 -38.12 30.47
N THR C 630 -43.28 -37.48 29.99
CA THR C 630 -42.80 -36.23 30.55
C THR C 630 -42.92 -35.14 29.50
N LEU C 631 -43.61 -34.06 29.86
CA LEU C 631 -43.69 -32.85 29.02
C LEU C 631 -42.86 -31.77 29.71
N ALA C 632 -41.69 -31.47 29.16
CA ALA C 632 -40.89 -30.35 29.62
C ALA C 632 -41.33 -29.08 28.91
N SER C 633 -41.38 -27.98 29.65
CA SER C 633 -41.83 -26.72 29.06
C SER C 633 -41.16 -25.56 29.77
N ILE C 634 -41.14 -24.42 29.09
CA ILE C 634 -40.73 -23.15 29.67
C ILE C 634 -41.77 -22.10 29.29
N ARG C 635 -42.14 -21.28 30.25
CA ARG C 635 -42.97 -20.10 30.01
C ARG C 635 -42.41 -18.97 30.86
N PHE C 636 -42.87 -17.75 30.57
CA PHE C 636 -42.36 -16.57 31.23
C PHE C 636 -43.51 -15.82 31.92
N LEU C 637 -43.29 -15.46 33.17
CA LEU C 637 -44.31 -14.81 33.99
C LEU C 637 -43.87 -13.39 34.33
N ASP C 638 -44.85 -12.52 34.54
CA ASP C 638 -44.58 -11.17 34.99
C ASP C 638 -44.49 -11.15 36.51
N GLN C 639 -44.37 -9.96 37.10
CA GLN C 639 -44.21 -9.87 38.54
C GLN C 639 -45.46 -10.29 39.30
N GLN C 640 -46.61 -10.36 38.64
CA GLN C 640 -47.85 -10.79 39.25
C GLN C 640 -48.17 -12.27 38.99
N GLY C 641 -47.30 -12.97 38.26
CA GLY C 641 -47.52 -14.37 37.98
C GLY C 641 -48.30 -14.67 36.71
N ASN C 642 -48.65 -13.64 35.93
CA ASN C 642 -49.32 -13.86 34.65
C ASN C 642 -48.32 -14.33 33.61
N ALA C 643 -48.72 -15.32 32.81
CA ALA C 643 -47.93 -15.69 31.64
C ALA C 643 -47.99 -14.57 30.61
N VAL C 644 -46.84 -14.18 30.08
CA VAL C 644 -46.78 -13.10 29.09
C VAL C 644 -46.72 -13.61 27.66
N ALA C 645 -46.59 -14.91 27.45
CA ALA C 645 -46.61 -15.48 26.11
C ALA C 645 -46.92 -16.97 26.23
N ASP C 646 -47.22 -17.58 25.09
CA ASP C 646 -47.46 -19.02 25.05
C ASP C 646 -46.22 -19.77 25.51
N SER C 647 -46.43 -20.85 26.26
CA SER C 647 -45.33 -21.68 26.69
C SER C 647 -44.76 -22.47 25.51
N ILE C 648 -43.54 -22.98 25.69
CA ILE C 648 -42.88 -23.80 24.69
C ILE C 648 -42.63 -25.16 25.32
N GLY C 649 -43.26 -26.19 24.78
CA GLY C 649 -43.19 -27.52 25.36
C GLY C 649 -42.47 -28.54 24.50
N TYR C 650 -42.04 -29.63 25.11
CA TYR C 650 -41.31 -30.68 24.40
C TYR C 650 -41.53 -32.00 25.13
N ASN C 651 -42.06 -32.99 24.42
CA ASN C 651 -42.23 -34.32 24.99
C ASN C 651 -40.89 -35.06 24.93
N ILE C 652 -40.40 -35.48 26.09
CA ILE C 652 -39.09 -36.12 26.18
C ILE C 652 -39.23 -37.56 25.69
N PRO C 653 -38.40 -38.00 24.74
CA PRO C 653 -38.50 -39.37 24.23
C PRO C 653 -38.25 -40.39 25.34
N VAL C 654 -38.92 -41.54 25.20
CA VAL C 654 -38.78 -42.62 26.16
C VAL C 654 -37.55 -43.46 25.80
N GLY C 655 -36.88 -43.98 26.83
CA GLY C 655 -35.72 -44.81 26.61
C GLY C 655 -34.96 -45.03 27.89
N ASN C 656 -33.92 -45.85 27.79
CA ASN C 656 -33.11 -46.25 28.94
C ASN C 656 -31.70 -45.66 28.90
N THR C 657 -31.52 -44.57 28.17
CA THR C 657 -30.23 -43.89 28.10
C THR C 657 -30.41 -42.40 28.38
N PHE C 658 -29.37 -41.80 28.94
CA PHE C 658 -29.36 -40.35 29.12
C PHE C 658 -29.13 -39.66 27.78
N ASN C 659 -29.86 -38.57 27.56
CA ASN C 659 -29.64 -37.72 26.40
C ASN C 659 -29.76 -36.27 26.84
N PHE C 660 -29.07 -35.39 26.13
CA PHE C 660 -29.09 -33.97 26.44
C PHE C 660 -30.09 -33.24 25.53
N TYR C 661 -30.86 -32.34 26.13
CA TYR C 661 -31.86 -31.57 25.43
C TYR C 661 -31.64 -30.10 25.73
N ALA C 662 -31.88 -29.25 24.73
CA ALA C 662 -31.65 -27.83 24.90
C ALA C 662 -32.57 -27.02 23.98
N LEU C 663 -32.98 -25.86 24.47
CA LEU C 663 -33.76 -24.91 23.71
C LEU C 663 -33.10 -23.54 23.78
N VAL C 664 -32.95 -22.89 22.63
CA VAL C 664 -32.43 -21.52 22.55
C VAL C 664 -33.48 -20.68 21.84
N ASP C 665 -34.00 -19.68 22.53
CA ASP C 665 -35.05 -18.82 22.00
C ASP C 665 -34.95 -17.46 22.67
N CYS C 666 -35.87 -16.56 22.32
CA CYS C 666 -35.82 -15.18 22.73
C CYS C 666 -36.77 -14.91 23.90
N VAL C 667 -36.31 -14.12 24.85
CA VAL C 667 -37.14 -13.75 26.01
C VAL C 667 -38.26 -12.82 25.55
N PRO C 668 -39.52 -13.10 25.87
CA PRO C 668 -40.62 -12.27 25.37
C PRO C 668 -40.77 -11.00 26.19
N PRO C 669 -41.42 -9.98 25.63
CA PRO C 669 -41.70 -8.76 26.40
C PRO C 669 -42.52 -9.06 27.64
N GLY C 670 -42.26 -8.28 28.69
CA GLY C 670 -42.97 -8.41 29.95
C GLY C 670 -42.47 -9.52 30.86
N ALA C 671 -41.46 -10.28 30.44
CA ALA C 671 -40.99 -11.41 31.23
C ALA C 671 -40.23 -10.94 32.46
N TYR C 672 -40.61 -11.47 33.62
CA TYR C 672 -39.91 -11.22 34.88
C TYR C 672 -39.19 -12.45 35.40
N ARG C 673 -39.84 -13.61 35.37
CA ARG C 673 -39.22 -14.86 35.78
C ARG C 673 -39.54 -15.94 34.75
N ALA C 674 -38.56 -16.79 34.47
CA ALA C 674 -38.76 -17.97 33.64
C ALA C 674 -39.20 -19.12 34.52
N GLU C 675 -40.10 -19.96 33.98
CA GLU C 675 -40.62 -21.12 34.71
C GLU C 675 -40.29 -22.39 33.94
N ILE C 676 -39.44 -23.22 34.53
CA ILE C 676 -39.12 -24.54 33.99
C ILE C 676 -40.02 -25.55 34.66
N ASN C 677 -40.74 -26.34 33.86
CA ASN C 677 -41.67 -27.32 34.39
C ASN C 677 -41.49 -28.67 33.71
N PHE C 678 -41.55 -29.72 34.52
CA PHE C 678 -41.61 -31.10 34.05
C PHE C 678 -42.91 -31.71 34.54
N ASN C 679 -43.78 -32.09 33.61
CA ASN C 679 -45.05 -32.74 33.92
C ASN C 679 -44.93 -34.22 33.61
N VAL C 680 -45.03 -35.05 34.64
CA VAL C 680 -44.96 -36.50 34.49
C VAL C 680 -46.34 -37.08 34.75
N SER C 681 -46.71 -38.10 33.96
CA SER C 681 -48.06 -38.66 34.06
C SER C 681 -48.14 -39.92 33.21
N SER C 682 -49.31 -40.58 33.31
CA SER C 682 -49.81 -41.54 32.34
C SER C 682 -49.15 -42.92 32.41
N ILE C 683 -47.84 -43.00 32.23
CA ILE C 683 -47.15 -44.27 32.08
C ILE C 683 -46.38 -44.56 33.37
N VAL C 684 -46.57 -45.77 33.91
CA VAL C 684 -45.82 -46.19 35.09
C VAL C 684 -44.34 -46.27 34.74
N GLY C 685 -43.53 -45.54 35.48
CA GLY C 685 -42.10 -45.43 35.21
C GLY C 685 -41.54 -44.23 35.94
N GLY C 686 -40.56 -43.60 35.31
CA GLY C 686 -39.95 -42.43 35.91
C GLY C 686 -39.05 -41.72 34.94
N ILE C 687 -38.43 -40.64 35.44
CA ILE C 687 -37.48 -39.85 34.65
C ILE C 687 -36.39 -39.34 35.58
N ALA C 688 -35.14 -39.51 35.16
CA ALA C 688 -33.99 -38.94 35.83
C ALA C 688 -33.62 -37.63 35.14
N ILE C 689 -33.50 -36.56 35.92
CA ILE C 689 -33.23 -35.22 35.41
C ILE C 689 -31.91 -34.75 36.00
N HIS C 690 -30.99 -34.32 35.14
CA HIS C 690 -29.61 -34.03 35.53
C HIS C 690 -29.16 -32.71 34.95
N ASN C 691 -28.64 -31.83 35.81
CA ASN C 691 -27.97 -30.59 35.40
C ASN C 691 -28.90 -29.68 34.58
N VAL C 692 -29.96 -29.21 35.25
CA VAL C 692 -30.88 -28.26 34.62
C VAL C 692 -30.20 -26.91 34.53
N ILE C 693 -30.30 -26.26 33.37
CA ILE C 693 -29.55 -25.05 33.06
C ILE C 693 -30.47 -24.03 32.42
N TYR C 694 -30.41 -22.79 32.90
CA TYR C 694 -31.08 -21.67 32.24
C TYR C 694 -30.27 -20.41 32.45
N GLY C 695 -30.13 -19.62 31.39
CA GLY C 695 -29.42 -18.35 31.47
C GLY C 695 -29.51 -17.61 30.16
N LEU C 696 -29.10 -16.34 30.20
CA LEU C 696 -29.16 -15.48 29.03
C LEU C 696 -27.81 -15.49 28.31
N ILE C 697 -27.86 -15.42 26.98
CA ILE C 697 -26.64 -15.51 26.17
C ILE C 697 -26.53 -14.33 25.20
#